data_5THB
#
_entry.id   5THB
#
_cell.length_a   63.826
_cell.length_b   241.286
_cell.length_c   70.063
_cell.angle_alpha   90.00
_cell.angle_beta   111.43
_cell.angle_gamma   90.00
#
_symmetry.space_group_name_H-M   'P 1 21 1'
#
loop_
_entity.id
_entity.type
_entity.pdbx_description
1 polymer 'Hemagglutinin HA1 chain'
2 polymer 'Hemagglutinin HA2 chain'
3 branched alpha-D-mannopyranose-(1-6)-beta-D-mannopyranose-(1-4)-2-acetamido-2-deoxy-beta-D-glucopyranose-(1-4)-2-acetamido-2-deoxy-beta-D-glucopyranose
4 branched 2-acetamido-2-deoxy-beta-D-glucopyranose-(1-4)-2-acetamido-2-deoxy-beta-D-glucopyranose
5 non-polymer 2-acetamido-2-deoxy-beta-D-glucopyranose
6 water water
#
loop_
_entity_poly.entity_id
_entity_poly.type
_entity_poly.pdbx_seq_one_letter_code
_entity_poly.pdbx_strand_id
1 'polypeptide(L)'
;ADPGDKICLGHHAVANGTIVKTLTNEQEEVTNATETVESTGINRLCMKGRKHKDLGNCHPIGMLIGTPACDLHLTGMWDT
LIERENAIAYCYPGATVNVEALRQKIMESGGINKISTGFTYGSSINSAGTTRACMRNGGNSFYAELKWLVSKSKGQNFPQ
TTNTYRNTDTAEHLIMWGIHHPSSTQEKNTLYGTQSLSISVGSSTYRNNFVPVVGARPQVNGLSSRIDFHWTLVQPGDNI
TFSHNGGLIAPSRVSKLIGRGLGIQSDAPIDNNCESKCFWRGGSINTRLPFQNLSPRTVGQCPKYVNRRSLMLATGMRNV
PEL
;
A,C,E
2 'polypeptide(L)'
;LFGAIAGFLENGWEGMVDGWYGFRHQNAQGTGQAADYKSTQAAIDQITGKLNRLVEKTNTEFESIESEFSEIEHQIGNVI
NWTKDSITDIWTYQAELLVAMENQHTIDMADSEMLNLYERVRKQLRQNAEEDGKGCFEIYHACDDSCMESIRNNTYDHSQ
YREEALLNRLNINSGRLVPR
;
B,D,F
#
loop_
_chem_comp.id
_chem_comp.type
_chem_comp.name
_chem_comp.formula
BMA D-saccharide, beta linking beta-D-mannopyranose 'C6 H12 O6'
MAN D-saccharide, alpha linking alpha-D-mannopyranose 'C6 H12 O6'
NAG D-saccharide, beta linking 2-acetamido-2-deoxy-beta-D-glucopyranose 'C8 H15 N O6'
#
# COMPACT_ATOMS: atom_id res chain seq x y z
N ASP A 5 -6.65 53.69 36.09
CA ASP A 5 -6.28 52.33 36.50
C ASP A 5 -6.75 51.26 35.50
N LYS A 6 -5.78 50.66 34.80
CA LYS A 6 -5.98 49.68 33.73
C LYS A 6 -5.34 48.35 34.07
N ILE A 7 -5.87 47.24 33.55
CA ILE A 7 -5.10 46.00 33.49
C ILE A 7 -5.32 45.31 32.13
N CYS A 8 -4.22 45.03 31.45
CA CYS A 8 -4.24 44.58 30.05
C CYS A 8 -3.80 43.12 29.90
N LEU A 9 -4.53 42.36 29.08
CA LEU A 9 -4.13 40.99 28.75
C LEU A 9 -3.45 40.90 27.40
N GLY A 10 -2.44 40.05 27.29
CA GLY A 10 -1.73 39.87 26.04
C GLY A 10 -0.94 38.57 26.00
N HIS A 11 -0.41 38.27 24.81
CA HIS A 11 0.49 37.15 24.59
C HIS A 11 1.89 37.59 24.26
N HIS A 12 2.80 36.63 24.20
CA HIS A 12 4.17 36.95 23.77
C HIS A 12 4.27 36.94 22.26
N ALA A 13 5.44 37.36 21.80
CA ALA A 13 5.78 37.36 20.39
C ALA A 13 7.30 37.24 20.35
N VAL A 14 7.83 36.95 19.17
CA VAL A 14 9.27 36.89 18.97
C VAL A 14 9.56 37.79 17.80
N ALA A 15 10.78 38.33 17.75
CA ALA A 15 11.13 39.28 16.70
C ALA A 15 11.09 38.62 15.31
N ASN A 16 11.73 37.46 15.20
CA ASN A 16 11.74 36.71 13.96
C ASN A 16 11.02 35.37 14.17
N GLY A 17 10.12 35.05 13.24
CA GLY A 17 9.21 33.94 13.39
C GLY A 17 9.36 32.89 12.29
N THR A 18 8.76 31.73 12.52
CA THR A 18 8.84 30.64 11.55
C THR A 18 7.54 30.51 10.77
N ILE A 19 7.66 30.09 9.51
CA ILE A 19 6.50 29.89 8.67
C ILE A 19 6.18 28.42 8.62
N VAL A 20 4.89 28.11 8.74
CA VAL A 20 4.35 26.74 8.65
C VAL A 20 3.11 26.73 7.76
N LYS A 21 2.68 25.53 7.38
CA LYS A 21 1.48 25.31 6.58
C LYS A 21 0.32 24.93 7.46
N THR A 22 -0.88 25.43 7.16
CA THR A 22 -2.09 24.97 7.83
C THR A 22 -3.04 24.51 6.77
N LEU A 23 -4.25 24.11 7.17
CA LEU A 23 -5.27 23.73 6.19
C LEU A 23 -5.71 24.91 5.34
N THR A 24 -5.68 26.11 5.91
CA THR A 24 -6.27 27.26 5.21
C THR A 24 -5.23 28.29 4.85
N ASN A 25 -3.96 28.01 5.12
CA ASN A 25 -2.91 28.94 4.78
C ASN A 25 -1.55 28.28 4.57
N GLU A 26 -0.94 28.57 3.45
CA GLU A 26 0.35 28.00 3.07
C GLU A 26 1.52 28.75 3.74
N GLN A 27 1.26 29.97 4.21
CA GLN A 27 2.32 30.82 4.75
C GLN A 27 1.95 31.36 6.13
N GLU A 28 1.63 30.51 7.09
CA GLU A 28 1.31 30.98 8.43
C GLU A 28 2.55 31.19 9.30
N GLU A 29 2.72 32.38 9.87
CA GLU A 29 3.86 32.60 10.76
C GLU A 29 3.53 32.29 12.22
N VAL A 30 4.38 31.52 12.88
CA VAL A 30 4.18 31.15 14.27
C VAL A 30 5.42 31.49 15.05
N THR A 31 5.38 31.34 16.37
CA THR A 31 6.49 31.71 17.22
C THR A 31 7.62 30.68 17.06
N ASN A 32 7.21 29.45 16.80
CA ASN A 32 8.15 28.37 16.67
C ASN A 32 7.67 27.11 15.95
N ALA A 33 8.61 26.27 15.53
CA ALA A 33 8.30 25.02 14.88
C ALA A 33 9.51 24.07 14.76
N THR A 34 9.28 22.75 14.77
CA THR A 34 10.29 21.74 14.39
C THR A 34 9.97 20.92 13.17
N GLU A 35 11.04 20.31 12.65
CA GLU A 35 10.98 19.42 11.51
C GLU A 35 10.31 18.11 11.88
N THR A 36 9.68 17.51 10.88
CA THR A 36 9.09 16.18 11.02
C THR A 36 9.69 15.24 9.99
N VAL A 37 10.45 15.79 9.03
CA VAL A 37 11.12 14.95 8.07
C VAL A 37 12.63 14.93 8.33
N GLU A 38 13.19 13.74 8.54
CA GLU A 38 14.63 13.57 8.76
C GLU A 38 15.39 13.71 7.45
N SER A 39 16.44 14.51 7.46
CA SER A 39 17.18 14.76 6.23
C SER A 39 18.63 14.34 6.30
N THR A 40 19.09 14.02 7.51
CA THR A 40 20.49 13.72 7.70
C THR A 40 20.60 12.26 8.13
N GLY A 41 21.59 11.58 7.59
CA GLY A 41 21.81 10.18 7.93
C GLY A 41 23.26 10.01 8.34
N ILE A 42 23.56 8.91 9.04
CA ILE A 42 24.93 8.54 9.33
C ILE A 42 25.60 7.88 8.14
N ASN A 43 26.85 8.22 7.89
CA ASN A 43 27.55 7.72 6.72
C ASN A 43 28.34 6.47 7.09
N ARG A 44 27.77 5.71 8.02
CA ARG A 44 28.40 4.54 8.60
C ARG A 44 27.32 3.47 8.74
N LEU A 45 27.69 2.20 8.66
CA LEU A 45 26.78 1.13 9.08
C LEU A 45 26.94 0.95 10.59
N CYS A 46 25.97 1.43 11.36
CA CYS A 46 26.08 1.43 12.81
C CYS A 46 25.73 0.07 13.41
N MET A 47 26.77 -0.74 13.67
CA MET A 47 26.61 -2.15 13.99
C MET A 47 26.77 -2.51 15.48
N LYS A 48 26.88 -1.51 16.36
CA LYS A 48 27.07 -1.81 17.78
C LYS A 48 25.83 -2.47 18.34
N GLY A 49 26.03 -3.58 19.07
CA GLY A 49 24.92 -4.36 19.59
C GLY A 49 24.46 -5.43 18.61
N ARG A 50 25.16 -5.53 17.49
CA ARG A 50 24.84 -6.53 16.47
C ARG A 50 26.01 -7.43 16.24
N LYS A 51 25.73 -8.73 16.22
CA LYS A 51 26.66 -9.72 15.69
C LYS A 51 26.57 -9.60 14.18
N HIS A 52 27.39 -8.73 13.61
CA HIS A 52 27.31 -8.48 12.18
C HIS A 52 28.41 -9.21 11.43
N LYS A 53 28.16 -9.54 10.18
CA LYS A 53 29.23 -10.01 9.32
C LYS A 53 29.36 -9.13 8.11
N ASP A 54 30.53 -8.50 7.93
CA ASP A 54 30.85 -7.76 6.70
C ASP A 54 31.52 -8.69 5.68
N LEU A 55 30.85 -8.92 4.57
CA LEU A 55 31.27 -9.94 3.59
C LEU A 55 32.45 -9.51 2.73
N GLY A 56 32.77 -8.23 2.75
CA GLY A 56 33.78 -7.69 1.84
C GLY A 56 33.46 -8.05 0.39
N ASN A 57 34.45 -8.51 -0.36
CA ASN A 57 34.22 -8.87 -1.75
C ASN A 57 33.66 -10.30 -1.91
N CYS A 58 33.12 -10.88 -0.85
CA CYS A 58 32.50 -12.20 -0.95
C CYS A 58 30.98 -12.08 -1.20
N HIS A 59 30.51 -12.65 -2.30
CA HIS A 59 29.08 -12.61 -2.57
C HIS A 59 28.40 -13.73 -1.82
N PRO A 60 27.20 -13.49 -1.29
CA PRO A 60 26.49 -14.54 -0.57
C PRO A 60 26.47 -15.92 -1.27
N ILE A 61 26.26 -15.97 -2.58
CA ILE A 61 26.25 -17.26 -3.27
C ILE A 61 27.60 -17.94 -3.06
N GLY A 62 28.67 -17.17 -3.10
CA GLY A 62 30.01 -17.72 -2.93
C GLY A 62 30.24 -18.37 -1.59
N MET A 63 29.49 -17.96 -0.56
CA MET A 63 29.62 -18.63 0.75
C MET A 63 29.17 -20.09 0.65
N LEU A 64 28.16 -20.36 -0.18
CA LEU A 64 27.64 -21.72 -0.29
C LEU A 64 28.53 -22.62 -1.13
N ILE A 65 29.17 -22.08 -2.16
CA ILE A 65 29.89 -22.97 -3.07
C ILE A 65 31.38 -22.94 -2.76
N GLY A 66 31.82 -21.87 -2.11
CA GLY A 66 33.17 -21.76 -1.58
C GLY A 66 34.15 -21.18 -2.58
N THR A 67 33.77 -20.07 -3.19
CA THR A 67 34.68 -19.30 -4.04
C THR A 67 35.83 -18.77 -3.15
N PRO A 68 37.07 -18.75 -3.64
CA PRO A 68 38.21 -18.29 -2.80
C PRO A 68 37.96 -17.00 -2.02
N ALA A 69 37.30 -16.04 -2.67
CA ALA A 69 36.99 -14.77 -2.02
C ALA A 69 36.20 -14.95 -0.72
N CYS A 70 35.53 -16.10 -0.62
CA CYS A 70 34.66 -16.36 0.50
C CYS A 70 35.27 -17.34 1.51
N ASP A 71 36.56 -17.69 1.37
CA ASP A 71 37.21 -18.57 2.34
C ASP A 71 37.04 -18.17 3.84
N LEU A 72 36.90 -16.88 4.13
CA LEU A 72 36.70 -16.42 5.51
C LEU A 72 35.20 -16.38 5.88
N HIS A 73 34.32 -16.82 4.98
CA HIS A 73 32.87 -16.73 5.22
C HIS A 73 32.14 -18.02 4.83
N LEU A 74 32.80 -19.16 5.01
CA LEU A 74 32.21 -20.46 4.69
C LEU A 74 31.19 -20.92 5.78
N THR A 75 31.48 -20.61 7.05
CA THR A 75 30.58 -20.86 8.16
C THR A 75 30.59 -19.68 9.11
N GLY A 76 29.56 -19.55 9.96
CA GLY A 76 29.50 -18.52 10.96
C GLY A 76 28.12 -18.25 11.55
N MET A 77 28.03 -17.32 12.50
CA MET A 77 26.77 -16.88 13.10
C MET A 77 26.65 -15.35 13.04
N TRP A 78 25.46 -14.83 12.79
CA TRP A 78 25.32 -13.39 12.71
C TRP A 78 23.86 -13.00 12.85
N ASP A 79 23.58 -11.76 13.22
CA ASP A 79 22.19 -11.30 13.12
C ASP A 79 22.02 -10.23 12.06
N THR A 80 23.12 -9.82 11.43
CA THR A 80 23.10 -8.83 10.37
C THR A 80 24.14 -9.26 9.36
N LEU A 81 23.75 -9.36 8.10
CA LEU A 81 24.68 -9.77 7.06
C LEU A 81 24.83 -8.68 6.00
N ILE A 82 26.05 -8.17 5.84
CA ILE A 82 26.33 -7.08 4.89
C ILE A 82 26.99 -7.52 3.56
N GLU A 83 26.29 -7.23 2.46
CA GLU A 83 26.79 -7.53 1.13
C GLU A 83 27.34 -6.24 0.51
N ARG A 84 28.40 -6.35 -0.28
CA ARG A 84 29.09 -5.20 -0.85
C ARG A 84 29.00 -5.15 -2.38
N GLU A 85 29.16 -3.95 -2.95
CA GLU A 85 29.08 -3.80 -4.39
C GLU A 85 30.08 -4.69 -5.19
N ASN A 86 31.33 -4.78 -4.79
CA ASN A 86 32.25 -5.52 -5.65
C ASN A 86 32.21 -7.08 -5.51
N ALA A 87 31.13 -7.62 -4.94
CA ALA A 87 31.14 -9.00 -4.42
C ALA A 87 31.28 -10.10 -5.49
N ILE A 88 32.20 -11.04 -5.28
CA ILE A 88 32.46 -12.11 -6.25
C ILE A 88 31.74 -13.40 -5.86
N ALA A 89 30.97 -14.00 -6.78
CA ALA A 89 30.36 -15.30 -6.51
C ALA A 89 31.08 -16.45 -7.23
N TYR A 90 31.57 -16.18 -8.43
CA TYR A 90 32.13 -17.24 -9.29
C TYR A 90 33.58 -16.96 -9.61
N CYS A 91 34.43 -17.95 -9.44
CA CYS A 91 35.78 -17.89 -9.96
C CYS A 91 35.76 -18.65 -11.28
N TYR A 92 35.35 -19.92 -11.25
CA TYR A 92 35.02 -20.62 -12.48
C TYR A 92 33.68 -20.04 -12.97
N PRO A 93 33.68 -19.45 -14.17
CA PRO A 93 32.52 -18.65 -14.61
C PRO A 93 31.27 -19.52 -14.78
N GLY A 94 30.11 -18.93 -14.55
CA GLY A 94 28.85 -19.63 -14.72
C GLY A 94 27.68 -18.84 -14.17
N ALA A 95 26.66 -19.55 -13.74
CA ALA A 95 25.46 -18.90 -13.33
C ALA A 95 24.63 -19.86 -12.51
N THR A 96 23.74 -19.31 -11.66
CA THR A 96 22.92 -20.09 -10.77
C THR A 96 21.42 -19.86 -11.06
N VAL A 97 20.64 -20.93 -11.07
CA VAL A 97 19.21 -20.87 -11.26
C VAL A 97 18.52 -20.30 -10.02
N ASN A 98 17.54 -19.44 -10.24
CA ASN A 98 16.87 -18.72 -9.17
C ASN A 98 17.87 -18.08 -8.24
N VAL A 99 18.81 -17.33 -8.79
CA VAL A 99 19.85 -16.81 -7.95
C VAL A 99 19.33 -15.74 -6.94
N GLU A 100 18.38 -14.90 -7.33
CA GLU A 100 17.96 -13.84 -6.43
C GLU A 100 17.20 -14.43 -5.23
N ALA A 101 16.46 -15.51 -5.47
CA ALA A 101 15.78 -16.22 -4.40
C ALA A 101 16.79 -16.86 -3.44
N LEU A 102 17.87 -17.40 -3.99
CA LEU A 102 18.91 -18.02 -3.17
C LEU A 102 19.63 -16.95 -2.36
N ARG A 103 19.98 -15.83 -3.00
CA ARG A 103 20.60 -14.71 -2.28
C ARG A 103 19.73 -14.22 -1.12
N GLN A 104 18.43 -14.04 -1.36
CA GLN A 104 17.53 -13.53 -0.30
C GLN A 104 17.43 -14.53 0.90
N LYS A 105 17.42 -15.83 0.63
CA LYS A 105 17.41 -16.82 1.69
C LYS A 105 18.67 -16.71 2.56
N ILE A 106 19.83 -16.54 1.91
CA ILE A 106 21.10 -16.39 2.61
C ILE A 106 21.14 -15.10 3.43
N MET A 107 20.59 -14.03 2.86
CA MET A 107 20.62 -12.70 3.47
C MET A 107 19.57 -12.53 4.57
N GLU A 108 18.66 -13.50 4.71
CA GLU A 108 17.70 -13.50 5.83
C GLU A 108 18.14 -14.45 6.96
N SER A 109 19.22 -15.19 6.70
CA SER A 109 19.68 -16.19 7.67
C SER A 109 20.42 -15.56 8.84
N GLY A 110 20.63 -16.35 9.88
CA GLY A 110 21.43 -15.94 11.02
C GLY A 110 22.71 -16.78 11.12
N GLY A 111 23.09 -17.43 10.01
CA GLY A 111 24.33 -18.15 9.99
C GLY A 111 24.32 -19.33 9.06
N ILE A 112 25.46 -20.00 8.94
CA ILE A 112 25.62 -21.15 8.08
C ILE A 112 26.48 -22.20 8.77
N ASN A 113 26.01 -23.44 8.81
CA ASN A 113 26.87 -24.57 9.19
C ASN A 113 27.09 -25.36 7.92
N LYS A 114 28.23 -26.02 7.84
CA LYS A 114 28.53 -26.88 6.72
C LYS A 114 28.65 -28.33 7.17
N ILE A 115 28.13 -29.25 6.35
CA ILE A 115 28.10 -30.68 6.65
C ILE A 115 28.57 -31.47 5.45
N SER A 116 29.51 -32.40 5.67
CA SER A 116 29.99 -33.26 4.59
C SER A 116 28.88 -34.03 3.93
N THR A 117 29.04 -34.27 2.64
CA THR A 117 28.17 -35.17 1.91
C THR A 117 28.66 -36.60 2.11
N GLY A 118 29.97 -36.73 2.35
CA GLY A 118 30.64 -38.01 2.47
C GLY A 118 30.83 -38.72 1.14
N PHE A 119 30.59 -38.05 0.01
CA PHE A 119 30.76 -38.71 -1.28
C PHE A 119 32.19 -39.21 -1.47
N THR A 120 32.32 -40.40 -2.05
CA THR A 120 33.61 -41.02 -2.31
C THR A 120 33.56 -41.57 -3.72
N TYR A 121 34.72 -41.60 -4.39
CA TYR A 121 34.71 -42.01 -5.78
C TYR A 121 35.74 -43.10 -6.06
N GLY A 122 35.33 -44.05 -6.90
CA GLY A 122 36.19 -45.11 -7.40
C GLY A 122 37.42 -44.60 -8.13
N SER A 123 38.36 -45.50 -8.34
CA SER A 123 39.70 -45.09 -8.77
C SER A 123 39.81 -44.58 -10.19
N SER A 124 38.86 -44.91 -11.06
CA SER A 124 38.87 -44.32 -12.41
C SER A 124 38.41 -42.85 -12.41
N ILE A 125 38.11 -42.31 -11.23
CA ILE A 125 37.73 -40.89 -11.16
C ILE A 125 38.77 -40.04 -10.45
N ASN A 126 39.19 -38.96 -11.10
CA ASN A 126 39.93 -37.88 -10.45
C ASN A 126 38.93 -36.84 -9.91
N SER A 127 38.88 -36.73 -8.59
CA SER A 127 37.86 -35.91 -7.94
C SER A 127 38.45 -34.58 -7.52
N ALA A 128 39.61 -34.28 -8.08
CA ALA A 128 40.37 -33.11 -7.65
C ALA A 128 40.74 -32.20 -8.81
N GLY A 129 39.81 -31.95 -9.72
CA GLY A 129 40.05 -30.96 -10.76
C GLY A 129 40.34 -29.61 -10.15
N THR A 130 41.32 -28.93 -10.71
CA THR A 130 41.66 -27.56 -10.29
C THR A 130 41.83 -26.71 -11.54
N THR A 131 41.81 -25.41 -11.35
CA THR A 131 41.94 -24.48 -12.48
C THR A 131 42.64 -23.17 -12.07
N ARG A 132 43.26 -22.53 -13.06
CA ARG A 132 43.93 -21.24 -12.91
C ARG A 132 42.94 -20.17 -12.50
N ALA A 133 41.68 -20.37 -12.89
CA ALA A 133 40.64 -19.38 -12.63
C ALA A 133 40.23 -19.29 -11.14
N CYS A 134 40.66 -20.27 -10.34
CA CYS A 134 40.33 -20.33 -8.91
C CYS A 134 41.61 -20.46 -8.09
N MET A 135 42.42 -19.42 -8.02
CA MET A 135 43.63 -19.45 -7.20
C MET A 135 43.31 -19.42 -5.72
N ARG A 136 43.93 -20.30 -4.93
CA ARG A 136 43.61 -20.25 -3.51
C ARG A 136 44.79 -19.86 -2.61
N ASN A 137 45.89 -20.59 -2.68
CA ASN A 137 47.10 -20.18 -1.94
C ASN A 137 48.26 -20.04 -2.93
N GLY A 138 48.10 -19.17 -3.92
CA GLY A 138 49.06 -19.01 -4.99
C GLY A 138 49.10 -20.23 -5.90
N GLY A 139 48.18 -21.17 -5.68
CA GLY A 139 48.13 -22.35 -6.53
C GLY A 139 46.76 -22.58 -7.15
N ASN A 140 46.73 -23.34 -8.22
CA ASN A 140 45.46 -23.69 -8.84
C ASN A 140 44.58 -24.44 -7.84
N SER A 141 43.30 -24.12 -7.86
CA SER A 141 42.37 -24.69 -6.89
C SER A 141 40.97 -24.75 -7.49
N PHE A 142 39.93 -24.80 -6.66
CA PHE A 142 38.56 -24.91 -7.16
C PHE A 142 37.64 -24.57 -6.00
N TYR A 143 36.35 -24.40 -6.28
CA TYR A 143 35.36 -24.15 -5.26
C TYR A 143 35.52 -25.06 -4.07
N ALA A 144 35.62 -24.47 -2.88
CA ALA A 144 35.92 -25.23 -1.67
C ALA A 144 34.90 -26.34 -1.36
N GLU A 145 33.63 -26.11 -1.68
CA GLU A 145 32.57 -27.04 -1.27
C GLU A 145 32.11 -27.97 -2.39
N LEU A 146 32.75 -27.88 -3.54
CA LEU A 146 32.39 -28.72 -4.67
C LEU A 146 33.60 -29.49 -5.17
N LYS A 147 33.37 -30.59 -5.86
CA LYS A 147 34.47 -31.31 -6.46
C LYS A 147 34.27 -31.46 -7.96
N TRP A 148 35.29 -31.07 -8.71
CA TRP A 148 35.26 -31.23 -10.14
C TRP A 148 35.68 -32.65 -10.48
N LEU A 149 34.75 -33.47 -10.92
CA LEU A 149 35.04 -34.88 -11.20
C LEU A 149 35.38 -35.06 -12.68
N VAL A 150 36.58 -35.56 -12.99
CA VAL A 150 36.93 -35.90 -14.37
C VAL A 150 37.52 -37.32 -14.44
N SER A 151 37.71 -37.85 -15.64
CA SER A 151 38.28 -39.19 -15.77
C SER A 151 39.74 -39.14 -15.35
N LYS A 152 40.17 -40.07 -14.51
CA LYS A 152 41.57 -40.19 -14.15
C LYS A 152 42.47 -40.55 -15.35
N SER A 153 41.93 -41.28 -16.32
CA SER A 153 42.62 -41.45 -17.60
C SER A 153 42.05 -40.51 -18.68
N LYS A 154 42.90 -39.65 -19.20
CA LYS A 154 42.48 -38.49 -19.95
C LYS A 154 41.45 -38.67 -21.07
N GLY A 155 41.45 -39.71 -21.87
CA GLY A 155 40.36 -39.66 -22.83
C GLY A 155 39.20 -40.60 -22.58
N GLN A 156 39.25 -41.36 -21.49
CA GLN A 156 38.27 -42.41 -21.28
C GLN A 156 36.92 -42.04 -20.67
N ASN A 157 35.93 -42.85 -20.98
CA ASN A 157 34.59 -42.61 -20.54
C ASN A 157 34.54 -42.60 -19.03
N PHE A 158 34.03 -41.50 -18.47
CA PHE A 158 33.75 -41.36 -17.05
C PHE A 158 32.76 -42.43 -16.71
N PRO A 159 32.96 -43.13 -15.59
CA PRO A 159 32.11 -44.26 -15.20
C PRO A 159 30.72 -43.85 -14.67
N GLN A 160 29.73 -44.73 -14.85
CA GLN A 160 28.41 -44.51 -14.32
C GLN A 160 28.53 -44.52 -12.81
N THR A 161 28.11 -43.44 -12.16
CA THR A 161 28.29 -43.25 -10.73
C THR A 161 26.99 -42.81 -10.02
N THR A 162 26.84 -43.23 -8.77
CA THR A 162 25.71 -42.87 -7.93
C THR A 162 26.21 -42.44 -6.55
N ASN A 163 25.73 -41.27 -6.10
CA ASN A 163 26.08 -40.75 -4.80
C ASN A 163 24.81 -40.26 -4.12
N THR A 164 24.66 -40.63 -2.85
CA THR A 164 23.47 -40.33 -2.10
C THR A 164 23.83 -39.61 -0.82
N TYR A 165 23.15 -38.51 -0.53
CA TYR A 165 23.36 -37.75 0.69
C TYR A 165 22.13 -37.88 1.53
N ARG A 166 22.32 -38.25 2.80
CA ARG A 166 21.19 -38.42 3.69
C ARG A 166 21.18 -37.33 4.76
N ASN A 167 20.13 -36.52 4.75
CA ASN A 167 19.95 -35.54 5.80
C ASN A 167 19.42 -36.21 7.09
N THR A 168 20.33 -36.45 8.03
CA THR A 168 20.00 -37.17 9.28
C THR A 168 19.82 -36.18 10.44
N ASP A 169 19.53 -34.94 10.07
CA ASP A 169 19.46 -33.81 10.99
C ASP A 169 17.99 -33.48 11.11
N THR A 170 17.63 -32.54 11.97
CA THR A 170 16.23 -32.22 12.22
C THR A 170 15.79 -30.99 11.46
N ALA A 171 16.72 -30.32 10.81
CA ALA A 171 16.39 -29.18 9.98
C ALA A 171 16.77 -29.42 8.52
N GLU A 172 16.05 -28.76 7.61
CA GLU A 172 16.38 -28.84 6.18
C GLU A 172 17.81 -28.39 5.85
N HIS A 173 18.39 -28.99 4.82
CA HIS A 173 19.75 -28.64 4.38
C HIS A 173 19.76 -28.10 2.95
N LEU A 174 20.66 -27.19 2.66
CA LEU A 174 20.67 -26.63 1.32
C LEU A 174 21.86 -27.25 0.58
N ILE A 175 21.59 -27.98 -0.49
CA ILE A 175 22.66 -28.60 -1.26
C ILE A 175 22.77 -27.97 -2.67
N MET A 176 24.00 -27.66 -3.07
CA MET A 176 24.29 -27.13 -4.40
C MET A 176 25.14 -28.08 -5.25
N TRP A 177 25.00 -27.99 -6.57
CA TRP A 177 25.87 -28.73 -7.46
C TRP A 177 26.00 -28.01 -8.79
N GLY A 178 26.88 -28.51 -9.65
CA GLY A 178 27.12 -27.85 -10.90
C GLY A 178 27.04 -28.83 -12.05
N ILE A 179 26.80 -28.26 -13.22
CA ILE A 179 26.81 -28.97 -14.47
C ILE A 179 27.82 -28.27 -15.33
N HIS A 180 28.88 -28.98 -15.71
CA HIS A 180 29.92 -28.44 -16.55
C HIS A 180 29.48 -28.35 -18.02
N HIS A 181 29.72 -27.19 -18.65
CA HIS A 181 29.51 -27.09 -20.08
C HIS A 181 30.82 -26.73 -20.79
N PRO A 182 31.53 -27.75 -21.32
CA PRO A 182 32.78 -27.55 -22.06
C PRO A 182 32.65 -26.56 -23.19
N SER A 183 33.79 -26.02 -23.63
CA SER A 183 33.77 -25.05 -24.70
C SER A 183 34.23 -25.67 -26.01
N SER A 184 34.53 -26.96 -26.01
CA SER A 184 34.87 -27.64 -27.27
C SER A 184 34.64 -29.13 -27.16
N THR A 185 34.55 -29.79 -28.31
CA THR A 185 34.33 -31.24 -28.37
C THR A 185 35.53 -31.97 -27.80
N GLN A 186 36.71 -31.45 -28.11
CA GLN A 186 37.94 -32.02 -27.61
C GLN A 186 38.03 -31.94 -26.09
N GLU A 187 37.68 -30.79 -25.53
CA GLU A 187 37.68 -30.63 -24.08
C GLU A 187 36.69 -31.63 -23.44
N LYS A 188 35.49 -31.75 -24.00
CA LYS A 188 34.52 -32.70 -23.45
C LYS A 188 35.08 -34.14 -23.48
N ASN A 189 35.67 -34.53 -24.60
CA ASN A 189 36.25 -35.87 -24.76
C ASN A 189 37.36 -36.20 -23.76
N THR A 190 38.28 -35.26 -23.59
CA THR A 190 39.37 -35.39 -22.62
C THR A 190 38.84 -35.46 -21.16
N LEU A 191 37.81 -34.71 -20.83
CA LEU A 191 37.38 -34.73 -19.43
C LEU A 191 36.55 -35.98 -19.09
N TYR A 192 35.66 -36.38 -20.00
CA TYR A 192 34.60 -37.35 -19.66
C TYR A 192 34.45 -38.51 -20.63
N GLY A 193 35.08 -38.42 -21.80
CA GLY A 193 34.95 -39.46 -22.81
C GLY A 193 34.03 -39.07 -23.96
N THR A 194 33.99 -39.92 -24.98
CA THR A 194 33.16 -39.72 -26.17
C THR A 194 31.68 -40.05 -25.92
N GLN A 195 31.39 -40.81 -24.87
CA GLN A 195 30.00 -41.19 -24.53
C GLN A 195 29.06 -39.99 -24.34
N SER A 196 27.77 -40.23 -24.55
CA SER A 196 26.74 -39.24 -24.25
C SER A 196 26.68 -39.05 -22.76
N LEU A 197 26.60 -37.79 -22.34
CA LEU A 197 26.65 -37.45 -20.94
C LEU A 197 25.24 -37.18 -20.39
N SER A 198 24.96 -37.72 -19.22
CA SER A 198 23.66 -37.51 -18.61
C SER A 198 23.79 -37.41 -17.11
N ILE A 199 23.14 -36.43 -16.52
CA ILE A 199 23.25 -36.20 -15.09
C ILE A 199 21.89 -35.99 -14.49
N SER A 200 21.50 -36.89 -13.61
CA SER A 200 20.21 -36.70 -13.02
C SER A 200 20.24 -36.76 -11.48
N VAL A 201 19.38 -35.95 -10.90
CA VAL A 201 19.42 -35.65 -9.50
C VAL A 201 18.04 -35.80 -8.94
N GLY A 202 17.91 -36.39 -7.77
CA GLY A 202 16.59 -36.61 -7.22
C GLY A 202 16.51 -36.73 -5.72
N SER A 203 15.45 -36.16 -5.16
CA SER A 203 15.06 -36.33 -3.77
C SER A 203 13.54 -36.55 -3.75
N SER A 204 12.95 -36.64 -2.57
CA SER A 204 11.49 -36.66 -2.42
C SER A 204 10.82 -35.40 -2.99
N THR A 205 11.56 -34.29 -3.07
CA THR A 205 10.98 -33.02 -3.50
C THR A 205 11.69 -32.41 -4.70
N TYR A 206 12.47 -33.22 -5.42
CA TYR A 206 13.19 -32.74 -6.59
C TYR A 206 13.52 -33.88 -7.58
N ARG A 207 13.27 -33.67 -8.87
CA ARG A 207 13.67 -34.61 -9.94
C ARG A 207 14.03 -33.85 -11.20
N ASN A 208 15.24 -34.04 -11.70
CA ASN A 208 15.69 -33.31 -12.86
C ASN A 208 16.87 -33.98 -13.57
N ASN A 209 17.00 -33.68 -14.86
CA ASN A 209 18.04 -34.24 -15.69
C ASN A 209 18.78 -33.10 -16.36
N PHE A 210 20.10 -33.25 -16.48
CA PHE A 210 21.01 -32.28 -17.09
C PHE A 210 21.95 -32.97 -18.05
N VAL A 211 22.23 -32.28 -19.16
CA VAL A 211 23.16 -32.75 -20.18
C VAL A 211 24.18 -31.65 -20.50
N PRO A 212 25.47 -31.90 -20.19
CA PRO A 212 26.52 -30.96 -20.60
C PRO A 212 26.42 -30.66 -22.09
N VAL A 213 26.44 -29.40 -22.46
CA VAL A 213 26.43 -29.01 -23.87
C VAL A 213 27.66 -28.16 -24.25
N VAL A 214 28.40 -28.64 -25.26
CA VAL A 214 29.55 -27.94 -25.79
C VAL A 214 29.07 -26.72 -26.53
N GLY A 215 29.81 -25.61 -26.43
CA GLY A 215 29.52 -24.40 -27.20
C GLY A 215 30.68 -23.41 -27.10
N ALA A 216 30.97 -22.70 -28.18
CA ALA A 216 32.00 -21.66 -28.16
C ALA A 216 31.43 -20.43 -27.49
N ARG A 217 32.22 -19.79 -26.62
CA ARG A 217 31.74 -18.67 -25.81
C ARG A 217 32.88 -17.70 -25.52
N PRO A 218 32.55 -16.44 -25.18
CA PRO A 218 33.64 -15.56 -24.73
C PRO A 218 34.39 -16.12 -23.50
N GLN A 219 35.66 -15.77 -23.36
CA GLN A 219 36.42 -16.15 -22.17
C GLN A 219 35.98 -15.28 -21.01
N VAL A 220 35.75 -15.88 -19.84
CA VAL A 220 35.58 -15.12 -18.61
C VAL A 220 36.57 -15.68 -17.57
N ASN A 221 37.40 -14.82 -16.98
CA ASN A 221 38.50 -15.30 -16.14
C ASN A 221 39.35 -16.31 -16.93
N GLY A 222 39.46 -16.11 -18.23
CA GLY A 222 40.29 -16.97 -19.05
C GLY A 222 39.61 -18.21 -19.63
N LEU A 223 38.42 -18.55 -19.14
CA LEU A 223 37.73 -19.76 -19.58
C LEU A 223 36.51 -19.49 -20.47
N SER A 224 36.31 -20.38 -21.44
CA SER A 224 35.18 -20.33 -22.35
C SER A 224 34.16 -21.39 -21.92
N SER A 225 34.56 -22.23 -20.98
CA SER A 225 33.63 -23.16 -20.34
C SER A 225 32.79 -22.46 -19.30
N ARG A 226 31.69 -23.11 -18.91
CA ARG A 226 30.82 -22.61 -17.84
C ARG A 226 30.43 -23.72 -16.92
N ILE A 227 29.96 -23.31 -15.74
CA ILE A 227 29.24 -24.22 -14.87
C ILE A 227 27.84 -23.64 -14.61
N ASP A 228 26.81 -24.45 -14.82
CA ASP A 228 25.47 -24.11 -14.37
C ASP A 228 25.27 -24.61 -12.95
N PHE A 229 24.97 -23.73 -11.99
CA PHE A 229 24.76 -24.17 -10.61
C PHE A 229 23.29 -24.34 -10.33
N HIS A 230 22.96 -25.39 -9.59
CA HIS A 230 21.59 -25.66 -9.18
C HIS A 230 21.58 -25.91 -7.66
N TRP A 231 20.41 -25.81 -7.05
CA TRP A 231 20.28 -26.05 -5.62
C TRP A 231 18.88 -26.53 -5.24
N THR A 232 18.80 -27.17 -4.09
CA THR A 232 17.51 -27.59 -3.60
C THR A 232 17.62 -27.79 -2.09
N LEU A 233 16.47 -27.87 -1.44
CA LEU A 233 16.42 -27.99 -0.01
C LEU A 233 16.06 -29.44 0.29
N VAL A 234 17.01 -30.16 0.90
CA VAL A 234 16.82 -31.52 1.36
C VAL A 234 16.23 -31.52 2.74
N GLN A 235 14.96 -31.91 2.84
CA GLN A 235 14.23 -32.01 4.10
C GLN A 235 14.82 -33.06 5.10
N PRO A 236 14.53 -32.90 6.42
CA PRO A 236 15.01 -33.86 7.43
C PRO A 236 14.58 -35.30 7.15
N GLY A 237 15.52 -36.23 7.18
CA GLY A 237 15.22 -37.61 6.91
C GLY A 237 15.25 -37.95 5.43
N ASP A 238 15.40 -36.94 4.57
CA ASP A 238 15.25 -37.22 3.15
C ASP A 238 16.62 -37.49 2.53
N ASN A 239 16.60 -38.22 1.43
CA ASN A 239 17.79 -38.59 0.68
C ASN A 239 17.85 -37.92 -0.72
N ILE A 240 18.98 -37.29 -1.06
CA ILE A 240 19.14 -36.83 -2.43
C ILE A 240 20.22 -37.64 -3.14
N THR A 241 19.93 -38.06 -4.37
CA THR A 241 20.83 -38.94 -5.12
C THR A 241 21.25 -38.34 -6.47
N PHE A 242 22.54 -38.42 -6.76
CA PHE A 242 23.13 -37.99 -8.02
C PHE A 242 23.53 -39.20 -8.83
N SER A 243 23.05 -39.27 -10.04
CA SER A 243 23.37 -40.37 -10.93
C SER A 243 24.02 -39.80 -12.17
N HIS A 244 25.28 -40.15 -12.43
CA HIS A 244 26.02 -39.36 -13.38
C HIS A 244 27.16 -40.03 -14.13
N ASN A 245 27.38 -39.43 -15.29
CA ASN A 245 28.23 -39.86 -16.39
C ASN A 245 29.47 -39.04 -16.68
N GLY A 246 29.64 -37.93 -15.97
CA GLY A 246 30.64 -36.96 -16.35
C GLY A 246 29.95 -35.63 -16.56
N GLY A 247 30.54 -34.56 -16.02
CA GLY A 247 29.96 -33.24 -16.12
C GLY A 247 29.39 -32.75 -14.79
N LEU A 248 29.20 -33.66 -13.85
CA LEU A 248 28.71 -33.25 -12.56
C LEU A 248 29.80 -32.55 -11.74
N ILE A 249 29.49 -31.36 -11.24
CA ILE A 249 30.32 -30.71 -10.25
C ILE A 249 29.67 -31.01 -8.90
N ALA A 250 30.27 -31.94 -8.17
CA ALA A 250 29.57 -32.58 -7.06
C ALA A 250 29.79 -31.84 -5.74
N PRO A 251 28.74 -31.79 -4.91
CA PRO A 251 28.93 -31.22 -3.57
C PRO A 251 29.79 -32.08 -2.65
N SER A 252 30.79 -31.46 -2.00
CA SER A 252 31.56 -32.15 -0.95
C SER A 252 31.03 -31.76 0.46
N ARG A 253 30.41 -30.60 0.57
CA ARG A 253 29.64 -30.28 1.77
C ARG A 253 28.30 -29.69 1.37
N VAL A 254 27.36 -29.71 2.29
CA VAL A 254 26.11 -29.04 2.11
C VAL A 254 25.97 -27.98 3.19
N SER A 255 25.00 -27.09 3.00
CA SER A 255 24.81 -25.95 3.86
C SER A 255 23.54 -26.04 4.66
N LYS A 256 23.59 -25.52 5.88
CA LYS A 256 22.41 -25.38 6.71
C LYS A 256 22.32 -23.94 7.17
N LEU A 257 21.31 -23.23 6.70
CA LEU A 257 21.07 -21.86 7.11
C LEU A 257 20.43 -21.85 8.51
N ILE A 258 21.02 -21.14 9.45
CA ILE A 258 20.52 -21.13 10.81
C ILE A 258 19.89 -19.80 11.20
N GLY A 259 18.71 -19.84 11.82
CA GLY A 259 18.09 -18.67 12.43
C GLY A 259 17.73 -17.56 11.44
N ARG A 260 17.57 -16.36 11.96
CA ARG A 260 17.20 -15.24 11.13
C ARG A 260 18.12 -14.07 11.41
N GLY A 261 18.31 -13.26 10.36
CA GLY A 261 19.16 -12.10 10.41
C GLY A 261 18.68 -11.06 9.42
N LEU A 262 19.18 -9.84 9.56
CA LEU A 262 18.85 -8.74 8.66
C LEU A 262 19.89 -8.57 7.57
N GLY A 263 19.50 -8.79 6.32
CA GLY A 263 20.41 -8.56 5.19
C GLY A 263 20.49 -7.08 4.81
N ILE A 264 21.70 -6.60 4.57
CA ILE A 264 21.90 -5.20 4.20
C ILE A 264 22.88 -5.13 3.04
N GLN A 265 22.50 -4.40 2.00
CA GLN A 265 23.40 -4.05 0.89
C GLN A 265 23.82 -2.61 1.05
N SER A 266 25.12 -2.37 1.16
CA SER A 266 25.55 -1.03 1.48
C SER A 266 26.93 -0.65 0.96
N ASP A 267 27.11 0.65 0.81
CA ASP A 267 28.38 1.29 0.46
C ASP A 267 29.15 1.71 1.70
N ALA A 268 28.48 1.79 2.85
CA ALA A 268 29.09 2.46 3.99
C ALA A 268 29.99 1.58 4.84
N PRO A 269 31.11 2.15 5.29
CA PRO A 269 31.93 1.43 6.23
C PRO A 269 31.23 1.24 7.56
N ILE A 270 31.70 0.23 8.27
CA ILE A 270 31.14 -0.17 9.54
C ILE A 270 31.68 0.66 10.69
N ASP A 271 30.79 1.01 11.59
CA ASP A 271 31.14 1.60 12.87
C ASP A 271 30.57 0.71 13.99
N ASN A 272 31.45 0.02 14.72
CA ASN A 272 30.97 -0.85 15.79
C ASN A 272 30.78 -0.12 17.12
N ASN A 273 30.86 1.22 17.10
CA ASN A 273 30.70 2.02 18.31
C ASN A 273 29.42 2.88 18.32
N CYS A 274 28.59 2.71 17.30
CA CYS A 274 27.31 3.44 17.24
C CYS A 274 26.17 2.48 16.94
N GLU A 275 24.98 2.85 17.38
CA GLU A 275 23.87 1.93 17.36
C GLU A 275 22.80 2.46 16.41
N SER A 276 22.09 1.58 15.70
CA SER A 276 21.01 2.00 14.79
C SER A 276 20.07 0.87 14.48
N LYS A 277 18.86 1.21 14.06
CA LYS A 277 17.90 0.17 13.70
C LYS A 277 17.43 0.25 12.24
N CYS A 278 17.96 1.23 11.52
CA CYS A 278 17.49 1.57 10.18
C CYS A 278 18.68 1.75 9.25
N PHE A 279 18.69 1.00 8.16
CA PHE A 279 19.82 1.05 7.24
C PHE A 279 19.43 1.31 5.81
N TRP A 280 20.35 1.92 5.07
CA TRP A 280 20.20 2.07 3.63
C TRP A 280 21.57 2.00 2.98
N ARG A 281 21.59 2.11 1.66
CA ARG A 281 22.85 2.08 0.92
C ARG A 281 23.94 3.00 1.47
N GLY A 282 23.59 4.24 1.83
CA GLY A 282 24.57 5.17 2.36
C GLY A 282 24.85 5.12 3.84
N GLY A 283 24.26 4.15 4.56
CA GLY A 283 24.55 4.02 5.98
C GLY A 283 23.36 3.79 6.87
N SER A 284 23.23 4.64 7.89
CA SER A 284 22.21 4.46 8.93
C SER A 284 21.36 5.71 9.11
N ILE A 285 20.11 5.52 9.51
CA ILE A 285 19.27 6.63 9.94
C ILE A 285 18.88 6.52 11.42
N ASN A 286 19.40 7.42 12.24
CA ASN A 286 19.04 7.49 13.66
C ASN A 286 18.23 8.70 14.00
N THR A 287 16.93 8.55 14.13
CA THR A 287 16.08 9.70 14.37
C THR A 287 14.79 9.32 15.06
N ARG A 288 14.22 10.28 15.79
CA ARG A 288 12.92 10.12 16.40
C ARG A 288 11.81 10.57 15.45
N LEU A 289 12.19 11.23 14.36
CA LEU A 289 11.20 11.79 13.44
C LEU A 289 10.45 10.69 12.69
N PRO A 290 9.14 10.90 12.44
CA PRO A 290 8.32 9.90 11.75
C PRO A 290 8.61 9.71 10.25
N PHE A 291 9.17 10.71 9.58
CA PHE A 291 9.40 10.63 8.13
C PHE A 291 10.87 10.89 7.80
N GLN A 292 11.32 10.43 6.63
CA GLN A 292 12.67 10.75 6.17
C GLN A 292 12.68 10.97 4.68
N ASN A 293 13.63 11.77 4.21
CA ASN A 293 13.76 12.02 2.78
C ASN A 293 15.06 11.56 2.13
N LEU A 294 15.80 10.69 2.81
CA LEU A 294 17.10 10.26 2.30
C LEU A 294 16.99 9.21 1.18
N SER A 295 16.14 8.21 1.37
CA SER A 295 16.11 7.10 0.46
C SER A 295 14.81 6.35 0.53
N PRO A 296 14.26 5.99 -0.63
CA PRO A 296 13.07 5.14 -0.65
C PRO A 296 13.43 3.67 -0.44
N ARG A 297 14.71 3.35 -0.36
CA ARG A 297 15.13 1.96 -0.14
C ARG A 297 15.83 1.80 1.20
N THR A 298 15.07 1.42 2.23
CA THR A 298 15.67 1.21 3.55
C THR A 298 15.31 -0.18 4.05
N VAL A 299 16.12 -0.77 4.92
CA VAL A 299 15.72 -2.00 5.62
C VAL A 299 15.76 -1.74 7.13
N GLY A 300 15.12 -2.61 7.91
CA GLY A 300 15.07 -2.48 9.35
C GLY A 300 13.84 -1.73 9.87
N GLN A 301 14.02 -0.97 10.96
CA GLN A 301 12.91 -0.22 11.58
C GLN A 301 13.09 1.27 11.29
N CYS A 302 12.29 1.79 10.37
CA CYS A 302 12.62 3.08 9.77
C CYS A 302 11.47 4.03 9.79
N PRO A 303 11.80 5.32 9.71
CA PRO A 303 10.77 6.31 9.38
C PRO A 303 10.35 6.10 7.93
N LYS A 304 9.09 6.41 7.62
CA LYS A 304 8.61 6.28 6.25
C LYS A 304 9.24 7.29 5.27
N TYR A 305 9.46 6.85 4.03
CA TYR A 305 9.97 7.76 3.03
C TYR A 305 8.90 8.72 2.48
N VAL A 306 9.27 9.99 2.37
CA VAL A 306 8.35 10.97 1.80
C VAL A 306 9.07 11.85 0.76
N ASN A 307 8.33 12.26 -0.28
CA ASN A 307 8.85 13.10 -1.35
C ASN A 307 8.87 14.59 -0.97
N ARG A 308 9.46 14.94 0.18
CA ARG A 308 9.41 16.31 0.72
C ARG A 308 10.70 16.76 1.41
N ARG A 309 11.12 17.98 1.13
CA ARG A 309 12.35 18.52 1.66
C ARG A 309 12.21 18.82 3.15
N SER A 310 11.04 19.33 3.48
CA SER A 310 10.77 19.85 4.81
C SER A 310 9.27 19.83 5.10
N LEU A 311 8.91 19.65 6.36
CA LEU A 311 7.52 19.72 6.80
C LEU A 311 7.52 20.19 8.25
N MET A 312 7.30 21.49 8.44
CA MET A 312 7.42 22.09 9.75
C MET A 312 6.13 21.98 10.55
N LEU A 313 6.28 21.49 11.78
CA LEU A 313 5.17 21.33 12.71
C LEU A 313 5.21 22.45 13.77
N ALA A 314 4.14 23.22 13.89
CA ALA A 314 4.13 24.41 14.74
C ALA A 314 4.19 24.03 16.21
N THR A 315 5.01 24.76 16.96
CA THR A 315 5.09 24.50 18.39
C THR A 315 4.88 25.80 19.17
N GLY A 316 4.03 26.66 18.64
CA GLY A 316 3.72 27.92 19.29
C GLY A 316 2.57 28.61 18.60
N MET A 317 2.17 29.76 19.13
CA MET A 317 1.00 30.45 18.63
C MET A 317 1.35 31.26 17.38
N ARG A 318 0.36 31.88 16.74
CA ARG A 318 0.60 32.84 15.67
C ARG A 318 1.54 33.92 16.19
N ASN A 319 2.60 34.21 15.44
CA ASN A 319 3.51 35.30 15.78
C ASN A 319 2.94 36.60 15.26
N VAL A 320 2.59 37.51 16.17
CA VAL A 320 2.04 38.80 15.76
C VAL A 320 2.98 39.92 16.20
N PRO A 321 3.97 40.26 15.35
CA PRO A 321 5.05 41.19 15.70
C PRO A 321 4.54 42.58 15.97
N GLU A 322 5.31 43.35 16.75
CA GLU A 322 4.91 44.68 17.21
C GLU A 322 5.02 45.76 16.12
N LEU B 1 -11.35 29.36 15.25
CA LEU B 1 -10.62 30.52 15.80
C LEU B 1 -11.36 31.32 16.89
N PHE B 2 -10.59 31.83 17.84
CA PHE B 2 -11.19 32.36 19.05
C PHE B 2 -11.16 33.90 19.17
N GLY B 3 -10.55 34.59 18.22
CA GLY B 3 -10.77 36.02 18.21
C GLY B 3 -9.81 36.91 18.94
N ALA B 4 -8.92 36.33 19.73
CA ALA B 4 -7.98 37.15 20.49
C ALA B 4 -6.61 37.26 19.82
N ILE B 5 -5.89 36.16 19.62
CA ILE B 5 -4.58 36.26 19.01
C ILE B 5 -4.77 36.52 17.52
N ALA B 6 -4.05 37.51 16.99
CA ALA B 6 -4.25 38.01 15.64
C ALA B 6 -5.70 38.48 15.49
N GLY B 7 -6.29 38.92 16.60
CA GLY B 7 -7.69 39.33 16.62
C GLY B 7 -7.87 40.68 17.30
N PHE B 8 -8.71 40.76 18.34
CA PHE B 8 -8.91 42.04 19.02
C PHE B 8 -7.70 42.45 19.83
N LEU B 9 -6.81 41.48 20.09
CA LEU B 9 -5.49 41.80 20.63
C LEU B 9 -4.65 42.23 19.45
N GLU B 10 -4.17 43.46 19.47
CA GLU B 10 -3.50 44.09 18.33
C GLU B 10 -2.26 43.31 17.84
N ASN B 11 -1.39 42.99 18.79
CA ASN B 11 -0.14 42.30 18.53
C ASN B 11 0.37 41.61 19.79
N GLY B 12 1.44 40.85 19.66
CA GLY B 12 2.03 40.21 20.82
C GLY B 12 3.06 41.07 21.46
N TRP B 13 3.43 40.70 22.68
CA TRP B 13 4.44 41.40 23.45
C TRP B 13 5.80 40.71 23.40
N GLU B 14 6.71 41.22 22.57
CA GLU B 14 8.07 40.67 22.48
C GLU B 14 8.84 40.75 23.80
N GLY B 15 8.42 41.64 24.69
CA GLY B 15 9.11 41.85 25.95
C GLY B 15 8.70 40.88 27.05
N MET B 16 7.65 40.10 26.80
CA MET B 16 7.27 39.08 27.76
C MET B 16 7.97 37.77 27.40
N VAL B 17 9.09 37.55 28.06
CA VAL B 17 9.94 36.41 27.77
C VAL B 17 9.83 35.39 28.87
N ASP B 18 8.77 35.54 29.66
CA ASP B 18 8.60 34.80 30.90
C ASP B 18 7.41 33.83 30.80
N GLY B 19 6.71 33.89 29.67
CA GLY B 19 5.55 33.07 29.46
C GLY B 19 4.88 33.38 28.14
N TRP B 20 3.79 32.68 27.87
CA TRP B 20 3.08 32.82 26.61
C TRP B 20 1.98 33.87 26.74
N TYR B 21 1.39 33.94 27.93
CA TYR B 21 0.30 34.87 28.22
C TYR B 21 0.58 35.64 29.51
N GLY B 22 0.07 36.87 29.58
CA GLY B 22 0.28 37.62 30.80
C GLY B 22 -0.46 38.94 30.91
N PHE B 23 -0.13 39.66 31.98
CA PHE B 23 -0.77 40.91 32.33
C PHE B 23 0.14 42.14 32.13
N ARG B 24 -0.42 43.25 31.68
CA ARG B 24 0.23 44.55 31.84
C ARG B 24 -0.70 45.48 32.61
N HIS B 25 -0.23 46.04 33.70
CA HIS B 25 -1.08 46.94 34.48
C HIS B 25 -0.56 48.37 34.58
N GLN B 26 -1.48 49.27 34.91
CA GLN B 26 -1.16 50.67 35.09
C GLN B 26 -1.91 51.20 36.27
N ASN B 27 -1.20 51.54 37.34
CA ASN B 27 -1.88 52.17 38.45
C ASN B 27 -1.13 53.40 38.93
N ALA B 28 -1.48 53.84 40.14
CA ALA B 28 -0.94 55.06 40.73
C ALA B 28 0.58 55.01 40.74
N GLN B 29 1.12 53.95 41.32
CA GLN B 29 2.54 53.81 41.48
C GLN B 29 3.25 53.15 40.31
N GLY B 30 2.82 53.44 39.08
CA GLY B 30 3.52 52.96 37.90
C GLY B 30 2.83 51.88 37.05
N THR B 31 3.64 51.24 36.20
CA THR B 31 3.19 50.16 35.34
C THR B 31 3.96 48.88 35.67
N GLY B 32 3.32 47.74 35.39
CA GLY B 32 3.97 46.46 35.60
C GLY B 32 3.67 45.43 34.53
N GLN B 33 4.50 44.40 34.47
CA GLN B 33 4.28 43.28 33.56
C GLN B 33 4.57 41.98 34.29
N ALA B 34 3.73 40.97 34.04
CA ALA B 34 3.85 39.67 34.68
C ALA B 34 3.14 38.59 33.87
N ALA B 35 3.84 37.49 33.65
CA ALA B 35 3.29 36.35 32.93
C ALA B 35 2.34 35.50 33.78
N ASP B 36 1.27 35.00 33.18
CA ASP B 36 0.36 34.06 33.86
C ASP B 36 0.81 32.62 33.63
N TYR B 37 1.14 31.91 34.71
CA TYR B 37 1.80 30.61 34.59
C TYR B 37 0.83 29.47 34.23
N LYS B 38 -0.36 29.46 34.80
CA LYS B 38 -1.33 28.39 34.53
C LYS B 38 -1.67 28.29 33.06
N SER B 39 -2.08 29.41 32.47
CA SER B 39 -2.50 29.42 31.08
C SER B 39 -1.34 29.05 30.14
N THR B 40 -0.14 29.54 30.39
CA THR B 40 0.97 29.17 29.51
C THR B 40 1.35 27.68 29.63
N GLN B 41 1.10 27.08 30.80
CA GLN B 41 1.51 25.70 30.99
C GLN B 41 0.46 24.80 30.40
N ALA B 42 -0.79 25.27 30.37
CA ALA B 42 -1.85 24.57 29.68
C ALA B 42 -1.48 24.40 28.22
N ALA B 43 -1.02 25.49 27.60
CA ALA B 43 -0.71 25.51 26.19
C ALA B 43 0.56 24.71 25.89
N ILE B 44 1.62 24.95 26.67
CA ILE B 44 2.87 24.23 26.50
C ILE B 44 2.67 22.71 26.66
N ASP B 45 1.93 22.32 27.68
CA ASP B 45 1.64 20.92 27.91
C ASP B 45 0.95 20.28 26.70
N GLN B 46 0.00 20.99 26.11
CA GLN B 46 -0.71 20.45 24.96
C GLN B 46 0.21 20.32 23.78
N ILE B 47 1.14 21.26 23.63
CA ILE B 47 2.14 21.14 22.56
C ILE B 47 3.01 19.91 22.73
N THR B 48 3.50 19.69 23.94
CA THR B 48 4.41 18.59 24.17
C THR B 48 3.64 17.27 24.02
N GLY B 49 2.36 17.28 24.37
CA GLY B 49 1.48 16.17 24.03
C GLY B 49 1.49 15.81 22.55
N LYS B 50 1.53 16.81 21.67
CA LYS B 50 1.59 16.54 20.23
C LYS B 50 2.96 16.04 19.82
N LEU B 51 4.00 16.61 20.41
CA LEU B 51 5.34 16.17 20.08
C LEU B 51 5.58 14.73 20.53
N ASN B 52 5.00 14.33 21.66
CA ASN B 52 5.12 12.94 22.12
C ASN B 52 4.51 11.97 21.11
N ARG B 53 3.32 12.31 20.61
CA ARG B 53 2.67 11.50 19.59
C ARG B 53 3.48 11.43 18.30
N LEU B 54 4.12 12.54 17.94
CA LEU B 54 4.92 12.62 16.75
C LEU B 54 6.09 11.61 16.79
N VAL B 55 6.73 11.50 17.95
CA VAL B 55 7.85 10.59 18.14
C VAL B 55 7.38 9.24 18.70
N GLU B 56 6.10 9.11 19.10
CA GLU B 56 5.68 7.86 19.73
C GLU B 56 5.31 6.89 18.64
N LYS B 57 6.27 6.63 17.76
CA LYS B 57 6.00 5.73 16.68
C LYS B 57 7.01 4.62 16.91
N THR B 58 6.71 3.44 16.41
CA THR B 58 7.45 2.24 16.79
C THR B 58 7.23 1.24 15.70
N ASN B 59 8.29 0.51 15.46
CA ASN B 59 8.53 0.16 14.09
C ASN B 59 8.46 -1.34 13.77
N THR B 60 7.85 -1.58 12.62
CA THR B 60 7.84 -2.87 12.01
C THR B 60 9.23 -3.08 11.42
N GLU B 61 9.69 -4.32 11.32
CA GLU B 61 10.98 -4.55 10.67
C GLU B 61 10.78 -4.96 9.24
N PHE B 62 11.32 -4.17 8.33
CA PHE B 62 11.27 -4.48 6.93
C PHE B 62 12.58 -5.01 6.44
N GLU B 63 12.48 -5.90 5.48
CA GLU B 63 13.61 -6.52 4.84
C GLU B 63 13.63 -6.01 3.40
N SER B 64 14.72 -6.27 2.70
CA SER B 64 14.88 -5.82 1.32
C SER B 64 14.07 -6.63 0.32
N ILE B 65 13.42 -5.96 -0.61
CA ILE B 65 12.87 -6.67 -1.76
C ILE B 65 13.41 -6.11 -3.09
N GLU B 66 14.46 -5.31 -3.02
CA GLU B 66 15.09 -4.73 -4.21
C GLU B 66 16.61 -4.87 -4.12
N SER B 67 17.23 -5.51 -5.09
CA SER B 67 18.68 -5.62 -5.03
C SER B 67 19.32 -4.27 -5.39
N GLU B 68 20.25 -3.85 -4.55
CA GLU B 68 20.95 -2.61 -4.75
C GLU B 68 22.08 -2.78 -5.78
N PHE B 69 22.53 -4.02 -5.93
CA PHE B 69 23.76 -4.33 -6.63
C PHE B 69 23.60 -5.34 -7.75
N SER B 70 22.37 -5.70 -8.09
CA SER B 70 22.16 -6.69 -9.15
C SER B 70 20.78 -6.54 -9.77
N GLU B 71 20.66 -6.94 -11.03
CA GLU B 71 19.43 -6.82 -11.78
C GLU B 71 18.32 -7.67 -11.21
N ILE B 72 17.13 -7.10 -11.14
CA ILE B 72 15.98 -7.86 -10.70
C ILE B 72 15.14 -8.17 -11.94
N GLU B 73 14.40 -9.26 -11.91
CA GLU B 73 13.58 -9.64 -13.05
C GLU B 73 12.61 -8.49 -13.40
N HIS B 74 12.40 -8.24 -14.69
CA HIS B 74 11.79 -6.97 -15.09
C HIS B 74 10.33 -6.80 -14.62
N GLN B 75 9.51 -7.84 -14.74
CA GLN B 75 8.10 -7.74 -14.35
C GLN B 75 7.92 -7.60 -12.82
N ILE B 76 8.61 -8.41 -12.02
CA ILE B 76 8.49 -8.28 -10.56
C ILE B 76 9.08 -6.93 -10.12
N GLY B 77 10.09 -6.46 -10.86
CA GLY B 77 10.67 -5.15 -10.64
C GLY B 77 9.66 -4.05 -10.85
N ASN B 78 8.80 -4.20 -11.85
CA ASN B 78 7.80 -3.16 -12.11
C ASN B 78 6.68 -3.14 -11.10
N VAL B 79 6.27 -4.32 -10.65
CA VAL B 79 5.30 -4.45 -9.59
C VAL B 79 5.79 -3.83 -8.29
N ILE B 80 7.06 -4.04 -7.99
CA ILE B 80 7.66 -3.56 -6.76
C ILE B 80 7.75 -2.03 -6.85
N ASN B 81 8.16 -1.51 -8.00
CA ASN B 81 8.17 -0.06 -8.23
C ASN B 81 6.80 0.61 -8.07
N TRP B 82 5.77 0.01 -8.66
CA TRP B 82 4.42 0.53 -8.55
C TRP B 82 3.98 0.52 -7.10
N THR B 83 4.27 -0.57 -6.39
CA THR B 83 3.85 -0.71 -5.01
C THR B 83 4.54 0.32 -4.09
N LYS B 84 5.87 0.34 -4.17
CA LYS B 84 6.67 1.29 -3.40
C LYS B 84 6.29 2.72 -3.67
N ASP B 85 6.11 3.11 -4.93
CA ASP B 85 5.70 4.49 -5.23
C ASP B 85 4.29 4.79 -4.72
N SER B 86 3.39 3.79 -4.76
CA SER B 86 2.05 3.99 -4.26
C SER B 86 2.04 4.19 -2.75
N ILE B 87 2.83 3.39 -2.04
CA ILE B 87 3.00 3.54 -0.60
C ILE B 87 3.51 4.94 -0.28
N THR B 88 4.58 5.35 -0.95
CA THR B 88 5.18 6.66 -0.74
C THR B 88 4.19 7.82 -1.00
N ASP B 89 3.36 7.70 -2.04
CA ASP B 89 2.36 8.73 -2.33
C ASP B 89 1.41 8.87 -1.12
N ILE B 90 0.98 7.74 -0.57
CA ILE B 90 0.14 7.74 0.62
C ILE B 90 0.85 8.41 1.80
N TRP B 91 2.11 8.06 2.06
CA TRP B 91 2.81 8.66 3.20
C TRP B 91 3.08 10.15 3.01
N THR B 92 3.47 10.56 1.82
CA THR B 92 3.72 11.95 1.54
C THR B 92 2.47 12.76 1.80
N TYR B 93 1.35 12.21 1.35
CA TYR B 93 0.08 12.80 1.59
C TYR B 93 -0.27 12.76 3.10
N GLN B 94 0.07 11.69 3.81
CA GLN B 94 -0.26 11.64 5.26
C GLN B 94 0.56 12.63 6.04
N ALA B 95 1.85 12.76 5.70
CA ALA B 95 2.69 13.73 6.37
C ALA B 95 2.17 15.17 6.12
N GLU B 96 1.81 15.50 4.88
CA GLU B 96 1.32 16.85 4.57
C GLU B 96 0.05 17.18 5.33
N LEU B 97 -0.91 16.26 5.31
CA LEU B 97 -2.19 16.48 5.98
C LEU B 97 -1.97 16.59 7.50
N LEU B 98 -1.27 15.63 8.08
CA LEU B 98 -0.92 15.64 9.50
C LEU B 98 -0.45 17.01 9.99
N VAL B 99 0.58 17.52 9.32
CA VAL B 99 1.16 18.79 9.71
C VAL B 99 0.17 19.96 9.46
N ALA B 100 -0.47 19.98 8.30
CA ALA B 100 -1.43 21.07 8.06
C ALA B 100 -2.52 21.07 9.15
N MET B 101 -3.02 19.89 9.47
CA MET B 101 -4.07 19.67 10.45
C MET B 101 -3.66 20.05 11.86
N GLU B 102 -2.53 19.48 12.27
CA GLU B 102 -1.99 19.71 13.59
C GLU B 102 -1.67 21.20 13.80
N ASN B 103 -1.13 21.88 12.78
CA ASN B 103 -0.77 23.29 12.92
C ASN B 103 -1.99 24.19 13.08
N GLN B 104 -3.01 23.93 12.28
CA GLN B 104 -4.28 24.63 12.39
C GLN B 104 -4.78 24.53 13.83
N HIS B 105 -4.86 23.30 14.34
CA HIS B 105 -5.31 23.07 15.69
C HIS B 105 -4.42 23.79 16.71
N THR B 106 -3.12 23.71 16.56
CA THR B 106 -2.19 24.29 17.54
C THR B 106 -2.35 25.81 17.69
N ILE B 107 -2.50 26.48 16.55
CA ILE B 107 -2.76 27.90 16.49
C ILE B 107 -4.07 28.26 17.20
N ASP B 108 -5.13 27.53 16.89
CA ASP B 108 -6.44 27.83 17.47
C ASP B 108 -6.53 27.46 18.96
N MET B 109 -5.80 26.42 19.34
CA MET B 109 -5.68 26.07 20.74
C MET B 109 -5.05 27.21 21.53
N ALA B 110 -4.02 27.85 20.96
CA ALA B 110 -3.31 28.89 21.67
C ALA B 110 -4.18 30.14 21.79
N ASP B 111 -4.91 30.44 20.72
CA ASP B 111 -5.88 31.51 20.71
C ASP B 111 -6.94 31.27 21.80
N SER B 112 -7.33 30.02 21.94
CA SER B 112 -8.30 29.64 22.96
C SER B 112 -7.80 29.85 24.40
N GLU B 113 -6.54 29.53 24.64
CA GLU B 113 -5.99 29.72 25.99
C GLU B 113 -5.91 31.19 26.33
N MET B 114 -5.59 32.03 25.34
CA MET B 114 -5.66 33.48 25.55
C MET B 114 -7.07 33.90 25.96
N LEU B 115 -8.06 33.55 25.14
CA LEU B 115 -9.45 33.93 25.41
C LEU B 115 -9.96 33.44 26.77
N ASN B 116 -9.57 32.24 27.19
CA ASN B 116 -9.96 31.77 28.52
C ASN B 116 -9.31 32.59 29.66
N LEU B 117 -8.07 33.06 29.49
CA LEU B 117 -7.47 33.93 30.51
C LEU B 117 -8.28 35.24 30.60
N TYR B 118 -8.50 35.85 29.44
CA TYR B 118 -9.31 37.07 29.33
C TYR B 118 -10.68 36.91 29.98
N GLU B 119 -11.37 35.83 29.67
CA GLU B 119 -12.69 35.61 30.24
C GLU B 119 -12.71 35.41 31.75
N ARG B 120 -11.66 34.78 32.29
CA ARG B 120 -11.58 34.58 33.75
C ARG B 120 -11.40 35.93 34.48
N VAL B 121 -10.53 36.77 33.96
CA VAL B 121 -10.34 38.09 34.53
C VAL B 121 -11.62 38.91 34.49
N ARG B 122 -12.32 38.85 33.37
CA ARG B 122 -13.56 39.61 33.21
C ARG B 122 -14.52 39.25 34.32
N LYS B 123 -14.83 37.96 34.42
CA LYS B 123 -15.80 37.48 35.39
C LYS B 123 -15.34 37.82 36.80
N GLN B 124 -14.02 37.76 37.01
CA GLN B 124 -13.45 38.15 38.28
C GLN B 124 -13.69 39.63 38.64
N LEU B 125 -13.61 40.50 37.64
CA LEU B 125 -13.77 41.94 37.86
C LEU B 125 -15.23 42.34 38.01
N ARG B 126 -16.11 41.47 37.53
CA ARG B 126 -17.56 41.60 37.69
C ARG B 126 -18.09 42.98 37.22
N GLN B 127 -18.63 43.79 38.12
CA GLN B 127 -19.16 45.08 37.70
C GLN B 127 -18.19 46.22 38.00
N ASN B 128 -16.93 45.91 38.30
CA ASN B 128 -15.96 46.91 38.73
C ASN B 128 -15.08 47.43 37.62
N ALA B 129 -15.20 46.82 36.45
CA ALA B 129 -14.37 47.21 35.32
C ALA B 129 -15.14 47.13 33.99
N GLU B 130 -14.62 47.79 32.98
CA GLU B 130 -15.23 47.78 31.66
C GLU B 130 -14.24 47.45 30.58
N GLU B 131 -14.71 46.73 29.59
CA GLU B 131 -13.87 46.29 28.50
C GLU B 131 -13.64 47.41 27.50
N ASP B 132 -12.38 47.56 27.09
CA ASP B 132 -12.02 48.58 26.14
C ASP B 132 -11.95 48.05 24.70
N GLY B 133 -12.30 46.78 24.52
CA GLY B 133 -12.18 46.12 23.23
C GLY B 133 -10.83 45.81 22.61
N LYS B 134 -9.74 46.27 23.20
CA LYS B 134 -8.44 45.95 22.63
C LYS B 134 -7.70 45.04 23.59
N GLY B 135 -8.42 44.53 24.58
CA GLY B 135 -7.84 43.62 25.55
C GLY B 135 -7.71 44.14 26.95
N CYS B 136 -7.96 45.42 27.18
CA CYS B 136 -7.75 45.97 28.51
C CYS B 136 -9.05 45.98 29.32
N PHE B 137 -8.90 46.12 30.61
CA PHE B 137 -10.04 46.32 31.46
C PHE B 137 -9.80 47.64 32.20
N GLU B 138 -10.71 48.59 32.04
CA GLU B 138 -10.61 49.85 32.77
C GLU B 138 -11.30 49.68 34.11
N ILE B 139 -10.52 49.78 35.19
CA ILE B 139 -10.99 49.55 36.56
C ILE B 139 -11.45 50.82 37.25
N TYR B 140 -12.72 50.87 37.64
CA TYR B 140 -13.32 52.08 38.20
C TYR B 140 -13.18 52.20 39.72
N HIS B 141 -12.00 51.84 40.23
CA HIS B 141 -11.64 52.10 41.60
C HIS B 141 -10.12 52.13 41.70
N ALA B 142 -9.60 52.69 42.78
CA ALA B 142 -8.17 52.68 43.02
C ALA B 142 -7.68 51.25 43.15
N CYS B 143 -6.80 50.84 42.23
CA CYS B 143 -6.30 49.46 42.23
C CYS B 143 -4.77 49.41 42.40
N ASP B 144 -4.37 49.34 43.66
CA ASP B 144 -3.00 49.25 44.15
C ASP B 144 -2.20 48.03 43.59
N ASP B 145 -0.86 48.12 43.58
CA ASP B 145 0.00 47.00 43.16
C ASP B 145 -0.46 45.66 43.76
N SER B 146 -0.93 45.68 45.00
CA SER B 146 -1.38 44.46 45.66
C SER B 146 -2.82 44.08 45.31
N CYS B 147 -3.52 45.00 44.68
CA CYS B 147 -4.82 44.78 44.07
C CYS B 147 -4.66 44.06 42.74
N MET B 148 -3.87 44.67 41.86
CA MET B 148 -3.48 44.06 40.60
C MET B 148 -3.11 42.59 40.84
N GLU B 149 -2.23 42.40 41.81
CA GLU B 149 -1.77 41.07 42.15
C GLU B 149 -2.93 40.16 42.51
N SER B 150 -3.91 40.68 43.23
CA SER B 150 -5.06 39.86 43.60
C SER B 150 -5.84 39.43 42.37
N ILE B 151 -5.80 40.26 41.32
CA ILE B 151 -6.43 39.93 40.05
C ILE B 151 -5.68 38.76 39.38
N ARG B 152 -4.35 38.83 39.34
CA ARG B 152 -3.53 37.72 38.85
C ARG B 152 -3.58 36.47 39.76
N ASN B 153 -3.64 36.66 41.07
CA ASN B 153 -3.71 35.55 42.02
C ASN B 153 -5.02 34.80 41.90
N ASN B 154 -6.09 35.54 41.61
CA ASN B 154 -7.50 35.11 41.74
C ASN B 154 -8.02 35.37 43.15
N THR B 155 -7.27 36.15 43.94
CA THR B 155 -7.71 36.67 45.26
C THR B 155 -8.84 37.71 45.18
N TYR B 156 -8.81 38.52 44.12
CA TYR B 156 -9.68 39.68 43.97
C TYR B 156 -11.15 39.41 44.32
N ASP B 157 -11.60 40.07 45.39
CA ASP B 157 -13.00 40.05 45.76
C ASP B 157 -13.69 41.33 45.29
N HIS B 158 -14.60 41.19 44.32
CA HIS B 158 -15.25 42.34 43.72
C HIS B 158 -16.13 43.10 44.71
N SER B 159 -16.76 42.37 45.64
CA SER B 159 -17.72 42.96 46.56
C SER B 159 -17.04 43.94 47.52
N GLN B 160 -15.73 43.81 47.68
CA GLN B 160 -14.98 44.75 48.49
C GLN B 160 -14.92 46.15 47.83
N TYR B 161 -14.94 46.21 46.49
CA TYR B 161 -14.82 47.50 45.80
C TYR B 161 -16.08 47.88 45.02
N ARG B 162 -17.14 47.08 45.15
CA ARG B 162 -18.27 47.24 44.26
C ARG B 162 -18.96 48.61 44.38
N GLU B 163 -19.24 49.04 45.62
CA GLU B 163 -19.80 50.36 45.91
C GLU B 163 -19.05 51.53 45.23
N GLU B 164 -17.74 51.59 45.47
CA GLU B 164 -16.94 52.63 44.87
C GLU B 164 -17.06 52.54 43.36
N ALA B 165 -16.82 51.35 42.81
CA ALA B 165 -16.76 51.16 41.36
C ALA B 165 -18.05 51.56 40.65
N LEU B 166 -19.19 51.13 41.20
CA LEU B 166 -20.47 51.47 40.60
C LEU B 166 -20.71 52.97 40.61
N LEU B 167 -20.24 53.63 41.68
CA LEU B 167 -20.36 55.07 41.80
C LEU B 167 -19.67 55.77 40.64
N ASN B 168 -18.39 55.47 40.43
CA ASN B 168 -17.65 56.14 39.37
C ASN B 168 -18.15 55.77 37.97
N ARG B 169 -18.62 54.52 37.81
CA ARG B 169 -19.11 54.08 36.50
C ARG B 169 -20.36 54.87 36.09
N LEU B 170 -21.25 55.13 37.04
CA LEU B 170 -22.51 55.79 36.77
C LEU B 170 -22.35 57.31 36.69
N ASN B 171 -21.13 57.78 36.93
CA ASN B 171 -20.81 59.21 36.87
C ASN B 171 -19.50 59.46 36.13
N ASP C 5 -34.06 52.18 18.59
CA ASP C 5 -32.95 52.03 17.64
C ASP C 5 -32.11 50.76 17.88
N LYS C 6 -31.89 49.96 16.83
CA LYS C 6 -31.09 48.76 16.97
C LYS C 6 -30.25 48.42 15.76
N ILE C 7 -29.13 47.75 15.97
CA ILE C 7 -28.33 47.25 14.86
C ILE C 7 -28.22 45.73 15.01
N CYS C 8 -28.49 45.01 13.93
CA CYS C 8 -28.57 43.55 13.93
C CYS C 8 -27.49 42.91 13.07
N LEU C 9 -26.87 41.85 13.59
CA LEU C 9 -25.85 41.12 12.84
C LEU C 9 -26.40 39.87 12.22
N GLY C 10 -25.86 39.49 11.06
CA GLY C 10 -26.35 38.32 10.38
C GLY C 10 -25.47 37.83 9.24
N HIS C 11 -25.88 36.72 8.64
CA HIS C 11 -25.12 36.04 7.61
C HIS C 11 -26.00 35.73 6.43
N HIS C 12 -25.39 35.61 5.26
CA HIS C 12 -26.16 35.38 4.05
C HIS C 12 -26.71 33.97 4.09
N ALA C 13 -27.54 33.68 3.11
CA ALA C 13 -28.14 32.39 2.95
C ALA C 13 -28.61 32.30 1.51
N VAL C 14 -28.92 31.12 1.03
CA VAL C 14 -29.30 30.98 -0.37
C VAL C 14 -30.52 30.11 -0.45
N ALA C 15 -31.25 30.23 -1.56
CA ALA C 15 -32.47 29.46 -1.76
C ALA C 15 -32.16 27.97 -1.82
N ASN C 16 -31.24 27.63 -2.71
CA ASN C 16 -30.89 26.25 -2.93
C ASN C 16 -29.53 25.93 -2.37
N GLY C 17 -29.54 25.32 -1.19
CA GLY C 17 -28.31 24.84 -0.58
C GLY C 17 -27.91 23.48 -1.14
N THR C 18 -26.71 23.03 -0.80
CA THR C 18 -26.30 21.70 -1.22
C THR C 18 -25.78 20.92 -0.02
N ILE C 19 -25.98 19.60 -0.04
CA ILE C 19 -25.65 18.73 1.08
C ILE C 19 -24.24 18.17 1.03
N VAL C 20 -23.54 18.26 2.17
CA VAL C 20 -22.23 17.64 2.35
C VAL C 20 -22.23 16.76 3.59
N LYS C 21 -21.17 15.95 3.77
CA LYS C 21 -21.03 15.13 4.97
C LYS C 21 -20.05 15.82 5.90
N THR C 22 -20.24 15.66 7.21
CA THR C 22 -19.24 16.15 8.17
C THR C 22 -18.79 14.99 9.04
N LEU C 23 -17.95 15.24 10.05
CA LEU C 23 -17.62 14.16 10.95
C LEU C 23 -18.83 13.69 11.77
N THR C 24 -19.83 14.56 11.94
CA THR C 24 -20.90 14.28 12.89
C THR C 24 -22.26 14.20 12.21
N ASN C 25 -22.33 14.52 10.93
CA ASN C 25 -23.61 14.69 10.26
C ASN C 25 -23.46 14.43 8.78
N GLU C 26 -24.20 13.45 8.25
CA GLU C 26 -24.01 13.14 6.84
C GLU C 26 -25.04 13.84 5.95
N GLN C 27 -25.88 14.69 6.55
CA GLN C 27 -26.85 15.45 5.79
C GLN C 27 -26.81 16.92 6.22
N GLU C 28 -25.65 17.54 6.04
CA GLU C 28 -25.45 18.92 6.43
C GLU C 28 -25.62 19.84 5.24
N GLU C 29 -26.61 20.73 5.30
CA GLU C 29 -26.84 21.69 4.22
C GLU C 29 -25.95 22.91 4.36
N VAL C 30 -25.28 23.25 3.27
CA VAL C 30 -24.33 24.34 3.21
C VAL C 30 -24.68 25.21 1.98
N THR C 31 -24.23 26.47 1.95
CA THR C 31 -24.54 27.40 0.86
C THR C 31 -23.99 26.97 -0.49
N ASN C 32 -22.86 26.29 -0.45
CA ASN C 32 -22.17 25.92 -1.68
C ASN C 32 -21.15 24.84 -1.35
N ALA C 33 -20.80 24.03 -2.35
CA ALA C 33 -19.83 22.96 -2.20
C ALA C 33 -19.23 22.62 -3.55
N THR C 34 -18.10 21.93 -3.57
CA THR C 34 -17.47 21.63 -4.85
C THR C 34 -17.03 20.14 -4.89
N GLU C 35 -17.07 19.51 -6.08
CA GLU C 35 -16.72 18.09 -6.23
C GLU C 35 -15.24 17.80 -5.99
N THR C 36 -14.93 16.64 -5.45
CA THR C 36 -13.51 16.26 -5.31
C THR C 36 -13.17 14.98 -6.08
N VAL C 37 -14.19 14.23 -6.48
CA VAL C 37 -13.96 13.07 -7.34
C VAL C 37 -14.32 13.31 -8.82
N GLU C 38 -13.34 13.23 -9.72
CA GLU C 38 -13.62 13.34 -11.16
C GLU C 38 -14.39 12.12 -11.67
N SER C 39 -15.45 12.36 -12.43
CA SER C 39 -16.31 11.26 -12.89
C SER C 39 -16.43 11.22 -14.40
N THR C 40 -15.90 12.23 -15.10
CA THR C 40 -15.96 12.17 -16.54
C THR C 40 -14.53 12.23 -17.09
N GLY C 41 -14.23 11.34 -18.02
CA GLY C 41 -13.01 11.45 -18.78
C GLY C 41 -13.40 11.59 -20.23
N ILE C 42 -12.54 12.23 -21.00
CA ILE C 42 -12.42 12.07 -22.44
C ILE C 42 -12.28 10.64 -23.03
N ASN C 43 -13.15 10.27 -23.98
CA ASN C 43 -13.03 8.95 -24.60
C ASN C 43 -12.15 8.95 -25.85
N ARG C 44 -11.07 9.71 -25.81
CA ARG C 44 -10.05 9.69 -26.85
C ARG C 44 -8.69 9.67 -26.19
N LEU C 45 -7.65 9.32 -26.94
CA LEU C 45 -6.29 9.45 -26.42
C LEU C 45 -5.77 10.84 -26.79
N CYS C 46 -5.63 11.70 -25.80
CA CYS C 46 -5.22 13.08 -26.04
C CYS C 46 -3.72 13.17 -26.19
N MET C 47 -3.23 13.30 -27.43
CA MET C 47 -1.79 13.22 -27.71
C MET C 47 -1.08 14.54 -28.07
N LYS C 48 -1.74 15.68 -27.92
CA LYS C 48 -1.11 16.96 -28.18
C LYS C 48 0.12 17.08 -27.29
N GLY C 49 1.22 17.57 -27.86
CA GLY C 49 2.45 17.72 -27.12
C GLY C 49 3.27 16.43 -27.03
N ARG C 50 2.83 15.38 -27.71
CA ARG C 50 3.53 14.13 -27.60
C ARG C 50 3.93 13.58 -28.95
N LYS C 51 5.18 13.16 -29.07
CA LYS C 51 5.61 12.44 -30.24
C LYS C 51 5.20 11.00 -30.01
N HIS C 52 4.09 10.60 -30.60
CA HIS C 52 3.57 9.28 -30.30
C HIS C 52 3.58 8.34 -31.47
N LYS C 53 3.58 7.05 -31.15
CA LYS C 53 3.43 6.03 -32.17
C LYS C 53 2.24 5.15 -31.83
N ASP C 54 1.32 5.07 -32.78
CA ASP C 54 0.18 4.19 -32.73
C ASP C 54 0.57 2.90 -33.47
N LEU C 55 0.65 1.78 -32.75
CA LEU C 55 1.06 0.55 -33.36
C LEU C 55 -0.03 -0.09 -34.21
N GLY C 56 -1.28 0.36 -34.08
CA GLY C 56 -2.36 -0.24 -34.83
C GLY C 56 -2.39 -1.73 -34.55
N ASN C 57 -2.35 -2.56 -35.59
CA ASN C 57 -2.41 -4.03 -35.43
C ASN C 57 -1.03 -4.67 -35.24
N CYS C 58 0.00 -3.86 -35.04
CA CYS C 58 1.33 -4.35 -34.73
C CYS C 58 1.52 -4.49 -33.22
N HIS C 59 1.74 -5.72 -32.76
CA HIS C 59 2.14 -5.96 -31.38
C HIS C 59 3.59 -5.54 -31.10
N PRO C 60 3.86 -5.04 -29.90
CA PRO C 60 5.22 -4.64 -29.55
C PRO C 60 6.29 -5.72 -29.80
N ILE C 61 6.03 -6.98 -29.46
CA ILE C 61 6.97 -8.04 -29.78
C ILE C 61 7.31 -8.08 -31.28
N GLY C 62 6.29 -7.99 -32.15
CA GLY C 62 6.49 -8.01 -33.58
C GLY C 62 7.43 -6.92 -34.12
N MET C 63 7.58 -5.80 -33.40
CA MET C 63 8.57 -4.78 -33.76
C MET C 63 9.99 -5.35 -33.69
N LEU C 64 10.21 -6.26 -32.72
CA LEU C 64 11.55 -6.79 -32.49
C LEU C 64 11.93 -7.82 -33.56
N ILE C 65 10.97 -8.67 -33.94
CA ILE C 65 11.26 -9.76 -34.86
C ILE C 65 10.85 -9.49 -36.31
N GLY C 66 10.05 -8.45 -36.54
CA GLY C 66 9.73 -8.05 -37.91
C GLY C 66 8.59 -8.83 -38.53
N THR C 67 7.49 -8.96 -37.79
CA THR C 67 6.25 -9.46 -38.36
C THR C 67 5.78 -8.46 -39.43
N PRO C 68 5.14 -8.95 -40.50
CA PRO C 68 4.71 -8.05 -41.56
C PRO C 68 3.84 -6.91 -41.03
N ALA C 69 2.98 -7.25 -40.07
CA ALA C 69 2.11 -6.26 -39.46
C ALA C 69 2.88 -5.06 -38.91
N CYS C 70 4.12 -5.29 -38.49
CA CYS C 70 4.93 -4.22 -37.91
C CYS C 70 5.95 -3.58 -38.86
N ASP C 71 5.85 -3.82 -40.17
CA ASP C 71 6.83 -3.27 -41.11
C ASP C 71 7.01 -1.74 -40.99
N LEU C 72 5.94 -1.01 -40.68
CA LEU C 72 6.09 0.43 -40.50
C LEU C 72 6.48 0.80 -39.07
N HIS C 73 6.85 -0.19 -38.27
CA HIS C 73 7.17 0.01 -36.87
C HIS C 73 8.45 -0.73 -36.43
N LEU C 74 9.42 -0.87 -37.33
CA LEU C 74 10.66 -1.63 -37.06
C LEU C 74 11.73 -0.77 -36.37
N THR C 75 11.64 0.54 -36.58
CA THR C 75 12.51 1.53 -35.95
C THR C 75 11.66 2.76 -35.63
N GLY C 76 12.19 3.66 -34.81
CA GLY C 76 11.50 4.91 -34.51
C GLY C 76 11.88 5.61 -33.22
N MET C 77 11.33 6.80 -33.01
CA MET C 77 11.45 7.56 -31.76
C MET C 77 10.05 7.96 -31.33
N TRP C 78 9.80 7.96 -30.03
CA TRP C 78 8.47 8.34 -29.50
C TRP C 78 8.59 8.59 -28.00
N ASP C 79 7.70 9.41 -27.44
CA ASP C 79 7.64 9.52 -25.99
C ASP C 79 6.40 8.80 -25.48
N THR C 80 5.56 8.39 -26.42
CA THR C 80 4.33 7.70 -26.08
C THR C 80 4.08 6.59 -27.10
N LEU C 81 3.93 5.36 -26.61
CA LEU C 81 3.70 4.21 -27.47
C LEU C 81 2.33 3.61 -27.19
N ILE C 82 1.55 3.39 -28.23
CA ILE C 82 0.17 2.96 -28.05
C ILE C 82 -0.06 1.57 -28.61
N GLU C 83 -0.41 0.64 -27.73
CA GLU C 83 -0.70 -0.71 -28.14
C GLU C 83 -2.22 -0.92 -28.24
N ARG C 84 -2.65 -1.59 -29.30
CA ARG C 84 -4.06 -1.84 -29.56
C ARG C 84 -4.44 -3.26 -29.28
N GLU C 85 -5.72 -3.47 -28.99
CA GLU C 85 -6.21 -4.81 -28.71
C GLU C 85 -6.11 -5.71 -29.93
N ASN C 86 -5.68 -6.95 -29.72
CA ASN C 86 -5.54 -7.97 -30.77
C ASN C 86 -4.39 -7.73 -31.75
N ALA C 87 -3.41 -6.94 -31.35
CA ALA C 87 -2.27 -6.66 -32.22
C ALA C 87 -1.49 -7.95 -32.50
N ILE C 88 -0.85 -8.02 -33.67
CA ILE C 88 -0.26 -9.27 -34.07
C ILE C 88 1.24 -9.25 -33.81
N ALA C 89 1.71 -10.32 -33.17
CA ALA C 89 3.12 -10.50 -32.85
C ALA C 89 3.76 -11.52 -33.77
N TYR C 90 3.02 -12.58 -34.04
CA TYR C 90 3.58 -13.74 -34.70
C TYR C 90 2.85 -14.04 -35.97
N CYS C 91 3.58 -14.29 -37.04
CA CYS C 91 2.96 -14.83 -38.23
C CYS C 91 3.18 -16.36 -38.23
N TYR C 92 4.44 -16.78 -38.26
CA TYR C 92 4.76 -18.18 -38.01
C TYR C 92 4.43 -18.47 -36.55
N PRO C 93 3.51 -19.42 -36.32
CA PRO C 93 3.01 -19.57 -34.95
C PRO C 93 4.10 -19.90 -33.92
N GLY C 94 3.98 -19.31 -32.74
CA GLY C 94 4.87 -19.64 -31.64
C GLY C 94 4.65 -18.80 -30.39
N ALA C 95 5.69 -18.74 -29.56
CA ALA C 95 5.60 -18.00 -28.29
C ALA C 95 6.95 -17.52 -27.87
N THR C 96 6.97 -16.56 -26.97
CA THR C 96 8.22 -16.01 -26.48
C THR C 96 8.38 -16.35 -25.00
N VAL C 97 9.55 -16.82 -24.60
CA VAL C 97 9.84 -16.99 -23.19
C VAL C 97 9.96 -15.64 -22.54
N ASN C 98 9.29 -15.50 -21.38
CA ASN C 98 9.20 -14.24 -20.63
C ASN C 98 8.70 -13.09 -21.47
N VAL C 99 7.59 -13.35 -22.16
CA VAL C 99 7.01 -12.40 -23.10
C VAL C 99 6.57 -11.10 -22.44
N GLU C 100 5.96 -11.20 -21.26
CA GLU C 100 5.39 -10.02 -20.64
C GLU C 100 6.49 -9.11 -20.09
N ALA C 101 7.60 -9.71 -19.67
CA ALA C 101 8.75 -8.91 -19.28
C ALA C 101 9.24 -8.09 -20.47
N LEU C 102 9.43 -8.77 -21.59
CA LEU C 102 9.86 -8.17 -22.84
C LEU C 102 8.82 -7.15 -23.34
N ARG C 103 7.54 -7.47 -23.33
CA ARG C 103 6.56 -6.50 -23.76
C ARG C 103 6.66 -5.23 -22.90
N GLN C 104 6.99 -5.34 -21.61
CA GLN C 104 7.00 -4.13 -20.76
C GLN C 104 8.26 -3.30 -21.01
N LYS C 105 9.36 -3.97 -21.38
CA LYS C 105 10.60 -3.27 -21.64
C LYS C 105 10.40 -2.35 -22.82
N ILE C 106 9.76 -2.87 -23.87
CA ILE C 106 9.45 -2.09 -25.05
C ILE C 106 8.50 -0.96 -24.77
N MET C 107 7.51 -1.23 -23.95
CA MET C 107 6.49 -0.24 -23.60
C MET C 107 7.00 0.81 -22.63
N GLU C 108 8.19 0.60 -22.05
CA GLU C 108 8.86 1.60 -21.20
C GLU C 108 9.80 2.48 -22.05
N SER C 109 10.01 2.08 -23.30
CA SER C 109 11.10 2.69 -24.07
C SER C 109 10.65 3.96 -24.79
N GLY C 110 11.63 4.73 -25.29
CA GLY C 110 11.34 5.91 -26.11
C GLY C 110 11.80 5.77 -27.57
N GLY C 111 12.01 4.54 -28.01
CA GLY C 111 12.42 4.28 -29.38
C GLY C 111 13.17 2.97 -29.52
N ILE C 112 13.33 2.55 -30.78
CA ILE C 112 14.07 1.36 -31.16
C ILE C 112 14.93 1.72 -32.35
N ASN C 113 16.23 1.47 -32.25
CA ASN C 113 17.11 1.44 -33.41
C ASN C 113 17.43 0.00 -33.75
N LYS C 114 17.62 -0.29 -35.03
CA LYS C 114 18.02 -1.63 -35.44
C LYS C 114 19.46 -1.66 -35.92
N ILE C 115 20.22 -2.64 -35.47
CA ILE C 115 21.62 -2.81 -35.86
C ILE C 115 21.85 -4.20 -36.42
N SER C 116 22.46 -4.26 -37.60
CA SER C 116 22.66 -5.56 -38.24
C SER C 116 23.69 -6.43 -37.52
N THR C 117 23.43 -7.73 -37.46
CA THR C 117 24.33 -8.70 -36.84
C THR C 117 25.50 -9.06 -37.75
N GLY C 118 25.30 -8.90 -39.05
CA GLY C 118 26.29 -9.27 -40.05
C GLY C 118 26.49 -10.77 -40.20
N PHE C 119 25.55 -11.60 -39.72
CA PHE C 119 25.77 -13.05 -39.80
C PHE C 119 25.83 -13.51 -41.26
N THR C 120 26.78 -14.38 -41.57
CA THR C 120 26.85 -15.06 -42.86
C THR C 120 26.94 -16.57 -42.68
N TYR C 121 26.44 -17.30 -43.68
CA TYR C 121 26.42 -18.75 -43.62
C TYR C 121 27.10 -19.32 -44.84
N GLY C 122 27.76 -20.46 -44.68
CA GLY C 122 28.40 -21.10 -45.79
C GLY C 122 27.48 -21.66 -46.85
N SER C 123 28.10 -22.24 -47.87
CA SER C 123 27.43 -22.66 -49.08
C SER C 123 26.45 -23.83 -48.90
N SER C 124 26.40 -24.43 -47.72
CA SER C 124 25.47 -25.54 -47.50
C SER C 124 24.16 -25.15 -46.75
N ILE C 125 24.02 -23.87 -46.43
CA ILE C 125 22.83 -23.40 -45.72
C ILE C 125 21.96 -22.54 -46.63
N ASN C 126 20.67 -22.86 -46.67
CA ASN C 126 19.68 -21.98 -47.28
C ASN C 126 19.13 -21.04 -46.19
N SER C 127 19.36 -19.74 -46.40
CA SER C 127 19.04 -18.69 -45.43
C SER C 127 17.75 -17.99 -45.76
N ALA C 128 17.20 -18.33 -46.92
CA ALA C 128 16.10 -17.55 -47.47
C ALA C 128 14.76 -18.27 -47.37
N GLY C 129 14.67 -19.29 -46.52
CA GLY C 129 13.43 -20.04 -46.35
C GLY C 129 12.26 -19.11 -46.02
N THR C 130 11.11 -19.40 -46.64
CA THR C 130 9.92 -18.61 -46.42
C THR C 130 8.73 -19.52 -46.18
N THR C 131 7.58 -18.92 -45.88
CA THR C 131 6.44 -19.71 -45.48
C THR C 131 5.13 -19.00 -45.83
N ARG C 132 4.07 -19.80 -45.93
CA ARG C 132 2.76 -19.28 -46.26
C ARG C 132 2.18 -18.55 -45.07
N ALA C 133 2.80 -18.68 -43.90
CA ALA C 133 2.26 -18.04 -42.70
C ALA C 133 2.66 -16.55 -42.54
N CYS C 134 3.70 -16.09 -43.24
CA CYS C 134 4.12 -14.68 -43.19
C CYS C 134 4.10 -14.14 -44.59
N MET C 135 3.20 -13.22 -44.87
CA MET C 135 3.07 -12.77 -46.23
C MET C 135 3.46 -11.31 -46.37
N ARG C 136 4.13 -11.01 -47.49
CA ARG C 136 4.27 -9.66 -47.98
C ARG C 136 3.89 -9.67 -49.46
N ASN C 137 3.13 -8.67 -49.85
CA ASN C 137 2.61 -8.54 -51.21
C ASN C 137 1.80 -9.78 -51.62
N GLY C 138 1.23 -10.45 -50.61
CA GLY C 138 0.38 -11.59 -50.86
C GLY C 138 1.14 -12.85 -51.16
N GLY C 139 2.45 -12.83 -50.89
CA GLY C 139 3.30 -13.98 -51.14
C GLY C 139 4.11 -14.38 -49.93
N ASN C 140 4.62 -15.61 -49.96
CA ASN C 140 5.39 -16.15 -48.84
C ASN C 140 6.57 -15.27 -48.49
N SER C 141 6.79 -15.10 -47.19
CA SER C 141 7.87 -14.29 -46.65
C SER C 141 8.29 -14.91 -45.32
N PHE C 142 8.89 -14.12 -44.44
CA PHE C 142 9.33 -14.58 -43.13
C PHE C 142 9.57 -13.32 -42.31
N TYR C 143 9.84 -13.46 -41.01
CA TYR C 143 10.18 -12.34 -40.15
C TYR C 143 11.30 -11.48 -40.74
N ALA C 144 11.15 -10.16 -40.68
CA ALA C 144 12.13 -9.31 -41.34
C ALA C 144 13.49 -9.33 -40.61
N GLU C 145 13.48 -9.50 -39.29
CA GLU C 145 14.73 -9.45 -38.51
C GLU C 145 15.38 -10.82 -38.25
N LEU C 146 14.75 -11.88 -38.72
CA LEU C 146 15.25 -13.22 -38.47
C LEU C 146 15.48 -13.97 -39.78
N LYS C 147 16.19 -15.07 -39.72
CA LYS C 147 16.38 -15.87 -40.91
C LYS C 147 16.19 -17.33 -40.61
N TRP C 148 15.39 -17.99 -41.45
CA TRP C 148 15.13 -19.43 -41.29
C TRP C 148 16.19 -20.20 -42.07
N LEU C 149 17.09 -20.84 -41.35
CA LEU C 149 18.19 -21.54 -41.96
C LEU C 149 17.81 -22.99 -42.11
N VAL C 150 17.97 -23.53 -43.32
CA VAL C 150 17.77 -24.97 -43.51
C VAL C 150 18.89 -25.56 -44.35
N SER C 151 18.95 -26.88 -44.43
CA SER C 151 19.89 -27.52 -45.36
C SER C 151 19.57 -27.19 -46.82
N LYS C 152 20.59 -26.78 -47.58
CA LYS C 152 20.43 -26.57 -49.02
C LYS C 152 20.06 -27.91 -49.71
N SER C 153 20.67 -29.00 -49.27
CA SER C 153 20.25 -30.31 -49.77
C SER C 153 19.24 -30.94 -48.84
N LYS C 154 18.00 -31.01 -49.32
CA LYS C 154 16.89 -31.58 -48.58
C LYS C 154 17.28 -32.94 -48.01
N GLY C 155 17.05 -33.15 -46.71
CA GLY C 155 17.25 -34.45 -46.12
C GLY C 155 18.65 -34.66 -45.58
N GLN C 156 19.57 -33.73 -45.88
CA GLN C 156 20.97 -33.89 -45.51
C GLN C 156 21.32 -33.12 -44.24
N ASN C 157 22.35 -33.56 -43.53
CA ASN C 157 22.73 -32.91 -42.27
C ASN C 157 23.20 -31.45 -42.38
N PHE C 158 22.47 -30.56 -41.70
CA PHE C 158 22.84 -29.16 -41.51
C PHE C 158 24.22 -29.13 -40.89
N PRO C 159 25.16 -28.36 -41.47
CA PRO C 159 26.53 -28.33 -40.93
C PRO C 159 26.67 -27.62 -39.58
N GLN C 160 27.53 -28.14 -38.69
CA GLN C 160 27.89 -27.45 -37.45
C GLN C 160 28.40 -26.01 -37.76
N THR C 161 27.73 -25.03 -37.16
CA THR C 161 27.89 -23.62 -37.54
C THR C 161 28.05 -22.75 -36.30
N THR C 162 28.82 -21.67 -36.43
CA THR C 162 29.06 -20.72 -35.35
C THR C 162 28.76 -19.34 -35.90
N ASN C 163 27.96 -18.54 -35.21
CA ASN C 163 27.82 -17.14 -35.57
C ASN C 163 27.97 -16.30 -34.33
N THR C 164 28.66 -15.17 -34.43
CA THR C 164 28.92 -14.35 -33.26
C THR C 164 28.47 -12.92 -33.50
N TYR C 165 27.66 -12.39 -32.59
CA TYR C 165 27.35 -10.98 -32.59
C TYR C 165 28.22 -10.23 -31.58
N ARG C 166 28.82 -9.14 -32.05
CA ARG C 166 29.69 -8.33 -31.22
C ARG C 166 29.04 -6.97 -31.01
N ASN C 167 28.78 -6.64 -29.77
CA ASN C 167 28.26 -5.34 -29.44
C ASN C 167 29.39 -4.33 -29.31
N THR C 168 29.63 -3.58 -30.39
CA THR C 168 30.68 -2.57 -30.42
C THR C 168 30.17 -1.17 -30.03
N ASP C 169 28.98 -1.14 -29.43
CA ASP C 169 28.31 0.11 -29.08
C ASP C 169 28.55 0.47 -27.63
N THR C 170 27.98 1.57 -27.18
CA THR C 170 28.11 2.02 -25.81
C THR C 170 26.87 1.68 -24.96
N ALA C 171 25.84 1.15 -25.61
CA ALA C 171 24.61 0.77 -24.93
C ALA C 171 24.34 -0.71 -25.12
N GLU C 172 23.63 -1.31 -24.16
CA GLU C 172 23.22 -2.71 -24.27
C GLU C 172 22.27 -2.93 -25.46
N HIS C 173 22.46 -4.04 -26.18
CA HIS C 173 21.58 -4.42 -27.29
C HIS C 173 20.71 -5.63 -26.98
N LEU C 174 19.51 -5.63 -27.55
CA LEU C 174 18.56 -6.71 -27.31
C LEU C 174 18.52 -7.62 -28.53
N ILE C 175 19.01 -8.84 -28.36
CA ILE C 175 19.07 -9.84 -29.42
C ILE C 175 17.97 -10.88 -29.19
N MET C 176 17.24 -11.18 -30.25
CA MET C 176 16.21 -12.21 -30.25
C MET C 176 16.54 -13.34 -31.23
N TRP C 177 16.21 -14.58 -30.86
CA TRP C 177 16.34 -15.66 -31.82
C TRP C 177 15.18 -16.61 -31.67
N GLY C 178 15.06 -17.54 -32.61
CA GLY C 178 14.02 -18.54 -32.53
C GLY C 178 14.61 -19.95 -32.56
N ILE C 179 13.85 -20.89 -32.02
CA ILE C 179 14.15 -22.28 -32.06
C ILE C 179 12.95 -22.93 -32.75
N HIS C 180 13.22 -23.68 -33.81
CA HIS C 180 12.18 -24.29 -34.62
C HIS C 180 11.80 -25.66 -34.09
N HIS C 181 10.50 -25.89 -34.01
CA HIS C 181 9.96 -27.14 -33.50
C HIS C 181 9.04 -27.70 -34.53
N PRO C 182 9.55 -28.64 -35.35
CA PRO C 182 8.88 -29.20 -36.51
C PRO C 182 7.64 -29.97 -36.09
N SER C 183 6.78 -30.30 -37.03
CA SER C 183 5.55 -31.01 -36.71
C SER C 183 5.67 -32.53 -36.93
N SER C 184 6.73 -32.97 -37.59
CA SER C 184 6.91 -34.40 -37.83
C SER C 184 8.37 -34.70 -38.01
N THR C 185 8.74 -35.94 -37.73
CA THR C 185 10.08 -36.48 -38.00
C THR C 185 10.49 -36.28 -39.46
N GLN C 186 9.53 -36.46 -40.35
CA GLN C 186 9.73 -36.33 -41.76
C GLN C 186 10.17 -34.90 -42.11
N GLU C 187 9.46 -33.92 -41.56
CA GLU C 187 9.80 -32.52 -41.78
C GLU C 187 11.15 -32.14 -41.19
N LYS C 188 11.36 -32.55 -39.95
CA LYS C 188 12.62 -32.33 -39.29
C LYS C 188 13.77 -32.87 -40.14
N ASN C 189 13.64 -34.10 -40.64
CA ASN C 189 14.74 -34.69 -41.42
C ASN C 189 15.05 -33.95 -42.71
N THR C 190 14.00 -33.53 -43.40
CA THR C 190 14.12 -32.77 -44.63
C THR C 190 14.90 -31.47 -44.41
N LEU C 191 14.52 -30.71 -43.39
CA LEU C 191 15.13 -29.41 -43.12
C LEU C 191 16.56 -29.49 -42.60
N TYR C 192 16.81 -30.43 -41.67
CA TYR C 192 18.07 -30.42 -40.93
C TYR C 192 18.87 -31.73 -40.96
N GLY C 193 18.29 -32.80 -41.50
CA GLY C 193 18.97 -34.08 -41.53
C GLY C 193 18.59 -34.91 -40.32
N THR C 194 19.14 -36.12 -40.25
CA THR C 194 18.78 -37.14 -39.26
C THR C 194 19.56 -37.03 -37.94
N GLN C 195 20.68 -36.30 -37.98
CA GLN C 195 21.51 -36.01 -36.82
C GLN C 195 20.72 -35.47 -35.62
N SER C 196 21.30 -35.64 -34.44
CA SER C 196 20.83 -34.97 -33.24
C SER C 196 21.01 -33.47 -33.39
N LEU C 197 20.03 -32.68 -32.95
CA LEU C 197 20.12 -31.23 -33.09
C LEU C 197 20.41 -30.54 -31.77
N SER C 198 21.35 -29.60 -31.80
CA SER C 198 21.67 -28.81 -30.62
C SER C 198 21.95 -27.35 -30.99
N ILE C 199 21.49 -26.43 -30.16
CA ILE C 199 21.74 -25.01 -30.35
C ILE C 199 22.19 -24.47 -29.02
N SER C 200 23.43 -24.00 -28.92
CA SER C 200 23.85 -23.33 -27.69
C SER C 200 24.21 -21.89 -27.96
N VAL C 201 23.85 -21.06 -27.00
CA VAL C 201 24.05 -19.66 -27.12
C VAL C 201 24.83 -19.24 -25.90
N GLY C 202 25.86 -18.40 -26.07
CA GLY C 202 26.72 -17.99 -24.96
C GLY C 202 27.35 -16.61 -25.10
N SER C 203 27.18 -15.78 -24.07
CA SER C 203 27.87 -14.51 -23.97
C SER C 203 28.84 -14.58 -22.79
N SER C 204 29.28 -13.43 -22.28
CA SER C 204 29.99 -13.38 -20.99
C SER C 204 29.01 -13.52 -19.83
N THR C 205 27.72 -13.29 -20.08
CA THR C 205 26.73 -13.13 -19.03
C THR C 205 25.44 -13.95 -19.24
N TYR C 206 25.46 -14.87 -20.19
CA TYR C 206 24.30 -15.65 -20.57
C TYR C 206 24.79 -16.98 -21.15
N ARG C 207 24.20 -18.07 -20.66
CA ARG C 207 24.43 -19.38 -21.25
C ARG C 207 23.12 -20.13 -21.31
N ASN C 208 22.80 -20.64 -22.49
CA ASN C 208 21.60 -21.45 -22.65
C ASN C 208 21.75 -22.38 -23.83
N ASN C 209 20.90 -23.39 -23.89
CA ASN C 209 20.99 -24.31 -25.00
C ASN C 209 19.64 -24.94 -25.28
N PHE C 210 19.41 -25.40 -26.50
CA PHE C 210 18.06 -25.73 -26.92
C PHE C 210 18.03 -26.90 -27.87
N VAL C 211 16.94 -27.67 -27.83
CA VAL C 211 16.71 -28.78 -28.74
C VAL C 211 15.34 -28.69 -29.45
N PRO C 212 15.38 -28.61 -30.79
CA PRO C 212 14.14 -28.71 -31.57
C PRO C 212 13.42 -30.00 -31.21
N VAL C 213 12.14 -29.90 -30.96
CA VAL C 213 11.33 -31.04 -30.60
C VAL C 213 10.15 -31.20 -31.55
N VAL C 214 10.00 -32.41 -32.07
CA VAL C 214 8.96 -32.77 -33.02
C VAL C 214 7.66 -33.13 -32.29
N GLY C 215 6.52 -32.79 -32.86
CA GLY C 215 5.27 -33.17 -32.19
C GLY C 215 4.04 -32.68 -32.92
N ALA C 216 3.01 -33.52 -33.00
CA ALA C 216 1.75 -33.15 -33.65
C ALA C 216 1.03 -32.04 -32.89
N ARG C 217 0.61 -31.00 -33.61
CA ARG C 217 -0.06 -29.85 -32.97
C ARG C 217 -1.16 -29.33 -33.87
N PRO C 218 -2.12 -28.59 -33.31
CA PRO C 218 -3.14 -27.93 -34.14
C PRO C 218 -2.50 -26.91 -35.11
N GLN C 219 -3.18 -26.58 -36.20
CA GLN C 219 -2.67 -25.63 -37.18
C GLN C 219 -3.01 -24.21 -36.78
N VAL C 220 -2.01 -23.35 -36.77
CA VAL C 220 -2.21 -21.95 -36.47
C VAL C 220 -1.61 -21.23 -37.66
N ASN C 221 -2.42 -20.44 -38.36
CA ASN C 221 -2.06 -19.93 -39.69
C ASN C 221 -1.59 -21.07 -40.63
N GLY C 222 -2.20 -22.24 -40.47
CA GLY C 222 -1.96 -23.34 -41.36
C GLY C 222 -0.79 -24.23 -41.01
N LEU C 223 -0.06 -23.88 -39.97
CA LEU C 223 1.14 -24.64 -39.63
C LEU C 223 1.05 -25.39 -38.30
N SER C 224 1.52 -26.64 -38.28
CA SER C 224 1.54 -27.42 -37.04
C SER C 224 2.87 -27.34 -36.33
N SER C 225 3.89 -26.82 -37.01
CA SER C 225 5.17 -26.61 -36.36
C SER C 225 5.14 -25.25 -35.63
N ARG C 226 6.18 -24.98 -34.84
CA ARG C 226 6.21 -23.78 -34.00
C ARG C 226 7.59 -23.18 -33.97
N ILE C 227 7.66 -21.91 -33.61
CA ILE C 227 8.91 -21.28 -33.27
C ILE C 227 8.81 -20.74 -31.85
N ASP C 228 9.73 -21.15 -30.99
CA ASP C 228 9.85 -20.56 -29.64
C ASP C 228 10.88 -19.43 -29.73
N PHE C 229 10.50 -18.21 -29.35
CA PHE C 229 11.46 -17.13 -29.36
C PHE C 229 12.14 -16.95 -28.00
N HIS C 230 13.41 -16.55 -28.04
CA HIS C 230 14.20 -16.29 -26.85
C HIS C 230 14.95 -14.98 -27.01
N TRP C 231 15.19 -14.29 -25.91
CA TRP C 231 15.92 -13.04 -25.99
C TRP C 231 16.89 -12.84 -24.84
N THR C 232 17.88 -11.98 -25.04
CA THR C 232 18.74 -11.56 -23.95
C THR C 232 19.36 -10.20 -24.25
N LEU C 233 19.88 -9.55 -23.21
CA LEU C 233 20.57 -8.29 -23.37
C LEU C 233 22.05 -8.55 -23.53
N VAL C 234 22.64 -7.93 -24.56
CA VAL C 234 24.08 -8.04 -24.79
C VAL C 234 24.76 -6.74 -24.37
N GLN C 235 25.63 -6.82 -23.38
CA GLN C 235 26.29 -5.65 -22.85
C GLN C 235 27.31 -5.06 -23.83
N PRO C 236 27.61 -3.75 -23.72
CA PRO C 236 28.59 -3.11 -24.60
C PRO C 236 29.95 -3.75 -24.43
N GLY C 237 30.60 -4.13 -25.52
CA GLY C 237 31.91 -4.76 -25.45
C GLY C 237 31.87 -6.29 -25.35
N ASP C 238 30.67 -6.87 -25.31
CA ASP C 238 30.52 -8.30 -25.13
C ASP C 238 30.10 -8.92 -26.48
N ASN C 239 30.43 -10.18 -26.64
CA ASN C 239 30.08 -10.96 -27.82
C ASN C 239 29.12 -12.07 -27.40
N ILE C 240 28.13 -12.36 -28.23
CA ILE C 240 27.29 -13.52 -27.96
C ILE C 240 27.40 -14.48 -29.18
N THR C 241 27.59 -15.77 -28.90
CA THR C 241 27.90 -16.73 -29.96
C THR C 241 26.85 -17.84 -30.05
N PHE C 242 26.44 -18.15 -31.27
CA PHE C 242 25.45 -19.18 -31.53
C PHE C 242 26.20 -20.37 -32.14
N SER C 243 26.16 -21.52 -31.47
CA SER C 243 26.67 -22.76 -32.05
C SER C 243 25.47 -23.64 -32.38
N HIS C 244 25.32 -24.03 -33.64
CA HIS C 244 24.11 -24.74 -34.00
C HIS C 244 24.31 -25.65 -35.19
N ASN C 245 23.42 -26.64 -35.31
CA ASN C 245 23.48 -27.60 -36.42
C ASN C 245 22.11 -27.98 -36.96
N GLY C 246 21.16 -27.05 -36.87
CA GLY C 246 19.83 -27.19 -37.43
C GLY C 246 18.79 -26.78 -36.41
N GLY C 247 17.89 -25.87 -36.74
CA GLY C 247 16.86 -25.45 -35.80
C GLY C 247 16.91 -23.98 -35.35
N LEU C 248 18.05 -23.33 -35.52
CA LEU C 248 18.16 -21.94 -35.18
C LEU C 248 17.41 -21.10 -36.19
N ILE C 249 16.54 -20.22 -35.70
CA ILE C 249 16.00 -19.13 -36.48
C ILE C 249 16.89 -17.92 -36.11
N ALA C 250 17.81 -17.53 -36.99
CA ALA C 250 18.92 -16.66 -36.59
C ALA C 250 18.60 -15.17 -36.78
N PRO C 251 19.06 -14.32 -35.83
CA PRO C 251 18.84 -12.88 -35.98
C PRO C 251 19.70 -12.27 -37.09
N SER C 252 19.06 -11.52 -37.97
CA SER C 252 19.76 -10.70 -38.96
C SER C 252 19.95 -9.24 -38.45
N ARG C 253 19.18 -8.83 -37.42
CA ARG C 253 19.40 -7.54 -36.77
C ARG C 253 19.09 -7.65 -35.28
N VAL C 254 19.70 -6.77 -34.49
CA VAL C 254 19.45 -6.76 -33.07
C VAL C 254 18.80 -5.42 -32.82
N SER C 255 18.23 -5.26 -31.62
CA SER C 255 17.47 -4.07 -31.28
C SER C 255 18.14 -3.27 -30.17
N LYS C 256 18.02 -1.96 -30.25
CA LYS C 256 18.48 -1.11 -29.17
C LYS C 256 17.33 -0.26 -28.67
N LEU C 257 16.89 -0.48 -27.44
CA LEU C 257 15.85 0.36 -26.86
C LEU C 257 16.42 1.70 -26.41
N ILE C 258 15.73 2.77 -26.76
CA ILE C 258 16.31 4.10 -26.59
C ILE C 258 15.46 5.01 -25.72
N GLY C 259 16.04 5.46 -24.61
CA GLY C 259 15.36 6.41 -23.75
C GLY C 259 14.11 5.83 -23.09
N ARG C 260 13.19 6.72 -22.76
CA ARG C 260 12.08 6.35 -21.91
C ARG C 260 10.79 6.90 -22.50
N GLY C 261 9.73 6.12 -22.41
CA GLY C 261 8.47 6.55 -22.95
C GLY C 261 7.31 5.97 -22.15
N LEU C 262 6.13 6.54 -22.35
CA LEU C 262 4.93 6.05 -21.68
C LEU C 262 4.14 5.07 -22.58
N GLY C 263 3.97 3.83 -22.09
CA GLY C 263 3.18 2.86 -22.81
C GLY C 263 1.73 2.92 -22.38
N ILE C 264 0.85 2.91 -23.37
CA ILE C 264 -0.58 2.97 -23.20
C ILE C 264 -1.22 1.84 -23.98
N GLN C 265 -2.10 1.06 -23.35
CA GLN C 265 -2.96 0.09 -24.01
C GLN C 265 -4.39 0.61 -24.04
N SER C 266 -4.91 0.94 -25.21
CA SER C 266 -6.24 1.52 -25.32
C SER C 266 -6.74 1.33 -26.71
N ASP C 267 -8.05 1.28 -26.91
CA ASP C 267 -8.58 1.34 -28.28
C ASP C 267 -9.37 2.64 -28.53
N ALA C 268 -9.07 3.70 -27.80
CA ALA C 268 -9.69 5.00 -28.04
C ALA C 268 -9.02 5.71 -29.21
N PRO C 269 -9.83 6.34 -30.07
CA PRO C 269 -9.23 7.11 -31.18
C PRO C 269 -8.28 8.17 -30.66
N ILE C 270 -7.33 8.56 -31.49
CA ILE C 270 -6.33 9.54 -31.11
C ILE C 270 -6.82 10.94 -31.45
N ASP C 271 -6.59 11.88 -30.54
CA ASP C 271 -6.95 13.30 -30.72
C ASP C 271 -5.71 14.17 -30.51
N ASN C 272 -5.28 14.84 -31.57
CA ASN C 272 -4.06 15.63 -31.49
C ASN C 272 -4.26 17.05 -31.03
N ASN C 273 -5.50 17.41 -30.73
CA ASN C 273 -5.82 18.79 -30.37
C ASN C 273 -6.08 18.97 -28.89
N CYS C 274 -6.07 17.86 -28.13
CA CYS C 274 -6.19 17.94 -26.68
C CYS C 274 -5.00 17.23 -26.01
N GLU C 275 -4.61 17.72 -24.83
CA GLU C 275 -3.48 17.12 -24.15
C GLU C 275 -3.92 16.49 -22.83
N SER C 276 -3.07 15.64 -22.28
CA SER C 276 -3.38 14.89 -21.05
C SER C 276 -2.12 14.25 -20.47
N LYS C 277 -2.15 13.95 -19.18
CA LYS C 277 -1.04 13.29 -18.52
C LYS C 277 -1.49 11.97 -17.91
N CYS C 278 -2.78 11.67 -18.07
CA CYS C 278 -3.39 10.48 -17.50
C CYS C 278 -4.25 9.65 -18.45
N PHE C 279 -3.96 8.36 -18.54
CA PHE C 279 -4.67 7.50 -19.49
C PHE C 279 -5.20 6.20 -18.89
N TRP C 280 -6.19 5.64 -19.56
CA TRP C 280 -6.79 4.38 -19.16
C TRP C 280 -7.33 3.68 -20.42
N ARG C 281 -7.93 2.51 -20.26
CA ARG C 281 -8.26 1.69 -21.41
C ARG C 281 -9.13 2.45 -22.39
N GLY C 282 -10.02 3.29 -21.90
CA GLY C 282 -10.76 4.04 -22.88
C GLY C 282 -10.71 5.53 -22.76
N GLY C 283 -9.50 6.09 -22.86
CA GLY C 283 -9.39 7.52 -22.93
C GLY C 283 -8.35 8.20 -22.07
N SER C 284 -8.59 9.49 -21.87
CA SER C 284 -7.70 10.34 -21.13
C SER C 284 -8.52 10.93 -19.97
N ILE C 285 -7.82 11.36 -18.92
CA ILE C 285 -8.47 12.08 -17.83
C ILE C 285 -7.79 13.43 -17.66
N ASN C 286 -8.50 14.52 -17.91
CA ASN C 286 -8.00 15.86 -17.58
C ASN C 286 -8.79 16.43 -16.44
N THR C 287 -8.14 16.59 -15.30
CA THR C 287 -8.82 17.09 -14.13
C THR C 287 -7.82 17.66 -13.14
N ARG C 288 -8.32 18.57 -12.32
CA ARG C 288 -7.55 19.25 -11.31
C ARG C 288 -7.75 18.50 -10.00
N LEU C 289 -8.86 17.79 -9.93
CA LEU C 289 -9.30 17.04 -8.75
C LEU C 289 -8.31 15.96 -8.30
N PRO C 290 -8.22 15.69 -6.99
CA PRO C 290 -7.22 14.73 -6.52
C PRO C 290 -7.67 13.28 -6.65
N PHE C 291 -8.97 13.03 -6.82
CA PHE C 291 -9.50 11.67 -6.94
C PHE C 291 -10.30 11.50 -8.22
N GLN C 292 -10.38 10.26 -8.70
CA GLN C 292 -11.21 9.97 -9.87
C GLN C 292 -11.96 8.66 -9.68
N ASN C 293 -13.09 8.47 -10.36
CA ASN C 293 -13.77 7.18 -10.24
C ASN C 293 -13.99 6.51 -11.61
N LEU C 294 -13.22 6.93 -12.61
CA LEU C 294 -13.30 6.35 -13.96
C LEU C 294 -12.73 4.93 -14.06
N SER C 295 -11.57 4.69 -13.46
CA SER C 295 -10.91 3.40 -13.61
C SER C 295 -9.81 3.16 -12.58
N PRO C 296 -9.71 1.92 -12.10
CA PRO C 296 -8.64 1.53 -11.18
C PRO C 296 -7.32 1.25 -11.90
N ARG C 297 -7.34 1.16 -13.22
CA ARG C 297 -6.11 0.90 -13.97
C ARG C 297 -5.74 2.10 -14.83
N THR C 298 -4.88 2.96 -14.30
CA THR C 298 -4.51 4.13 -15.05
C THR C 298 -3.02 4.18 -15.20
N VAL C 299 -2.57 5.09 -16.05
CA VAL C 299 -1.18 5.16 -16.40
C VAL C 299 -0.86 6.64 -16.63
N GLY C 300 0.34 7.07 -16.24
CA GLY C 300 0.75 8.47 -16.33
C GLY C 300 0.70 9.19 -14.97
N GLN C 301 0.39 10.49 -14.97
CA GLN C 301 0.23 11.26 -13.72
C GLN C 301 -1.25 11.48 -13.44
N CYS C 302 -1.77 10.72 -12.49
CA CYS C 302 -3.20 10.52 -12.35
C CYS C 302 -3.71 10.84 -10.96
N PRO C 303 -4.95 11.34 -10.88
CA PRO C 303 -5.61 11.41 -9.57
C PRO C 303 -5.78 10.00 -9.02
N LYS C 304 -5.82 9.85 -7.70
CA LYS C 304 -6.02 8.52 -7.11
C LYS C 304 -7.47 8.02 -7.30
N TYR C 305 -7.59 6.76 -7.70
CA TYR C 305 -8.90 6.15 -7.91
C TYR C 305 -9.65 5.91 -6.59
N VAL C 306 -10.93 6.27 -6.52
CA VAL C 306 -11.67 5.99 -5.28
C VAL C 306 -12.99 5.33 -5.61
N ASN C 307 -13.43 4.44 -4.70
CA ASN C 307 -14.69 3.71 -4.87
C ASN C 307 -15.92 4.57 -4.48
N ARG C 308 -16.02 5.78 -5.03
CA ARG C 308 -17.16 6.65 -4.72
C ARG C 308 -17.55 7.49 -5.92
N ARG C 309 -18.86 7.72 -6.02
CA ARG C 309 -19.39 8.52 -7.10
C ARG C 309 -19.16 10.01 -6.80
N SER C 310 -19.13 10.38 -5.52
CA SER C 310 -19.15 11.78 -5.16
C SER C 310 -18.72 12.09 -3.74
N LEU C 311 -17.85 13.08 -3.61
CA LEU C 311 -17.43 13.61 -2.32
C LEU C 311 -17.42 15.13 -2.36
N MET C 312 -18.50 15.74 -1.89
CA MET C 312 -18.62 17.18 -1.92
C MET C 312 -17.87 17.86 -0.78
N LEU C 313 -17.02 18.79 -1.16
CA LEU C 313 -16.30 19.60 -0.22
C LEU C 313 -17.01 20.94 -0.03
N ALA C 314 -17.43 21.22 1.19
CA ALA C 314 -18.14 22.47 1.48
C ALA C 314 -17.28 23.67 1.11
N THR C 315 -17.90 24.69 0.53
CA THR C 315 -17.17 25.88 0.16
C THR C 315 -17.93 27.11 0.67
N GLY C 316 -18.65 26.90 1.77
CA GLY C 316 -19.42 27.93 2.43
C GLY C 316 -19.95 27.43 3.76
N MET C 317 -20.78 28.26 4.39
CA MET C 317 -21.29 28.05 5.74
C MET C 317 -22.57 27.25 5.71
N ARG C 318 -23.01 26.76 6.87
CA ARG C 318 -24.34 26.11 6.96
C ARG C 318 -25.40 27.00 6.33
N ASN C 319 -26.23 26.43 5.47
CA ASN C 319 -27.29 27.22 4.89
C ASN C 319 -28.48 27.14 5.82
N VAL C 320 -28.90 28.30 6.35
CA VAL C 320 -30.02 28.38 7.29
C VAL C 320 -31.09 29.30 6.70
N PRO C 321 -32.00 28.74 5.88
CA PRO C 321 -33.02 29.52 5.17
C PRO C 321 -34.12 29.95 6.11
N GLU C 322 -34.83 31.03 5.81
CA GLU C 322 -35.93 31.43 6.69
C GLU C 322 -37.05 30.36 6.61
N LEU C 323 -37.66 30.03 7.76
CA LEU C 323 -38.65 28.95 7.84
C LEU C 323 -40.10 29.46 7.75
N LEU D 1 -18.04 24.25 17.64
CA LEU D 1 -19.07 25.25 17.28
C LEU D 1 -19.15 26.45 18.24
N PHE D 2 -19.64 27.56 17.68
CA PHE D 2 -19.54 28.87 18.29
C PHE D 2 -20.84 29.54 18.67
N GLY D 3 -21.97 28.94 18.35
CA GLY D 3 -23.20 29.45 18.92
C GLY D 3 -23.98 30.44 18.09
N ALA D 4 -23.35 31.04 17.08
CA ALA D 4 -24.05 32.01 16.21
C ALA D 4 -24.76 31.40 15.02
N ILE D 5 -24.02 31.01 13.99
CA ILE D 5 -24.67 30.46 12.79
C ILE D 5 -25.40 29.16 13.12
N ALA D 6 -26.68 29.09 12.75
CA ALA D 6 -27.58 28.01 13.15
C ALA D 6 -27.66 27.90 14.69
N GLY D 7 -27.37 29.00 15.37
CA GLY D 7 -27.30 29.03 16.83
C GLY D 7 -28.22 30.13 17.30
N PHE D 8 -27.67 31.17 17.94
CA PHE D 8 -28.54 32.21 18.50
C PHE D 8 -29.04 33.15 17.40
N LEU D 9 -28.49 33.04 16.20
CA LEU D 9 -29.07 33.71 15.04
C LEU D 9 -30.09 32.77 14.41
N GLU D 10 -31.33 33.23 14.27
CA GLU D 10 -32.39 32.32 13.84
C GLU D 10 -32.22 31.78 12.41
N ASN D 11 -31.78 32.63 11.49
CA ASN D 11 -31.60 32.21 10.10
C ASN D 11 -30.70 33.16 9.31
N GLY D 12 -30.31 32.78 8.09
CA GLY D 12 -29.50 33.67 7.27
C GLY D 12 -30.32 34.69 6.49
N TRP D 13 -29.65 35.69 5.93
CA TRP D 13 -30.35 36.69 5.12
C TRP D 13 -30.17 36.36 3.65
N GLU D 14 -31.22 35.85 3.00
CA GLU D 14 -31.18 35.55 1.56
C GLU D 14 -30.93 36.81 0.73
N GLY D 15 -31.48 37.93 1.19
CA GLY D 15 -31.38 39.17 0.43
C GLY D 15 -30.10 39.92 0.70
N MET D 16 -29.14 39.27 1.34
CA MET D 16 -27.81 39.86 1.45
C MET D 16 -26.88 39.19 0.45
N VAL D 17 -26.69 39.86 -0.68
CA VAL D 17 -26.06 39.23 -1.83
C VAL D 17 -24.65 39.70 -2.09
N ASP D 18 -24.15 40.70 -1.39
CA ASP D 18 -22.75 40.99 -1.61
C ASP D 18 -21.96 40.92 -0.33
N GLY D 19 -22.27 39.90 0.46
CA GLY D 19 -21.44 39.58 1.60
C GLY D 19 -21.87 38.29 2.23
N TRP D 20 -20.95 37.68 2.97
CA TRP D 20 -21.29 36.54 3.79
C TRP D 20 -21.85 36.99 5.13
N TYR D 21 -21.32 38.11 5.62
CA TYR D 21 -21.70 38.67 6.91
C TYR D 21 -22.05 40.14 6.76
N GLY D 22 -23.03 40.60 7.53
CA GLY D 22 -23.42 42.00 7.50
C GLY D 22 -24.31 42.53 8.60
N PHE D 23 -24.88 43.70 8.33
CA PHE D 23 -25.60 44.47 9.32
C PHE D 23 -26.96 44.89 8.80
N ARG D 24 -27.98 44.73 9.63
CA ARG D 24 -29.28 45.34 9.40
C ARG D 24 -29.57 46.30 10.56
N HIS D 25 -30.04 47.50 10.25
CA HIS D 25 -30.27 48.47 11.30
C HIS D 25 -31.63 49.12 11.17
N GLN D 26 -32.01 49.83 12.21
CA GLN D 26 -33.32 50.47 12.30
C GLN D 26 -33.17 51.74 13.12
N ASN D 27 -33.51 52.88 12.52
CA ASN D 27 -33.45 54.16 13.21
C ASN D 27 -34.58 55.07 12.73
N ALA D 28 -34.51 56.35 13.08
CA ALA D 28 -35.55 57.31 12.70
C ALA D 28 -35.64 57.41 11.18
N GLN D 29 -34.50 57.42 10.50
CA GLN D 29 -34.49 57.50 9.04
C GLN D 29 -35.04 56.26 8.33
N GLY D 30 -35.27 55.19 9.08
CA GLY D 30 -35.81 53.94 8.52
C GLY D 30 -34.85 52.78 8.74
N THR D 31 -34.76 51.89 7.75
CA THR D 31 -33.87 50.74 7.86
C THR D 31 -32.90 50.65 6.67
N GLY D 32 -31.94 49.74 6.79
CA GLY D 32 -30.93 49.54 5.78
C GLY D 32 -30.19 48.23 6.02
N GLN D 33 -29.36 47.85 5.06
CA GLN D 33 -28.57 46.64 5.13
C GLN D 33 -27.21 46.88 4.52
N ALA D 34 -26.17 46.32 5.12
CA ALA D 34 -24.83 46.44 4.56
C ALA D 34 -24.01 45.19 4.88
N ALA D 35 -23.19 44.77 3.92
CA ALA D 35 -22.29 43.66 4.15
C ALA D 35 -21.02 44.14 4.83
N ASP D 36 -20.41 43.27 5.62
CA ASP D 36 -19.12 43.59 6.20
C ASP D 36 -18.04 42.88 5.38
N TYR D 37 -17.18 43.68 4.76
CA TYR D 37 -16.22 43.18 3.79
C TYR D 37 -15.11 42.34 4.41
N LYS D 38 -14.58 42.77 5.55
CA LYS D 38 -13.43 42.10 6.10
C LYS D 38 -13.75 40.68 6.55
N SER D 39 -14.85 40.54 7.31
CA SER D 39 -15.19 39.23 7.85
C SER D 39 -15.50 38.24 6.73
N THR D 40 -16.13 38.72 5.66
CA THR D 40 -16.50 37.85 4.55
C THR D 40 -15.25 37.41 3.78
N GLN D 41 -14.28 38.32 3.65
CA GLN D 41 -13.00 38.00 3.06
C GLN D 41 -12.19 37.00 3.90
N ALA D 42 -12.26 37.13 5.22
CA ALA D 42 -11.50 36.22 6.06
C ALA D 42 -12.07 34.83 5.91
N ALA D 43 -13.39 34.73 5.79
CA ALA D 43 -14.04 33.44 5.56
C ALA D 43 -13.67 32.92 4.19
N ILE D 44 -13.79 33.78 3.17
CA ILE D 44 -13.58 33.39 1.78
C ILE D 44 -12.11 33.01 1.53
N ASP D 45 -11.18 33.78 2.08
CA ASP D 45 -9.74 33.53 1.88
C ASP D 45 -9.34 32.20 2.45
N GLN D 46 -10.09 31.74 3.46
CA GLN D 46 -9.74 30.50 4.12
C GLN D 46 -10.26 29.31 3.32
N ILE D 47 -11.44 29.45 2.75
CA ILE D 47 -11.94 28.46 1.82
C ILE D 47 -10.98 28.25 0.64
N THR D 48 -10.55 29.35 0.03
CA THR D 48 -9.70 29.21 -1.14
C THR D 48 -8.33 28.64 -0.73
N GLY D 49 -7.94 28.77 0.53
CA GLY D 49 -6.75 28.10 1.01
C GLY D 49 -6.92 26.58 0.99
N LYS D 50 -8.12 26.10 1.32
CA LYS D 50 -8.44 24.68 1.29
C LYS D 50 -8.47 24.14 -0.12
N LEU D 51 -9.04 24.92 -1.02
CA LEU D 51 -9.17 24.56 -2.42
C LEU D 51 -7.78 24.49 -3.09
N ASN D 52 -6.92 25.43 -2.71
CA ASN D 52 -5.55 25.44 -3.20
C ASN D 52 -4.82 24.17 -2.77
N ARG D 53 -5.01 23.76 -1.52
CA ARG D 53 -4.42 22.53 -1.00
C ARG D 53 -4.97 21.32 -1.75
N LEU D 54 -6.26 21.31 -2.02
CA LEU D 54 -6.89 20.18 -2.66
C LEU D 54 -6.44 19.92 -4.11
N VAL D 55 -6.05 20.95 -4.83
CA VAL D 55 -5.68 20.78 -6.24
C VAL D 55 -4.16 20.71 -6.52
N GLU D 56 -3.34 20.73 -5.47
CA GLU D 56 -1.89 20.53 -5.62
C GLU D 56 -1.58 19.12 -6.17
N LYS D 57 -0.52 19.01 -6.96
CA LYS D 57 -0.05 17.71 -7.46
C LYS D 57 1.40 17.78 -7.94
N THR D 60 3.25 11.90 -9.13
CA THR D 60 4.10 10.74 -9.42
C THR D 60 3.66 10.10 -10.74
N GLU D 61 4.60 9.74 -11.58
CA GLU D 61 4.23 9.04 -12.81
C GLU D 61 4.13 7.56 -12.54
N PHE D 62 3.08 6.92 -13.04
CA PHE D 62 2.96 5.47 -12.89
C PHE D 62 2.89 4.80 -14.24
N GLU D 63 3.47 3.61 -14.33
CA GLU D 63 3.38 2.78 -15.54
C GLU D 63 2.47 1.59 -15.29
N SER D 64 2.17 0.87 -16.36
CA SER D 64 1.28 -0.27 -16.29
C SER D 64 1.97 -1.47 -15.67
N ILE D 65 1.24 -2.18 -14.82
CA ILE D 65 1.71 -3.45 -14.32
C ILE D 65 0.65 -4.55 -14.54
N GLU D 66 -0.43 -4.24 -15.24
CA GLU D 66 -1.27 -5.32 -15.75
C GLU D 66 -1.69 -5.05 -17.17
N SER D 67 -1.46 -6.04 -18.01
CA SER D 67 -1.81 -5.96 -19.43
C SER D 67 -3.32 -5.95 -19.58
N GLU D 68 -3.86 -4.87 -20.16
CA GLU D 68 -5.22 -4.81 -20.70
C GLU D 68 -5.59 -6.00 -21.61
N PHE D 69 -4.64 -6.43 -22.44
CA PHE D 69 -4.93 -7.13 -23.70
C PHE D 69 -4.29 -8.52 -23.80
N SER D 70 -3.57 -8.96 -22.77
CA SER D 70 -2.96 -10.29 -22.80
C SER D 70 -3.00 -10.91 -21.40
N GLU D 71 -2.79 -12.22 -21.38
CA GLU D 71 -2.85 -13.01 -20.16
C GLU D 71 -1.81 -12.57 -19.15
N ILE D 72 -2.18 -12.53 -17.88
CA ILE D 72 -1.21 -12.28 -16.84
C ILE D 72 -1.10 -13.51 -15.95
N GLU D 73 0.12 -13.90 -15.57
CA GLU D 73 0.32 -15.12 -14.79
C GLU D 73 -0.54 -15.06 -13.51
N HIS D 74 -1.08 -16.20 -13.11
CA HIS D 74 -2.16 -16.19 -12.12
C HIS D 74 -1.75 -15.76 -10.72
N GLN D 75 -0.66 -16.31 -10.18
CA GLN D 75 -0.20 -15.87 -8.87
C GLN D 75 0.21 -14.37 -8.79
N ILE D 76 0.97 -13.87 -9.77
CA ILE D 76 1.43 -12.48 -9.73
C ILE D 76 0.22 -11.54 -9.90
N GLY D 77 -0.78 -12.02 -10.63
CA GLY D 77 -1.99 -11.30 -10.93
C GLY D 77 -2.87 -11.13 -9.70
N ASN D 78 -2.93 -12.17 -8.88
CA ASN D 78 -3.63 -12.09 -7.60
C ASN D 78 -2.95 -11.15 -6.61
N VAL D 79 -1.63 -11.15 -6.58
CA VAL D 79 -0.90 -10.21 -5.74
C VAL D 79 -1.18 -8.76 -6.16
N ILE D 80 -1.16 -8.51 -7.47
CA ILE D 80 -1.42 -7.18 -8.01
C ILE D 80 -2.85 -6.74 -7.65
N ASN D 81 -3.82 -7.64 -7.81
CA ASN D 81 -5.21 -7.35 -7.47
C ASN D 81 -5.36 -7.07 -6.00
N TRP D 82 -4.64 -7.79 -5.15
CA TRP D 82 -4.70 -7.60 -3.71
C TRP D 82 -4.07 -6.27 -3.30
N THR D 83 -2.92 -5.97 -3.88
CA THR D 83 -2.22 -4.72 -3.64
C THR D 83 -3.03 -3.52 -4.13
N LYS D 84 -3.52 -3.59 -5.35
CA LYS D 84 -4.27 -2.49 -5.90
C LYS D 84 -5.58 -2.24 -5.14
N ASP D 85 -6.28 -3.30 -4.75
CA ASP D 85 -7.48 -3.11 -3.94
C ASP D 85 -7.11 -2.51 -2.56
N SER D 86 -6.02 -2.98 -1.95
CA SER D 86 -5.60 -2.41 -0.65
C SER D 86 -5.20 -0.94 -0.75
N ILE D 87 -4.67 -0.52 -1.91
CA ILE D 87 -4.34 0.88 -2.10
C ILE D 87 -5.62 1.70 -2.26
N THR D 88 -6.60 1.12 -2.95
CA THR D 88 -7.84 1.83 -3.18
C THR D 88 -8.66 1.99 -1.89
N ASP D 89 -8.63 0.98 -1.03
CA ASP D 89 -9.30 1.10 0.28
C ASP D 89 -8.68 2.25 1.09
N ILE D 90 -7.35 2.34 1.08
CA ILE D 90 -6.70 3.43 1.79
C ILE D 90 -7.10 4.78 1.23
N TRP D 91 -7.07 4.95 -0.08
CA TRP D 91 -7.46 6.23 -0.66
C TRP D 91 -8.95 6.53 -0.51
N THR D 92 -9.79 5.51 -0.59
CA THR D 92 -11.21 5.78 -0.43
C THR D 92 -11.50 6.30 0.98
N TYR D 93 -10.82 5.71 1.96
CA TYR D 93 -10.96 6.07 3.35
C TYR D 93 -10.44 7.47 3.57
N GLN D 94 -9.27 7.75 2.99
CA GLN D 94 -8.65 9.06 3.13
C GLN D 94 -9.49 10.14 2.47
N ALA D 95 -10.08 9.83 1.32
CA ALA D 95 -10.87 10.81 0.58
C ALA D 95 -12.09 11.22 1.39
N GLU D 96 -12.78 10.23 1.97
CA GLU D 96 -13.94 10.46 2.82
C GLU D 96 -13.58 11.17 4.12
N LEU D 97 -12.43 10.81 4.69
CA LEU D 97 -12.01 11.43 5.94
C LEU D 97 -11.64 12.91 5.73
N LEU D 98 -10.90 13.17 4.64
CA LEU D 98 -10.60 14.53 4.20
C LEU D 98 -11.83 15.42 4.11
N VAL D 99 -12.78 15.03 3.28
CA VAL D 99 -13.98 15.82 3.10
C VAL D 99 -14.77 15.97 4.41
N ALA D 100 -14.94 14.88 5.15
CA ALA D 100 -15.68 14.96 6.40
C ALA D 100 -15.01 15.94 7.39
N MET D 101 -13.71 15.79 7.60
CA MET D 101 -12.96 16.69 8.51
C MET D 101 -12.97 18.11 7.96
N GLU D 102 -12.73 18.25 6.66
CA GLU D 102 -12.62 19.57 6.06
C GLU D 102 -13.94 20.34 6.21
N ASN D 103 -15.06 19.69 5.88
CA ASN D 103 -16.39 20.25 5.98
C ASN D 103 -16.77 20.68 7.39
N GLN D 104 -16.37 19.89 8.37
CA GLN D 104 -16.64 20.20 9.74
C GLN D 104 -15.97 21.50 10.07
N HIS D 105 -14.73 21.60 9.64
CA HIS D 105 -13.92 22.73 10.00
C HIS D 105 -14.33 23.99 9.29
N THR D 106 -14.77 23.86 8.04
CA THR D 106 -15.19 25.00 7.24
C THR D 106 -16.43 25.66 7.83
N ILE D 107 -17.41 24.82 8.15
CA ILE D 107 -18.60 25.19 8.88
C ILE D 107 -18.29 25.92 10.20
N ASP D 108 -17.44 25.33 11.04
CA ASP D 108 -17.14 25.91 12.35
C ASP D 108 -16.35 27.21 12.20
N MET D 109 -15.46 27.27 11.21
CA MET D 109 -14.70 28.49 10.90
C MET D 109 -15.65 29.65 10.54
N ALA D 110 -16.63 29.38 9.67
CA ALA D 110 -17.62 30.40 9.26
C ALA D 110 -18.39 30.91 10.48
N ASP D 111 -18.83 29.98 11.30
CA ASP D 111 -19.52 30.27 12.55
C ASP D 111 -18.71 31.27 13.38
N SER D 112 -17.43 30.99 13.55
CA SER D 112 -16.60 31.83 14.39
C SER D 112 -16.33 33.23 13.79
N GLU D 113 -16.24 33.34 12.46
CA GLU D 113 -16.07 34.67 11.88
C GLU D 113 -17.33 35.53 12.12
N MET D 114 -18.49 34.90 12.15
CA MET D 114 -19.71 35.61 12.51
C MET D 114 -19.66 36.08 13.95
N LEU D 115 -19.25 35.18 14.85
CA LEU D 115 -19.18 35.49 16.28
C LEU D 115 -18.16 36.59 16.57
N ASN D 116 -16.99 36.53 15.93
CA ASN D 116 -15.99 37.58 16.12
C ASN D 116 -16.44 38.97 15.67
N LEU D 117 -17.14 39.05 14.54
CA LEU D 117 -17.79 40.29 14.13
C LEU D 117 -18.75 40.78 15.23
N TYR D 118 -19.62 39.88 15.67
CA TYR D 118 -20.57 40.12 16.75
C TYR D 118 -19.86 40.58 18.01
N GLU D 119 -18.68 40.04 18.30
CA GLU D 119 -17.97 40.44 19.52
C GLU D 119 -17.31 41.80 19.41
N ARG D 120 -16.76 42.08 18.24
CA ARG D 120 -16.16 43.37 17.92
C ARG D 120 -17.18 44.51 18.14
N VAL D 121 -18.38 44.34 17.61
CA VAL D 121 -19.44 45.32 17.77
C VAL D 121 -19.92 45.45 19.21
N ARG D 122 -20.05 44.33 19.94
CA ARG D 122 -20.43 44.40 21.35
C ARG D 122 -19.51 45.31 22.14
N LYS D 123 -18.21 44.99 22.10
CA LYS D 123 -17.22 45.74 22.87
C LYS D 123 -17.16 47.21 22.49
N GLN D 124 -17.65 47.51 21.31
CA GLN D 124 -17.54 48.84 20.76
C GLN D 124 -18.70 49.70 21.28
N LEU D 125 -19.89 49.12 21.25
CA LEU D 125 -21.07 49.68 21.87
C LEU D 125 -20.94 49.88 23.39
N ARG D 126 -20.00 49.16 24.00
CA ARG D 126 -19.67 49.29 25.43
C ARG D 126 -20.96 49.33 26.27
N GLN D 127 -21.17 50.38 27.06
CA GLN D 127 -22.35 50.44 27.90
C GLN D 127 -23.57 51.11 27.23
N ASN D 128 -23.51 51.32 25.92
CA ASN D 128 -24.56 52.09 25.25
C ASN D 128 -25.62 51.22 24.59
N ALA D 129 -25.40 49.92 24.59
CA ALA D 129 -26.39 49.00 24.02
C ALA D 129 -26.54 47.73 24.84
N GLU D 130 -27.56 46.97 24.51
CA GLU D 130 -27.77 45.69 25.16
C GLU D 130 -28.13 44.60 24.15
N GLU D 131 -27.66 43.37 24.39
CA GLU D 131 -27.96 42.24 23.54
C GLU D 131 -29.40 41.76 23.72
N ASP D 132 -30.13 41.50 22.63
CA ASP D 132 -31.42 40.81 22.80
C ASP D 132 -31.38 39.30 22.60
N GLY D 133 -30.19 38.70 22.56
CA GLY D 133 -30.12 37.24 22.43
C GLY D 133 -30.32 36.67 21.03
N LYS D 134 -30.74 37.51 20.08
CA LYS D 134 -30.99 37.02 18.73
C LYS D 134 -30.00 37.61 17.73
N GLY D 135 -28.98 38.30 18.23
CA GLY D 135 -27.96 38.88 17.37
C GLY D 135 -28.13 40.36 17.14
N CYS D 136 -29.10 40.95 17.84
CA CYS D 136 -29.35 42.37 17.76
C CYS D 136 -28.80 43.12 18.97
N PHE D 137 -28.37 44.35 18.76
CA PHE D 137 -27.97 45.23 19.85
C PHE D 137 -28.98 46.38 19.96
N GLU D 138 -29.75 46.39 21.05
CA GLU D 138 -30.69 47.49 21.29
C GLU D 138 -29.90 48.70 21.78
N ILE D 139 -29.85 49.74 20.96
CA ILE D 139 -29.04 50.94 21.27
C ILE D 139 -29.90 51.98 22.02
N TYR D 140 -29.38 52.49 23.14
CA TYR D 140 -30.16 53.38 24.02
C TYR D 140 -29.88 54.88 23.81
N HIS D 141 -29.75 55.26 22.55
CA HIS D 141 -29.66 56.65 22.13
C HIS D 141 -29.98 56.65 20.64
N ALA D 142 -30.25 57.83 20.08
CA ALA D 142 -30.53 57.96 18.66
C ALA D 142 -29.25 57.67 17.88
N CYS D 143 -29.34 56.78 16.90
CA CYS D 143 -28.17 56.47 16.09
C CYS D 143 -28.56 56.62 14.63
N ASP D 144 -28.28 57.80 14.07
CA ASP D 144 -28.68 58.12 12.70
C ASP D 144 -27.80 57.34 11.70
N ASP D 145 -28.11 57.46 10.41
CA ASP D 145 -27.39 56.71 9.39
C ASP D 145 -25.88 56.94 9.46
N SER D 146 -25.49 58.14 9.81
CA SER D 146 -24.07 58.42 9.95
C SER D 146 -23.51 57.63 11.15
N CYS D 147 -24.28 57.59 12.23
CA CYS D 147 -23.86 56.88 13.44
C CYS D 147 -23.74 55.37 13.20
N MET D 148 -24.72 54.81 12.50
CA MET D 148 -24.73 53.40 12.13
C MET D 148 -23.47 53.04 11.36
N GLU D 149 -23.09 53.91 10.43
CA GLU D 149 -21.91 53.64 9.62
C GLU D 149 -20.66 53.66 10.48
N SER D 150 -20.62 54.48 11.52
CA SER D 150 -19.44 54.48 12.40
C SER D 150 -19.35 53.17 13.17
N ILE D 151 -20.48 52.53 13.41
CA ILE D 151 -20.49 51.21 14.04
C ILE D 151 -19.91 50.18 13.08
N ARG D 152 -20.44 50.14 11.86
CA ARG D 152 -19.92 49.25 10.82
C ARG D 152 -18.47 49.57 10.43
N ASN D 153 -18.12 50.86 10.41
CA ASN D 153 -16.76 51.39 10.19
C ASN D 153 -15.72 50.98 11.22
N ASN D 154 -16.17 50.65 12.43
CA ASN D 154 -15.33 50.44 13.61
C ASN D 154 -14.74 51.75 14.17
N THR D 155 -15.47 52.85 13.97
CA THR D 155 -15.02 54.14 14.52
C THR D 155 -16.02 54.76 15.50
N TYR D 156 -17.02 53.99 15.92
CA TYR D 156 -18.03 54.48 16.86
C TYR D 156 -17.40 54.80 18.23
N ASP D 157 -17.57 56.03 18.69
CA ASP D 157 -17.03 56.49 19.96
C ASP D 157 -18.11 56.45 21.05
N HIS D 158 -18.04 55.47 21.94
CA HIS D 158 -19.10 55.27 22.92
C HIS D 158 -19.23 56.43 23.92
N SER D 159 -18.12 57.12 24.18
CA SER D 159 -18.12 58.19 25.17
C SER D 159 -19.09 59.34 24.81
N GLN D 160 -19.30 59.57 23.52
CA GLN D 160 -20.13 60.69 23.07
C GLN D 160 -21.59 60.53 23.46
N TYR D 161 -22.03 59.30 23.69
CA TYR D 161 -23.44 59.05 24.02
C TYR D 161 -23.63 58.37 25.37
N ARG D 162 -22.52 58.08 26.06
CA ARG D 162 -22.56 57.19 27.20
C ARG D 162 -23.46 57.70 28.32
N GLU D 163 -23.31 58.98 28.65
CA GLU D 163 -24.03 59.60 29.74
C GLU D 163 -25.54 59.46 29.52
N GLU D 164 -26.01 59.81 28.32
CA GLU D 164 -27.40 59.56 27.94
C GLU D 164 -27.81 58.09 27.95
N ALA D 165 -26.98 57.22 27.36
CA ALA D 165 -27.31 55.81 27.28
C ALA D 165 -27.53 55.18 28.65
N LEU D 166 -26.66 55.50 29.58
CA LEU D 166 -26.79 54.96 30.92
C LEU D 166 -28.11 55.42 31.54
N LEU D 167 -28.48 56.69 31.35
CA LEU D 167 -29.74 57.21 31.90
C LEU D 167 -30.94 56.47 31.32
N ASN D 168 -30.93 56.25 30.00
CA ASN D 168 -32.03 55.54 29.35
C ASN D 168 -32.09 54.05 29.71
N ARG D 169 -30.95 53.43 30.05
CA ARG D 169 -30.95 52.04 30.49
C ARG D 169 -31.53 51.90 31.91
N LEU D 170 -31.32 52.91 32.75
CA LEU D 170 -31.84 52.86 34.11
C LEU D 170 -33.26 53.41 34.30
N ASN D 171 -33.88 54.02 33.27
CA ASN D 171 -35.20 54.60 33.50
C ASN D 171 -36.23 54.06 32.49
N ASP E 5 -30.46 33.92 45.90
CA ASP E 5 -31.40 33.50 44.87
C ASP E 5 -30.69 33.35 43.51
N LYS E 6 -30.42 32.10 43.07
CA LYS E 6 -29.50 31.82 41.96
C LYS E 6 -30.00 30.80 40.94
N ILE E 7 -29.26 30.69 39.82
CA ILE E 7 -29.40 29.53 38.94
C ILE E 7 -28.03 29.16 38.40
N CYS E 8 -27.70 27.87 38.49
CA CYS E 8 -26.36 27.38 38.20
C CYS E 8 -26.33 26.40 37.05
N LEU E 9 -25.38 26.58 36.15
CA LEU E 9 -25.25 25.67 35.03
C LEU E 9 -24.17 24.64 35.27
N GLY E 10 -24.42 23.44 34.76
CA GLY E 10 -23.42 22.38 34.87
C GLY E 10 -23.68 21.21 33.96
N HIS E 11 -22.78 20.25 34.06
CA HIS E 11 -22.79 19.07 33.23
C HIS E 11 -22.70 17.80 34.08
N HIS E 12 -23.01 16.64 33.51
CA HIS E 12 -22.95 15.44 34.33
C HIS E 12 -21.53 14.89 34.41
N ALA E 13 -21.32 14.02 35.38
CA ALA E 13 -20.08 13.28 35.55
C ALA E 13 -20.44 11.87 36.03
N VAL E 14 -19.49 10.95 35.94
CA VAL E 14 -19.75 9.58 36.36
C VAL E 14 -18.70 9.14 37.35
N ALA E 15 -19.12 8.26 38.26
CA ALA E 15 -18.25 7.75 39.30
C ALA E 15 -16.93 7.21 38.70
N ASN E 16 -17.05 6.22 37.83
CA ASN E 16 -15.90 5.63 37.13
C ASN E 16 -15.87 5.89 35.61
N GLY E 17 -14.90 6.69 35.18
CA GLY E 17 -14.73 7.11 33.78
C GLY E 17 -13.67 6.37 32.99
N THR E 18 -13.79 6.42 31.67
CA THR E 18 -12.86 5.73 30.77
C THR E 18 -11.78 6.63 30.23
N ILE E 19 -10.58 6.07 30.09
CA ILE E 19 -9.42 6.81 29.62
C ILE E 19 -9.30 6.68 28.10
N VAL E 20 -9.01 7.79 27.41
CA VAL E 20 -8.73 7.78 25.97
C VAL E 20 -7.52 8.66 25.61
N LYS E 21 -7.01 8.49 24.39
CA LYS E 21 -5.92 9.32 23.85
C LYS E 21 -6.49 10.43 22.98
N THR E 22 -5.86 11.60 23.03
CA THR E 22 -6.18 12.70 22.11
C THR E 22 -4.91 13.19 21.41
N LEU E 23 -5.04 14.21 20.57
CA LEU E 23 -3.87 14.79 19.91
C LEU E 23 -2.85 15.30 20.92
N THR E 24 -3.33 15.76 22.07
CA THR E 24 -2.51 16.45 23.04
C THR E 24 -2.39 15.66 24.34
N ASN E 25 -3.21 14.63 24.53
CA ASN E 25 -3.20 13.92 25.80
C ASN E 25 -3.40 12.41 25.67
N GLU E 26 -2.37 11.63 25.98
CA GLU E 26 -2.57 10.22 26.33
C GLU E 26 -3.05 10.28 27.75
N GLN E 27 -3.95 9.39 28.18
CA GLN E 27 -4.56 9.49 29.52
C GLN E 27 -5.46 10.70 29.69
N GLU E 28 -6.54 10.77 28.92
CA GLU E 28 -7.57 11.78 29.12
C GLU E 28 -8.83 11.05 29.55
N GLU E 29 -9.40 11.45 30.68
CA GLU E 29 -10.53 10.69 31.22
C GLU E 29 -11.87 11.23 30.73
N VAL E 30 -12.70 10.34 30.23
CA VAL E 30 -13.93 10.74 29.60
C VAL E 30 -15.05 9.91 30.25
N THR E 31 -16.29 10.39 30.19
CA THR E 31 -17.42 9.70 30.82
C THR E 31 -17.73 8.33 30.24
N ASN E 32 -17.49 8.16 28.95
CA ASN E 32 -17.70 6.88 28.27
C ASN E 32 -16.91 6.75 26.94
N ALA E 33 -16.70 5.51 26.53
CA ALA E 33 -15.91 5.19 25.34
C ALA E 33 -16.24 3.78 24.83
N THR E 34 -16.13 3.57 23.52
CA THR E 34 -16.23 2.22 22.92
C THR E 34 -15.03 1.90 22.05
N GLU E 35 -14.76 0.60 22.00
CA GLU E 35 -13.61 0.01 21.35
C GLU E 35 -13.77 0.06 19.83
N THR E 36 -12.70 0.40 19.12
CA THR E 36 -12.75 0.42 17.66
C THR E 36 -11.93 -0.73 17.06
N VAL E 37 -11.21 -1.45 17.90
CA VAL E 37 -10.41 -2.57 17.42
C VAL E 37 -10.95 -3.91 17.91
N GLU E 38 -11.51 -4.71 17.00
CA GLU E 38 -12.04 -6.03 17.37
C GLU E 38 -10.95 -6.99 17.76
N SER E 39 -11.01 -7.51 18.99
CA SER E 39 -9.96 -8.38 19.50
C SER E 39 -10.43 -9.81 19.74
N THR E 40 -11.71 -10.07 19.53
CA THR E 40 -12.21 -11.40 19.74
C THR E 40 -12.91 -11.89 18.49
N GLY E 41 -12.59 -13.10 18.08
CA GLY E 41 -13.22 -13.65 16.90
C GLY E 41 -13.85 -14.97 17.27
N ILE E 42 -14.86 -15.37 16.51
CA ILE E 42 -15.48 -16.67 16.67
C ILE E 42 -14.61 -17.83 16.17
N ASN E 43 -14.49 -18.89 16.97
CA ASN E 43 -13.51 -19.96 16.70
C ASN E 43 -14.06 -21.07 15.78
N ARG E 44 -15.15 -20.76 15.10
CA ARG E 44 -15.76 -21.65 14.12
C ARG E 44 -15.83 -20.97 12.75
N LEU E 45 -15.98 -21.75 11.68
CA LEU E 45 -16.26 -21.17 10.37
C LEU E 45 -17.78 -20.94 10.21
N CYS E 46 -18.21 -19.67 10.26
CA CYS E 46 -19.64 -19.38 10.14
C CYS E 46 -20.12 -19.43 8.70
N MET E 47 -20.82 -20.52 8.36
CA MET E 47 -21.20 -20.80 6.97
C MET E 47 -22.70 -20.62 6.63
N LYS E 48 -23.46 -19.98 7.52
CA LYS E 48 -24.89 -19.80 7.24
C LYS E 48 -25.12 -18.95 6.00
N GLY E 49 -25.95 -19.45 5.10
CA GLY E 49 -26.25 -18.77 3.85
C GLY E 49 -25.18 -18.96 2.79
N ARG E 50 -24.20 -19.82 3.06
CA ARG E 50 -23.20 -20.15 2.04
C ARG E 50 -23.33 -21.60 1.59
N LYS E 51 -23.41 -21.81 0.29
CA LYS E 51 -23.33 -23.17 -0.24
C LYS E 51 -21.83 -23.52 -0.27
N HIS E 52 -21.42 -24.42 0.61
CA HIS E 52 -20.00 -24.62 0.83
C HIS E 52 -19.51 -26.05 0.84
N LYS E 53 -18.22 -26.19 0.57
CA LYS E 53 -17.61 -27.48 0.53
C LYS E 53 -16.43 -27.48 1.50
N ASP E 54 -16.54 -28.29 2.55
CA ASP E 54 -15.45 -28.62 3.45
C ASP E 54 -14.68 -29.80 2.82
N LEU E 55 -13.41 -29.60 2.48
CA LEU E 55 -12.69 -30.63 1.73
C LEU E 55 -12.09 -31.72 2.62
N GLY E 56 -12.05 -31.49 3.93
CA GLY E 56 -11.50 -32.48 4.85
C GLY E 56 -10.03 -32.77 4.57
N ASN E 57 -9.66 -34.05 4.49
CA ASN E 57 -8.29 -34.39 4.15
C ASN E 57 -8.08 -34.51 2.63
N CYS E 58 -8.98 -33.95 1.85
CA CYS E 58 -8.78 -33.79 0.41
C CYS E 58 -8.12 -32.46 0.04
N HIS E 59 -6.96 -32.53 -0.61
CA HIS E 59 -6.29 -31.32 -1.02
C HIS E 59 -6.85 -30.88 -2.38
N PRO E 60 -6.97 -29.56 -2.58
CA PRO E 60 -7.56 -29.09 -3.84
C PRO E 60 -6.97 -29.70 -5.09
N ILE E 61 -5.66 -29.91 -5.15
CA ILE E 61 -5.06 -30.52 -6.33
C ILE E 61 -5.55 -31.93 -6.56
N GLY E 62 -5.85 -32.65 -5.48
CA GLY E 62 -6.36 -33.99 -5.57
C GLY E 62 -7.74 -34.09 -6.21
N MET E 63 -8.50 -32.98 -6.20
CA MET E 63 -9.82 -32.90 -6.86
C MET E 63 -9.70 -33.09 -8.35
N LEU E 64 -8.68 -32.48 -8.96
CA LEU E 64 -8.52 -32.52 -10.42
C LEU E 64 -7.95 -33.86 -10.88
N ILE E 65 -7.20 -34.50 -10.00
CA ILE E 65 -6.39 -35.63 -10.42
C ILE E 65 -7.05 -36.94 -9.94
N GLY E 66 -7.88 -36.83 -8.91
CA GLY E 66 -8.65 -37.96 -8.45
C GLY E 66 -7.91 -38.88 -7.51
N THR E 67 -7.25 -38.29 -6.55
CA THR E 67 -6.66 -39.04 -5.44
C THR E 67 -7.81 -39.65 -4.62
N PRO E 68 -7.61 -40.89 -4.12
CA PRO E 68 -8.60 -41.58 -3.30
C PRO E 68 -9.22 -40.69 -2.23
N ALA E 69 -8.42 -39.88 -1.53
CA ALA E 69 -8.97 -39.01 -0.49
C ALA E 69 -9.95 -38.00 -1.04
N CYS E 70 -9.96 -37.81 -2.35
CA CYS E 70 -10.78 -36.79 -2.95
C CYS E 70 -12.00 -37.33 -3.72
N ASP E 71 -12.28 -38.63 -3.63
CA ASP E 71 -13.38 -39.25 -4.41
C ASP E 71 -14.73 -38.57 -4.25
N LEU E 72 -14.98 -38.00 -3.08
CA LEU E 72 -16.28 -37.35 -2.87
C LEU E 72 -16.21 -35.86 -3.26
N HIS E 73 -15.12 -35.47 -3.94
CA HIS E 73 -14.89 -34.07 -4.25
C HIS E 73 -14.37 -33.88 -5.67
N LEU E 74 -14.83 -34.71 -6.61
CA LEU E 74 -14.32 -34.66 -7.98
C LEU E 74 -15.07 -33.64 -8.81
N THR E 75 -16.31 -33.38 -8.40
CA THR E 75 -17.15 -32.34 -8.97
C THR E 75 -17.97 -31.69 -7.86
N GLY E 76 -18.61 -30.57 -8.17
CA GLY E 76 -19.53 -29.96 -7.23
C GLY E 76 -19.74 -28.50 -7.56
N MET E 77 -20.64 -27.84 -6.83
CA MET E 77 -20.81 -26.38 -6.89
C MET E 77 -20.71 -25.83 -5.48
N TRP E 78 -20.20 -24.61 -5.33
CA TRP E 78 -20.01 -24.00 -4.01
C TRP E 78 -19.75 -22.52 -4.19
N ASP E 79 -20.06 -21.69 -3.18
CA ASP E 79 -19.64 -20.31 -3.27
C ASP E 79 -18.49 -20.13 -2.27
N THR E 80 -18.26 -21.15 -1.46
CA THR E 80 -17.18 -21.17 -0.50
C THR E 80 -16.47 -22.52 -0.54
N LEU E 81 -15.14 -22.49 -0.60
CA LEU E 81 -14.38 -23.75 -0.58
C LEU E 81 -13.33 -23.72 0.52
N ILE E 82 -13.40 -24.71 1.41
CA ILE E 82 -12.60 -24.76 2.61
C ILE E 82 -11.52 -25.84 2.53
N GLU E 83 -10.25 -25.42 2.65
CA GLU E 83 -9.11 -26.31 2.64
C GLU E 83 -8.59 -26.52 4.07
N ARG E 84 -8.13 -27.73 4.36
CA ARG E 84 -7.66 -28.10 5.68
C ARG E 84 -6.19 -28.41 5.66
N GLU E 85 -5.56 -28.34 6.83
CA GLU E 85 -4.13 -28.60 6.98
C GLU E 85 -3.79 -30.08 6.81
N ASN E 86 -2.73 -30.35 6.05
CA ASN E 86 -2.26 -31.73 5.79
C ASN E 86 -3.19 -32.54 4.89
N ALA E 87 -4.00 -31.85 4.10
CA ALA E 87 -4.81 -32.53 3.11
C ALA E 87 -3.93 -33.24 2.08
N ILE E 88 -4.40 -34.37 1.60
CA ILE E 88 -3.64 -35.21 0.69
C ILE E 88 -3.96 -34.85 -0.75
N ALA E 89 -2.89 -34.63 -1.53
CA ALA E 89 -3.05 -34.33 -2.94
C ALA E 89 -2.65 -35.53 -3.78
N TYR E 90 -1.68 -36.29 -3.29
CA TYR E 90 -1.03 -37.35 -4.06
C TYR E 90 -1.05 -38.65 -3.32
N CYS E 91 -1.16 -39.76 -4.04
CA CYS E 91 -1.10 -41.04 -3.35
C CYS E 91 0.20 -41.74 -3.76
N TYR E 92 0.71 -41.35 -4.92
CA TYR E 92 1.95 -41.84 -5.51
C TYR E 92 3.02 -40.75 -5.35
N PRO E 93 4.28 -41.13 -5.09
CA PRO E 93 5.27 -40.05 -4.95
C PRO E 93 5.38 -39.17 -6.22
N GLY E 94 5.69 -37.89 -6.03
CA GLY E 94 5.76 -36.92 -7.10
C GLY E 94 5.12 -35.60 -6.67
N ALA E 95 5.08 -34.65 -7.60
CA ALA E 95 4.57 -33.31 -7.33
C ALA E 95 4.08 -32.62 -8.61
N THR E 96 3.47 -31.47 -8.44
CA THR E 96 2.84 -30.76 -9.52
C THR E 96 3.67 -29.54 -9.84
N VAL E 97 3.98 -29.34 -11.10
CA VAL E 97 4.68 -28.13 -11.49
C VAL E 97 3.74 -26.93 -11.52
N ASN E 98 4.15 -25.84 -10.90
CA ASN E 98 3.36 -24.61 -10.88
C ASN E 98 2.10 -24.81 -10.05
N VAL E 99 2.28 -25.35 -8.83
CA VAL E 99 1.15 -25.84 -8.05
C VAL E 99 0.38 -24.73 -7.33
N GLU E 100 1.05 -23.66 -6.92
CA GLU E 100 0.35 -22.68 -6.13
C GLU E 100 -0.61 -21.91 -7.04
N ALA E 101 -0.19 -21.66 -8.26
CA ALA E 101 -1.06 -20.94 -9.19
C ALA E 101 -2.33 -21.74 -9.40
N LEU E 102 -2.17 -23.05 -9.52
CA LEU E 102 -3.29 -23.95 -9.80
C LEU E 102 -4.20 -24.08 -8.56
N ARG E 103 -3.59 -24.25 -7.38
CA ARG E 103 -4.36 -24.30 -6.14
C ARG E 103 -5.18 -23.02 -5.97
N GLN E 104 -4.58 -21.86 -6.24
CA GLN E 104 -5.33 -20.60 -6.13
C GLN E 104 -6.53 -20.51 -7.11
N LYS E 105 -6.36 -20.97 -8.35
CA LYS E 105 -7.46 -21.05 -9.31
C LYS E 105 -8.61 -21.89 -8.75
N ILE E 106 -8.28 -23.08 -8.24
CA ILE E 106 -9.30 -23.99 -7.75
C ILE E 106 -10.01 -23.33 -6.60
N MET E 107 -9.24 -22.64 -5.76
CA MET E 107 -9.74 -22.01 -4.54
C MET E 107 -10.42 -20.67 -4.79
N GLU E 108 -10.41 -20.21 -6.04
CA GLU E 108 -11.13 -19.01 -6.48
C GLU E 108 -12.41 -19.43 -7.22
N SER E 109 -12.58 -20.72 -7.44
CA SER E 109 -13.65 -21.17 -8.32
C SER E 109 -14.99 -21.30 -7.58
N GLY E 110 -16.08 -21.46 -8.32
CA GLY E 110 -17.39 -21.71 -7.74
C GLY E 110 -17.92 -23.13 -7.96
N GLY E 111 -17.05 -24.03 -8.41
CA GLY E 111 -17.45 -25.39 -8.65
C GLY E 111 -16.57 -26.04 -9.69
N ILE E 112 -16.76 -27.36 -9.91
CA ILE E 112 -15.98 -28.11 -10.87
C ILE E 112 -16.87 -29.08 -11.64
N ASN E 113 -16.76 -29.10 -12.96
CA ASN E 113 -17.31 -30.17 -13.80
C ASN E 113 -16.21 -31.02 -14.40
N LYS E 114 -16.45 -32.31 -14.60
CA LYS E 114 -15.48 -33.12 -15.28
C LYS E 114 -16.00 -33.55 -16.64
N ILE E 115 -15.13 -33.59 -17.64
CA ILE E 115 -15.53 -33.90 -19.01
C ILE E 115 -14.57 -34.93 -19.52
N SER E 116 -15.10 -36.05 -19.99
CA SER E 116 -14.27 -37.12 -20.47
C SER E 116 -13.44 -36.68 -21.68
N THR E 117 -12.16 -37.04 -21.71
CA THR E 117 -11.29 -36.73 -22.84
C THR E 117 -11.60 -37.59 -24.08
N GLY E 118 -12.22 -38.74 -23.86
CA GLY E 118 -12.54 -39.63 -24.96
C GLY E 118 -11.33 -40.38 -25.49
N PHE E 119 -10.22 -40.32 -24.75
CA PHE E 119 -8.99 -40.98 -25.19
C PHE E 119 -9.10 -42.53 -25.23
N THR E 120 -8.59 -43.13 -26.30
CA THR E 120 -8.67 -44.57 -26.56
C THR E 120 -7.30 -44.98 -27.06
N TYR E 121 -6.92 -46.23 -26.81
CA TYR E 121 -5.57 -46.71 -27.04
C TYR E 121 -5.54 -48.05 -27.78
N GLY E 122 -4.56 -48.25 -28.65
CA GLY E 122 -4.44 -49.51 -29.37
C GLY E 122 -4.18 -50.71 -28.46
N SER E 123 -4.14 -51.89 -29.05
CA SER E 123 -4.04 -53.13 -28.28
C SER E 123 -2.64 -53.39 -27.70
N SER E 124 -1.63 -52.69 -28.20
CA SER E 124 -0.25 -52.84 -27.70
C SER E 124 -0.02 -52.03 -26.43
N ILE E 125 -0.98 -51.18 -26.10
CA ILE E 125 -0.98 -50.39 -24.87
C ILE E 125 -1.86 -51.02 -23.79
N ASN E 126 -1.30 -51.25 -22.61
CA ASN E 126 -2.09 -51.56 -21.41
C ASN E 126 -2.34 -50.25 -20.63
N SER E 127 -3.60 -49.93 -20.39
CA SER E 127 -3.88 -48.70 -19.65
C SER E 127 -4.59 -48.91 -18.31
N ALA E 128 -4.64 -50.14 -17.83
CA ALA E 128 -5.39 -50.47 -16.60
C ALA E 128 -4.49 -50.64 -15.38
N GLY E 129 -3.21 -50.30 -15.50
CA GLY E 129 -2.27 -50.52 -14.41
C GLY E 129 -2.65 -49.73 -13.16
N THR E 130 -2.37 -50.35 -12.01
CA THR E 130 -2.70 -49.81 -10.71
C THR E 130 -1.46 -49.95 -9.85
N THR E 131 -1.53 -49.51 -8.61
CA THR E 131 -0.36 -49.55 -7.75
C THR E 131 -0.73 -49.66 -6.27
N ARG E 132 0.13 -50.28 -5.49
CA ARG E 132 -0.07 -50.43 -4.04
C ARG E 132 -0.14 -49.08 -3.35
N ALA E 133 0.52 -48.08 -3.92
CA ALA E 133 0.63 -46.80 -3.23
C ALA E 133 -0.66 -45.99 -3.25
N CYS E 134 -1.55 -46.30 -4.19
CA CYS E 134 -2.89 -45.69 -4.23
C CYS E 134 -3.93 -46.75 -3.95
N MET E 135 -4.18 -46.99 -2.68
CA MET E 135 -5.15 -47.96 -2.26
C MET E 135 -6.51 -47.33 -2.41
N ARG E 136 -7.47 -48.10 -2.85
CA ARG E 136 -8.83 -47.63 -2.80
C ARG E 136 -9.69 -48.81 -2.33
N ASN E 137 -10.53 -48.56 -1.32
CA ASN E 137 -11.15 -49.63 -0.58
C ASN E 137 -9.98 -50.55 -0.17
N GLY E 138 -9.99 -51.83 -0.43
CA GLY E 138 -8.76 -52.48 0.05
C GLY E 138 -7.77 -52.89 -1.03
N GLY E 139 -7.80 -52.19 -2.16
CA GLY E 139 -7.12 -52.69 -3.33
C GLY E 139 -6.29 -51.67 -4.10
N ASN E 140 -5.36 -52.19 -4.86
CA ASN E 140 -4.54 -51.40 -5.75
C ASN E 140 -5.39 -50.57 -6.71
N SER E 141 -5.15 -49.27 -6.71
CA SER E 141 -5.87 -48.38 -7.59
C SER E 141 -4.92 -47.37 -8.22
N PHE E 142 -5.49 -46.32 -8.77
CA PHE E 142 -4.74 -45.26 -9.37
C PHE E 142 -5.53 -43.97 -9.27
N TYR E 143 -4.90 -42.84 -9.61
CA TYR E 143 -5.65 -41.59 -9.72
C TYR E 143 -6.86 -41.83 -10.61
N ALA E 144 -8.03 -41.43 -10.14
CA ALA E 144 -9.27 -41.65 -10.90
C ALA E 144 -9.34 -40.93 -12.27
N GLU E 145 -8.70 -39.76 -12.40
CA GLU E 145 -8.88 -38.99 -13.62
C GLU E 145 -7.76 -39.22 -14.64
N LEU E 146 -6.87 -40.15 -14.33
CA LEU E 146 -5.72 -40.44 -15.17
C LEU E 146 -5.56 -41.92 -15.45
N LYS E 147 -4.74 -42.25 -16.44
CA LYS E 147 -4.42 -43.66 -16.69
C LYS E 147 -2.93 -43.81 -16.89
N TRP E 148 -2.37 -44.85 -16.26
CA TRP E 148 -0.97 -45.18 -16.46
C TRP E 148 -0.84 -46.09 -17.71
N LEU E 149 -0.30 -45.54 -18.78
CA LEU E 149 -0.13 -46.31 -20.02
C LEU E 149 1.20 -47.00 -20.11
N VAL E 150 1.22 -48.32 -20.26
CA VAL E 150 2.47 -49.04 -20.43
C VAL E 150 2.36 -50.02 -21.59
N SER E 151 3.49 -50.50 -22.11
CA SER E 151 3.48 -51.54 -23.15
C SER E 151 2.76 -52.81 -22.71
N LYS E 152 1.81 -53.28 -23.51
CA LYS E 152 1.13 -54.53 -23.15
C LYS E 152 2.14 -55.68 -23.13
N SER E 153 2.98 -55.76 -24.15
CA SER E 153 4.07 -56.71 -24.13
C SER E 153 5.30 -56.10 -23.44
N LYS E 154 5.54 -56.60 -22.23
CA LYS E 154 6.67 -56.24 -21.39
C LYS E 154 7.97 -56.20 -22.15
N GLY E 155 8.67 -55.08 -22.04
CA GLY E 155 9.96 -54.96 -22.64
C GLY E 155 9.93 -54.43 -24.06
N GLN E 156 8.78 -54.39 -24.72
CA GLN E 156 8.76 -53.88 -26.11
C GLN E 156 8.49 -52.39 -26.16
N ASN E 157 8.92 -51.77 -27.25
CA ASN E 157 8.69 -50.36 -27.45
C ASN E 157 7.22 -50.00 -27.46
N PHE E 158 6.88 -49.11 -26.55
CA PHE E 158 5.61 -48.43 -26.50
C PHE E 158 5.43 -47.70 -27.82
N PRO E 159 4.27 -47.90 -28.50
CA PRO E 159 4.09 -47.36 -29.86
C PRO E 159 4.03 -45.82 -29.91
N GLN E 160 4.50 -45.23 -31.00
CA GLN E 160 4.27 -43.82 -31.26
C GLN E 160 2.76 -43.57 -31.25
N THR E 161 2.31 -42.63 -30.43
CA THR E 161 0.88 -42.52 -30.13
C THR E 161 0.41 -41.08 -30.12
N THR E 162 -0.77 -40.86 -30.69
CA THR E 162 -1.40 -39.55 -30.68
C THR E 162 -2.77 -39.61 -29.98
N ASN E 163 -3.01 -38.64 -29.10
CA ASN E 163 -4.34 -38.42 -28.52
C ASN E 163 -4.70 -36.94 -28.50
N THR E 164 -5.93 -36.62 -28.87
CA THR E 164 -6.28 -35.22 -28.96
C THR E 164 -7.56 -34.91 -28.20
N TYR E 165 -7.49 -33.94 -27.32
CA TYR E 165 -8.68 -33.46 -26.65
C TYR E 165 -9.14 -32.16 -27.32
N ARG E 166 -10.42 -32.13 -27.67
CA ARG E 166 -11.02 -30.97 -28.32
C ARG E 166 -11.96 -30.29 -27.38
N ASN E 167 -11.71 -29.03 -27.09
CA ASN E 167 -12.65 -28.33 -26.27
C ASN E 167 -13.76 -27.77 -27.16
N THR E 168 -14.95 -28.36 -27.09
CA THR E 168 -16.08 -27.93 -27.94
C THR E 168 -17.11 -27.12 -27.16
N ASP E 169 -16.67 -26.51 -26.08
CA ASP E 169 -17.56 -25.84 -25.14
C ASP E 169 -17.34 -24.34 -25.27
N THR E 170 -18.06 -23.54 -24.52
CA THR E 170 -17.90 -22.11 -24.65
C THR E 170 -16.98 -21.50 -23.60
N ALA E 171 -16.53 -22.31 -22.65
CA ALA E 171 -15.58 -21.85 -21.63
C ALA E 171 -14.29 -22.69 -21.61
N GLU E 172 -13.25 -22.18 -20.98
CA GLU E 172 -11.97 -22.87 -20.96
C GLU E 172 -11.99 -24.07 -20.02
N HIS E 173 -11.19 -25.06 -20.40
CA HIS E 173 -11.08 -26.30 -19.67
C HIS E 173 -9.66 -26.43 -19.13
N LEU E 174 -9.54 -27.07 -17.99
CA LEU E 174 -8.25 -27.26 -17.36
C LEU E 174 -7.86 -28.73 -17.50
N ILE E 175 -6.75 -28.99 -18.19
CA ILE E 175 -6.32 -30.35 -18.40
C ILE E 175 -5.01 -30.62 -17.65
N MET E 176 -5.00 -31.74 -16.93
CA MET E 176 -3.82 -32.17 -16.19
C MET E 176 -3.31 -33.46 -16.75
N TRP E 177 -2.00 -33.68 -16.64
CA TRP E 177 -1.44 -34.94 -17.05
C TRP E 177 -0.22 -35.19 -16.21
N GLY E 178 0.30 -36.41 -16.28
CA GLY E 178 1.44 -36.77 -15.47
C GLY E 178 2.57 -37.32 -16.34
N ILE E 179 3.77 -37.26 -15.78
CA ILE E 179 4.93 -37.84 -16.42
C ILE E 179 5.51 -38.86 -15.45
N HIS E 180 5.67 -40.08 -15.91
CA HIS E 180 6.31 -41.10 -15.09
C HIS E 180 7.83 -41.02 -15.19
N HIS E 181 8.49 -40.88 -14.05
CA HIS E 181 9.94 -41.00 -14.01
C HIS E 181 10.32 -42.33 -13.35
N PRO E 182 10.65 -43.33 -14.17
CA PRO E 182 10.95 -44.67 -13.65
C PRO E 182 12.12 -44.71 -12.67
N SER E 183 12.16 -45.77 -11.86
CA SER E 183 13.17 -45.91 -10.79
C SER E 183 14.53 -46.36 -11.30
N SER E 184 14.59 -46.85 -12.54
CA SER E 184 15.81 -47.40 -13.10
C SER E 184 15.66 -47.73 -14.57
N THR E 185 16.79 -47.90 -15.27
CA THR E 185 16.73 -48.22 -16.69
C THR E 185 16.00 -49.56 -16.94
N GLN E 186 16.06 -50.51 -16.01
CA GLN E 186 15.35 -51.77 -16.18
C GLN E 186 13.82 -51.66 -16.10
N GLU E 187 13.32 -50.92 -15.11
CA GLU E 187 11.90 -50.63 -15.02
C GLU E 187 11.44 -49.84 -16.27
N LYS E 188 12.25 -48.90 -16.71
CA LYS E 188 11.90 -48.10 -17.87
C LYS E 188 11.75 -48.97 -19.13
N ASN E 189 12.75 -49.81 -19.40
CA ASN E 189 12.69 -50.75 -20.53
C ASN E 189 11.51 -51.74 -20.42
N THR E 190 11.19 -52.18 -19.21
CA THR E 190 10.04 -53.07 -19.05
C THR E 190 8.74 -52.41 -19.50
N LEU E 191 8.51 -51.19 -18.99
CA LEU E 191 7.24 -50.50 -19.20
C LEU E 191 7.11 -49.92 -20.61
N TYR E 192 8.19 -49.40 -21.17
CA TYR E 192 8.09 -48.59 -22.39
C TYR E 192 9.00 -48.99 -23.53
N GLY E 193 9.92 -49.92 -23.27
CA GLY E 193 10.87 -50.37 -24.27
C GLY E 193 12.20 -49.62 -24.13
N THR E 194 13.19 -50.00 -24.94
CA THR E 194 14.52 -49.39 -24.87
C THR E 194 14.67 -48.07 -25.64
N GLN E 195 13.70 -47.75 -26.50
CA GLN E 195 13.73 -46.49 -27.27
C GLN E 195 13.90 -45.23 -26.39
N SER E 196 14.38 -44.14 -26.99
CA SER E 196 14.38 -42.86 -26.29
C SER E 196 12.93 -42.36 -26.23
N LEU E 197 12.52 -41.89 -25.04
CA LEU E 197 11.16 -41.48 -24.76
C LEU E 197 10.93 -39.99 -24.93
N SER E 198 9.82 -39.64 -25.54
CA SER E 198 9.46 -38.25 -25.66
C SER E 198 7.96 -38.04 -25.48
N ILE E 199 7.56 -37.03 -24.72
CA ILE E 199 6.17 -36.62 -24.63
C ILE E 199 6.02 -35.17 -25.01
N SER E 200 5.41 -34.89 -26.16
CA SER E 200 5.18 -33.49 -26.47
C SER E 200 3.68 -33.18 -26.39
N VAL E 201 3.38 -31.95 -26.02
CA VAL E 201 2.03 -31.56 -25.69
C VAL E 201 1.81 -30.23 -26.37
N GLY E 202 0.82 -30.16 -27.25
CA GLY E 202 0.64 -28.98 -28.08
C GLY E 202 -0.78 -28.57 -28.40
N SER E 203 -1.11 -27.34 -28.08
CA SER E 203 -2.37 -26.75 -28.54
C SER E 203 -2.04 -25.58 -29.48
N SER E 204 -3.01 -24.71 -29.68
CA SER E 204 -2.79 -23.49 -30.45
C SER E 204 -1.99 -22.50 -29.63
N THR E 205 -2.13 -22.55 -28.30
CA THR E 205 -1.41 -21.61 -27.44
C THR E 205 -0.18 -22.23 -26.74
N TYR E 206 -0.26 -23.51 -26.41
CA TYR E 206 0.71 -24.17 -25.54
C TYR E 206 1.57 -25.18 -26.28
N ARG E 207 2.88 -25.12 -26.11
CA ARG E 207 3.71 -26.25 -26.49
C ARG E 207 4.74 -26.55 -25.40
N ASN E 208 5.06 -27.83 -25.26
CA ASN E 208 6.01 -28.28 -24.28
C ASN E 208 6.38 -29.72 -24.57
N ASN E 209 7.54 -30.14 -24.06
CA ASN E 209 8.03 -31.50 -24.27
C ASN E 209 8.63 -32.00 -22.95
N PHE E 210 8.52 -33.31 -22.73
CA PHE E 210 8.94 -33.94 -21.49
C PHE E 210 9.68 -35.21 -21.76
N VAL E 211 10.75 -35.43 -21.00
CA VAL E 211 11.50 -36.67 -21.08
C VAL E 211 11.58 -37.27 -19.68
N PRO E 212 11.17 -38.53 -19.54
CA PRO E 212 11.25 -39.19 -18.24
C PRO E 212 12.70 -39.22 -17.71
N VAL E 213 12.86 -38.88 -16.43
CA VAL E 213 14.16 -38.87 -15.80
C VAL E 213 14.33 -40.20 -15.06
N VAL E 214 15.13 -41.12 -15.62
CA VAL E 214 15.14 -42.47 -15.08
C VAL E 214 16.11 -42.45 -13.91
N GLY E 215 15.74 -43.13 -12.82
CA GLY E 215 16.48 -43.03 -11.59
C GLY E 215 17.58 -44.06 -11.52
N ALA E 216 17.94 -44.46 -10.30
CA ALA E 216 19.12 -45.30 -10.07
C ALA E 216 18.93 -46.18 -8.84
N ARG E 217 19.69 -47.27 -8.82
CA ARG E 217 19.28 -48.61 -8.36
C ARG E 217 18.68 -48.87 -6.97
N PRO E 218 19.25 -48.33 -5.87
CA PRO E 218 18.49 -48.71 -4.66
C PRO E 218 17.15 -47.94 -4.60
N GLN E 219 16.08 -48.63 -4.21
CA GLN E 219 14.74 -48.05 -4.21
C GLN E 219 14.55 -46.99 -3.12
N VAL E 220 15.16 -47.16 -1.95
CA VAL E 220 15.18 -46.01 -1.05
C VAL E 220 16.38 -45.11 -1.28
N ASN E 221 16.25 -44.15 -2.18
CA ASN E 221 17.28 -43.15 -2.37
C ASN E 221 16.47 -42.06 -3.06
N GLY E 222 17.07 -40.99 -3.52
CA GLY E 222 16.19 -39.93 -3.96
C GLY E 222 15.69 -40.06 -5.38
N LEU E 223 16.22 -41.05 -6.10
CA LEU E 223 15.95 -41.27 -7.52
C LEU E 223 15.17 -42.55 -7.75
N SER E 224 13.86 -42.51 -7.55
CA SER E 224 13.03 -43.70 -7.69
C SER E 224 11.73 -43.39 -8.40
N SER E 225 10.80 -44.33 -8.40
CA SER E 225 9.62 -44.13 -9.21
C SER E 225 8.79 -42.99 -8.64
N ARG E 226 8.48 -42.01 -9.48
CA ARG E 226 7.61 -40.92 -9.11
C ARG E 226 6.86 -40.43 -10.35
N ILE E 227 5.71 -39.82 -10.09
CA ILE E 227 4.92 -39.21 -11.13
C ILE E 227 4.74 -37.74 -10.83
N ASP E 228 5.22 -36.89 -11.73
CA ASP E 228 5.05 -35.47 -11.58
C ASP E 228 3.95 -34.96 -12.51
N PHE E 229 3.24 -33.92 -12.08
CA PHE E 229 2.06 -33.45 -12.81
C PHE E 229 2.23 -32.09 -13.47
N HIS E 230 1.51 -31.90 -14.57
CA HIS E 230 1.57 -30.65 -15.32
C HIS E 230 0.18 -30.25 -15.73
N TRP E 231 0.00 -28.97 -16.01
CA TRP E 231 -1.34 -28.54 -16.42
C TRP E 231 -1.34 -27.34 -17.35
N THR E 232 -2.43 -27.17 -18.06
CA THR E 232 -2.63 -25.94 -18.78
C THR E 232 -4.12 -25.74 -19.06
N LEU E 233 -4.48 -24.59 -19.59
CA LEU E 233 -5.87 -24.30 -19.96
C LEU E 233 -6.03 -24.52 -21.47
N VAL E 234 -7.11 -25.18 -21.87
CA VAL E 234 -7.51 -25.32 -23.28
C VAL E 234 -8.70 -24.40 -23.57
N GLN E 235 -8.52 -23.42 -24.45
CA GLN E 235 -9.57 -22.43 -24.73
C GLN E 235 -10.71 -23.05 -25.55
N PRO E 236 -11.92 -22.43 -25.50
CA PRO E 236 -13.03 -22.91 -26.32
C PRO E 236 -12.67 -22.99 -27.80
N GLY E 237 -13.06 -24.06 -28.49
CA GLY E 237 -12.69 -24.20 -29.89
C GLY E 237 -11.27 -24.66 -30.17
N ASP E 238 -10.41 -24.72 -29.14
CA ASP E 238 -9.02 -25.14 -29.35
C ASP E 238 -8.87 -26.65 -29.04
N ASN E 239 -7.90 -27.27 -29.68
CA ASN E 239 -7.60 -28.70 -29.52
C ASN E 239 -6.20 -28.83 -28.85
N ILE E 240 -5.98 -29.87 -28.06
CA ILE E 240 -4.65 -30.07 -27.52
C ILE E 240 -4.20 -31.51 -27.76
N THR E 241 -3.01 -31.67 -28.31
CA THR E 241 -2.58 -32.99 -28.72
C THR E 241 -1.36 -33.49 -27.94
N PHE E 242 -1.42 -34.76 -27.54
CA PHE E 242 -0.33 -35.48 -26.91
C PHE E 242 0.32 -36.40 -27.92
N SER E 243 1.60 -36.18 -28.25
CA SER E 243 2.39 -37.15 -29.02
C SER E 243 3.37 -37.76 -28.05
N HIS E 244 3.29 -39.07 -27.89
CA HIS E 244 4.07 -39.69 -26.86
C HIS E 244 4.50 -41.11 -27.18
N ASN E 245 5.43 -41.59 -26.38
CA ASN E 245 6.34 -42.66 -26.74
C ASN E 245 6.46 -43.64 -25.60
N GLY E 246 5.77 -43.31 -24.51
CA GLY E 246 5.94 -44.03 -23.26
C GLY E 246 6.34 -43.07 -22.17
N GLY E 247 5.66 -43.12 -21.03
CA GLY E 247 5.99 -42.23 -19.94
C GLY E 247 4.85 -41.28 -19.63
N LEU E 248 3.92 -41.11 -20.58
CA LEU E 248 2.74 -40.27 -20.36
C LEU E 248 1.75 -40.92 -19.41
N ILE E 249 1.34 -40.16 -18.40
CA ILE E 249 0.22 -40.51 -17.54
C ILE E 249 -0.98 -39.70 -18.05
N ALA E 250 -1.83 -40.32 -18.86
CA ALA E 250 -2.78 -39.57 -19.69
C ALA E 250 -4.09 -39.26 -19.01
N PRO E 251 -4.67 -38.09 -19.30
CA PRO E 251 -5.96 -37.76 -18.67
C PRO E 251 -7.13 -38.54 -19.28
N SER E 252 -7.99 -39.12 -18.45
CA SER E 252 -9.23 -39.69 -18.94
C SER E 252 -10.38 -38.71 -18.74
N ARG E 253 -10.17 -37.66 -17.94
CA ARG E 253 -11.11 -36.53 -17.88
C ARG E 253 -10.38 -35.20 -17.69
N VAL E 254 -11.03 -34.11 -18.07
CA VAL E 254 -10.52 -32.76 -17.87
C VAL E 254 -11.47 -31.98 -16.98
N SER E 255 -11.02 -30.83 -16.49
CA SER E 255 -11.77 -30.06 -15.50
C SER E 255 -12.25 -28.74 -16.04
N LYS E 256 -13.45 -28.37 -15.63
CA LYS E 256 -13.97 -27.07 -15.93
C LYS E 256 -14.20 -26.30 -14.65
N LEU E 257 -13.40 -25.28 -14.34
CA LEU E 257 -13.71 -24.46 -13.14
C LEU E 257 -14.89 -23.57 -13.48
N ILE E 258 -15.86 -23.49 -12.59
CA ILE E 258 -17.10 -22.77 -12.90
C ILE E 258 -17.34 -21.67 -11.89
N GLY E 259 -17.70 -20.49 -12.36
CA GLY E 259 -18.08 -19.39 -11.48
C GLY E 259 -16.99 -18.95 -10.53
N ARG E 260 -17.38 -18.27 -9.46
CA ARG E 260 -16.42 -17.81 -8.47
C ARG E 260 -16.84 -18.17 -7.08
N GLY E 261 -15.85 -18.39 -6.23
CA GLY E 261 -16.14 -18.63 -4.83
C GLY E 261 -15.03 -18.12 -3.95
N LEU E 262 -15.30 -18.12 -2.65
CA LEU E 262 -14.36 -17.73 -1.63
C LEU E 262 -13.60 -18.95 -1.08
N GLY E 263 -12.27 -18.92 -1.19
CA GLY E 263 -11.40 -19.98 -0.66
C GLY E 263 -10.89 -19.72 0.76
N ILE E 264 -10.98 -20.72 1.63
CA ILE E 264 -10.60 -20.53 3.02
C ILE E 264 -9.66 -21.64 3.47
N GLN E 265 -8.49 -21.28 4.01
CA GLN E 265 -7.62 -22.27 4.63
C GLN E 265 -7.79 -22.10 6.15
N SER E 266 -8.39 -23.09 6.81
CA SER E 266 -8.66 -22.99 8.24
C SER E 266 -8.77 -24.36 8.88
N ASP E 267 -8.49 -24.50 10.17
CA ASP E 267 -8.79 -25.80 10.79
C ASP E 267 -9.97 -25.65 11.77
N ALA E 268 -10.80 -24.63 11.57
CA ALA E 268 -11.92 -24.37 12.47
C ALA E 268 -13.18 -25.11 12.05
N PRO E 269 -13.88 -25.68 13.02
CA PRO E 269 -15.13 -26.43 12.77
C PRO E 269 -16.22 -25.57 12.14
N ILE E 270 -16.92 -26.14 11.18
CA ILE E 270 -18.01 -25.44 10.53
C ILE E 270 -19.20 -25.30 11.44
N ASP E 271 -19.80 -24.11 11.39
CA ASP E 271 -20.99 -23.81 12.17
C ASP E 271 -22.02 -23.21 11.24
N ASN E 272 -23.02 -23.99 10.89
CA ASN E 272 -24.01 -23.55 9.92
C ASN E 272 -25.04 -22.54 10.45
N ASN E 273 -24.90 -22.16 11.71
CA ASN E 273 -25.91 -21.33 12.37
C ASN E 273 -25.65 -19.84 12.31
N CYS E 274 -24.40 -19.44 12.37
CA CYS E 274 -24.05 -18.02 12.26
C CYS E 274 -23.52 -17.62 10.86
N GLU E 275 -23.66 -16.33 10.57
CA GLU E 275 -23.28 -15.73 9.32
C GLU E 275 -21.97 -15.00 9.52
N SER E 276 -21.19 -14.90 8.45
CA SER E 276 -19.94 -14.15 8.51
C SER E 276 -19.48 -13.81 7.12
N LYS E 277 -18.60 -12.81 7.04
CA LYS E 277 -18.07 -12.35 5.77
C LYS E 277 -16.52 -12.35 5.78
N CYS E 278 -15.95 -12.56 6.97
CA CYS E 278 -14.50 -12.50 7.17
C CYS E 278 -13.93 -13.76 7.82
N PHE E 279 -12.87 -14.33 7.26
CA PHE E 279 -12.34 -15.55 7.84
C PHE E 279 -10.85 -15.52 7.99
N TRP E 280 -10.34 -16.35 8.90
CA TRP E 280 -8.91 -16.49 9.09
C TRP E 280 -8.61 -17.91 9.50
N ARG E 281 -7.35 -18.21 9.80
CA ARG E 281 -6.99 -19.58 10.15
C ARG E 281 -7.74 -20.13 11.36
N GLY E 282 -7.83 -19.35 12.45
CA GLY E 282 -8.80 -19.57 13.54
C GLY E 282 -10.10 -19.10 12.92
N GLY E 283 -11.28 -19.55 13.26
CA GLY E 283 -12.32 -19.32 12.25
C GLY E 283 -12.92 -18.02 11.70
N SER E 284 -13.47 -17.11 12.51
CA SER E 284 -14.36 -16.11 11.90
C SER E 284 -14.30 -14.79 12.61
N ILE E 285 -14.59 -13.70 11.89
CA ILE E 285 -14.67 -12.36 12.48
C ILE E 285 -15.99 -11.71 12.09
N ASN E 286 -16.81 -11.41 13.09
CA ASN E 286 -18.14 -10.82 12.96
C ASN E 286 -18.22 -9.54 13.78
N THR E 287 -17.86 -8.43 13.16
CA THR E 287 -17.84 -7.19 13.90
C THR E 287 -18.29 -6.08 13.00
N ARG E 288 -18.72 -4.98 13.61
CA ARG E 288 -19.08 -3.80 12.84
C ARG E 288 -17.86 -2.88 12.86
N LEU E 289 -16.93 -3.14 13.78
CA LEU E 289 -15.80 -2.24 13.98
C LEU E 289 -14.89 -2.18 12.76
N PRO E 290 -14.16 -1.06 12.60
CA PRO E 290 -13.32 -0.88 11.40
C PRO E 290 -11.98 -1.62 11.47
N PHE E 291 -11.47 -1.89 12.65
CA PHE E 291 -10.19 -2.54 12.79
C PHE E 291 -10.27 -3.83 13.59
N GLN E 292 -9.25 -4.68 13.45
CA GLN E 292 -9.13 -5.90 14.25
C GLN E 292 -7.69 -6.25 14.46
N ASN E 293 -7.36 -6.94 15.55
CA ASN E 293 -5.98 -7.31 15.75
C ASN E 293 -5.79 -8.83 15.93
N LEU E 294 -6.73 -9.60 15.38
CA LEU E 294 -6.73 -11.06 15.50
C LEU E 294 -5.72 -11.70 14.57
N SER E 295 -5.64 -11.19 13.34
CA SER E 295 -4.74 -11.75 12.33
C SER E 295 -4.59 -10.82 11.15
N PRO E 296 -3.34 -10.71 10.61
CA PRO E 296 -2.93 -10.04 9.36
C PRO E 296 -3.30 -10.84 8.12
N ARG E 297 -3.68 -12.10 8.31
CA ARG E 297 -4.03 -12.95 7.18
C ARG E 297 -5.51 -13.28 7.21
N THR E 298 -6.31 -12.54 6.44
CA THR E 298 -7.74 -12.79 6.39
C THR E 298 -8.22 -12.73 4.94
N VAL E 299 -9.31 -13.44 4.66
CA VAL E 299 -9.93 -13.34 3.35
C VAL E 299 -11.38 -12.93 3.58
N GLY E 300 -12.01 -12.32 2.57
CA GLY E 300 -13.39 -11.88 2.68
C GLY E 300 -13.56 -10.36 2.73
N GLN E 301 -14.66 -9.90 3.31
CA GLN E 301 -14.86 -8.48 3.56
C GLN E 301 -14.55 -8.23 5.01
N CYS E 302 -13.40 -7.60 5.26
CA CYS E 302 -12.81 -7.62 6.58
C CYS E 302 -12.47 -6.26 7.17
N PRO E 303 -12.49 -6.17 8.50
CA PRO E 303 -11.85 -4.99 9.08
C PRO E 303 -10.36 -5.06 8.83
N LYS E 304 -9.72 -3.89 8.79
CA LYS E 304 -8.29 -3.84 8.54
C LYS E 304 -7.56 -4.29 9.78
N TYR E 305 -6.53 -5.11 9.59
CA TYR E 305 -5.63 -5.52 10.67
C TYR E 305 -4.75 -4.35 11.14
N VAL E 306 -4.61 -4.19 12.46
CA VAL E 306 -3.72 -3.17 13.05
C VAL E 306 -2.88 -3.75 14.18
N ASN E 307 -1.64 -3.30 14.32
CA ASN E 307 -0.79 -3.72 15.44
C ASN E 307 -1.08 -3.00 16.76
N ARG E 308 -2.35 -2.99 17.19
CA ARG E 308 -2.74 -2.39 18.47
C ARG E 308 -3.74 -3.25 19.23
N ARG E 309 -3.62 -3.26 20.54
CA ARG E 309 -4.51 -4.03 21.38
C ARG E 309 -5.85 -3.31 21.53
N SER E 310 -5.82 -1.99 21.59
CA SER E 310 -7.04 -1.23 21.84
C SER E 310 -6.96 0.23 21.42
N LEU E 311 -8.01 0.70 20.76
CA LEU E 311 -8.11 2.11 20.44
C LEU E 311 -9.50 2.60 20.82
N MET E 312 -9.59 3.24 21.97
CA MET E 312 -10.86 3.68 22.51
C MET E 312 -11.32 5.02 21.95
N LEU E 313 -12.54 5.05 21.40
CA LEU E 313 -13.18 6.28 20.91
C LEU E 313 -14.13 6.89 21.96
N ALA E 314 -13.83 8.10 22.41
CA ALA E 314 -14.65 8.82 23.41
C ALA E 314 -16.08 8.94 22.92
N THR E 315 -17.06 8.70 23.80
CA THR E 315 -18.46 8.88 23.42
C THR E 315 -19.14 9.82 24.41
N GLY E 316 -18.33 10.60 25.11
CA GLY E 316 -18.84 11.57 26.06
C GLY E 316 -17.78 12.62 26.32
N MET E 317 -18.14 13.59 27.15
CA MET E 317 -17.27 14.70 27.53
C MET E 317 -16.18 14.29 28.54
N ARG E 318 -15.21 15.18 28.75
CA ARG E 318 -14.30 15.01 29.89
C ARG E 318 -15.09 14.66 31.16
N ASN E 319 -14.61 13.65 31.88
CA ASN E 319 -15.21 13.29 33.15
C ASN E 319 -14.52 14.09 34.24
N VAL E 320 -15.29 14.89 34.98
CA VAL E 320 -14.74 15.73 36.04
C VAL E 320 -15.50 15.39 37.34
N PRO E 321 -14.99 14.44 38.15
CA PRO E 321 -15.68 14.21 39.42
C PRO E 321 -15.35 15.27 40.48
N GLU E 322 -16.09 15.30 41.58
CA GLU E 322 -15.82 16.29 42.61
C GLU E 322 -14.38 16.22 43.15
N LEU F 1 -10.75 24.37 22.97
CA LEU F 1 -11.35 24.37 24.30
C LEU F 1 -12.14 25.66 24.54
N PHE F 2 -13.36 25.45 24.96
CA PHE F 2 -14.22 26.52 25.30
C PHE F 2 -14.05 26.74 26.81
N GLY F 3 -14.77 27.65 27.40
CA GLY F 3 -14.35 27.96 28.76
C GLY F 3 -14.69 26.98 29.87
N ALA F 4 -15.63 26.06 29.59
CA ALA F 4 -16.55 25.58 30.62
C ALA F 4 -16.23 24.21 31.22
N ILE F 5 -16.36 23.12 30.46
CA ILE F 5 -16.09 21.81 31.05
C ILE F 5 -14.60 21.69 31.37
N ALA F 6 -14.29 21.32 32.62
CA ALA F 6 -12.91 21.30 33.11
C ALA F 6 -12.27 22.68 33.05
N GLY F 7 -13.12 23.71 33.15
CA GLY F 7 -12.68 25.09 33.10
C GLY F 7 -13.29 25.87 34.26
N PHE F 8 -14.19 26.81 33.96
CA PHE F 8 -14.73 27.63 35.05
C PHE F 8 -15.86 26.91 35.78
N LEU F 9 -16.25 25.76 35.24
CA LEU F 9 -17.10 24.83 35.99
C LEU F 9 -16.19 23.88 36.74
N GLU F 10 -16.09 24.06 38.06
CA GLU F 10 -15.18 23.27 38.90
C GLU F 10 -15.27 21.77 38.68
N ASN F 11 -16.49 21.25 38.54
CA ASN F 11 -16.68 19.81 38.35
C ASN F 11 -18.04 19.46 37.76
N GLY F 12 -18.21 18.18 37.41
CA GLY F 12 -19.50 17.69 36.95
C GLY F 12 -20.41 17.26 38.07
N TRP F 13 -21.63 16.89 37.72
CA TRP F 13 -22.64 16.47 38.69
C TRP F 13 -23.02 14.98 38.50
N GLU F 14 -22.57 14.12 39.41
CA GLU F 14 -22.90 12.68 39.32
C GLU F 14 -24.36 12.38 39.59
N GLY F 15 -25.06 13.29 40.27
CA GLY F 15 -26.46 13.08 40.58
C GLY F 15 -27.37 13.41 39.40
N MET F 16 -26.79 13.98 38.35
CA MET F 16 -27.60 14.32 37.20
C MET F 16 -27.54 13.18 36.21
N VAL F 17 -28.46 12.24 36.36
CA VAL F 17 -28.50 11.06 35.50
C VAL F 17 -29.57 11.31 34.45
N ASP F 18 -30.01 12.56 34.45
CA ASP F 18 -31.17 13.00 33.68
C ASP F 18 -30.78 13.48 32.27
N GLY F 19 -29.50 13.77 32.10
CA GLY F 19 -29.00 14.29 30.84
C GLY F 19 -27.56 14.71 31.03
N TRP F 20 -26.97 15.30 29.99
CA TRP F 20 -25.58 15.72 30.01
C TRP F 20 -25.35 17.13 30.57
N TYR F 21 -26.35 18.00 30.41
CA TYR F 21 -26.25 19.40 30.81
C TYR F 21 -27.53 19.82 31.51
N GLY F 22 -27.43 20.78 32.43
CA GLY F 22 -28.61 21.20 33.14
C GLY F 22 -28.46 22.32 34.16
N PHE F 23 -29.55 22.59 34.86
CA PHE F 23 -29.63 23.72 35.76
C PHE F 23 -29.78 23.27 37.20
N ARG F 24 -29.18 24.01 38.13
CA ARG F 24 -29.46 23.82 39.54
C ARG F 24 -29.98 25.09 40.20
N HIS F 25 -30.74 24.88 41.26
CA HIS F 25 -31.56 25.89 41.96
C HIS F 25 -31.07 26.62 43.18
N GLN F 26 -31.71 27.74 43.45
CA GLN F 26 -31.63 28.40 44.72
C GLN F 26 -32.72 29.48 44.78
N ASN F 27 -33.75 29.25 45.58
CA ASN F 27 -34.71 30.29 45.93
C ASN F 27 -35.37 29.91 47.24
N ALA F 28 -36.35 30.69 47.70
CA ALA F 28 -37.22 30.20 48.78
C ALA F 28 -38.00 29.04 48.18
N GLN F 29 -38.11 27.93 48.90
CA GLN F 29 -38.55 26.61 48.44
C GLN F 29 -37.42 25.79 47.86
N GLY F 30 -36.19 26.27 47.92
CA GLY F 30 -35.31 25.98 46.78
C GLY F 30 -34.16 25.01 46.64
N THR F 31 -34.41 23.94 45.89
CA THR F 31 -33.34 23.17 45.26
C THR F 31 -33.92 22.15 44.28
N GLN F 33 -32.72 20.98 40.78
CA GLN F 33 -31.94 20.44 39.65
C GLN F 33 -32.79 19.83 38.54
N ALA F 34 -32.58 20.31 37.31
CA ALA F 34 -33.20 19.72 36.13
C ALA F 34 -32.24 19.71 34.93
N ALA F 35 -32.38 18.69 34.09
CA ALA F 35 -31.50 18.52 32.94
C ALA F 35 -32.06 19.26 31.73
N ASP F 36 -31.19 19.82 30.88
CA ASP F 36 -31.65 20.46 29.65
C ASP F 36 -31.65 19.50 28.45
N TYR F 37 -32.82 19.33 27.82
CA TYR F 37 -32.97 18.33 26.78
C TYR F 37 -32.28 18.69 25.46
N LYS F 38 -32.41 19.95 25.01
CA LYS F 38 -32.00 20.29 23.66
C LYS F 38 -30.49 20.23 23.52
N SER F 39 -29.77 20.79 24.49
CA SER F 39 -28.32 20.75 24.39
C SER F 39 -27.75 19.34 24.59
N THR F 40 -28.40 18.54 25.42
CA THR F 40 -27.95 17.17 25.61
C THR F 40 -28.13 16.42 24.30
N GLN F 41 -29.26 16.61 23.64
CA GLN F 41 -29.54 15.94 22.38
C GLN F 41 -28.58 16.35 21.28
N ALA F 42 -28.30 17.65 21.19
CA ALA F 42 -27.35 18.18 20.24
C ALA F 42 -26.02 17.43 20.38
N ALA F 43 -25.57 17.23 21.62
CA ALA F 43 -24.32 16.53 21.87
C ALA F 43 -24.40 15.06 21.46
N ILE F 44 -25.37 14.35 22.01
CA ILE F 44 -25.55 12.94 21.73
C ILE F 44 -25.68 12.69 20.23
N ASP F 45 -26.46 13.54 19.57
CA ASP F 45 -26.68 13.41 18.13
C ASP F 45 -25.36 13.46 17.38
N GLN F 46 -24.45 14.32 17.82
CA GLN F 46 -23.17 14.46 17.12
C GLN F 46 -22.23 13.31 17.42
N ILE F 47 -22.36 12.70 18.61
CA ILE F 47 -21.61 11.50 18.94
C ILE F 47 -22.07 10.32 18.07
N THR F 48 -23.38 10.18 17.90
CA THR F 48 -23.90 9.07 17.14
C THR F 48 -23.67 9.25 15.63
N GLY F 49 -23.49 10.50 15.21
CA GLY F 49 -22.99 10.75 13.87
C GLY F 49 -21.61 10.12 13.66
N LYS F 50 -20.72 10.33 14.63
CA LYS F 50 -19.38 9.75 14.54
C LYS F 50 -19.43 8.23 14.58
N LEU F 51 -20.33 7.69 15.40
CA LEU F 51 -20.51 6.24 15.48
C LEU F 51 -21.05 5.69 14.16
N ASN F 52 -21.92 6.43 13.50
CA ASN F 52 -22.38 6.06 12.16
C ASN F 52 -21.26 5.93 11.12
N ARG F 53 -20.32 6.87 11.12
CA ARG F 53 -19.18 6.84 10.19
C ARG F 53 -18.19 5.73 10.51
N LEU F 54 -18.03 5.43 11.79
CA LEU F 54 -17.07 4.41 12.25
C LEU F 54 -17.45 3.03 11.75
N VAL F 55 -18.71 2.65 11.93
CA VAL F 55 -19.19 1.31 11.59
C VAL F 55 -19.55 1.22 10.12
N GLU F 56 -19.33 2.32 9.40
CA GLU F 56 -19.54 2.33 7.95
C GLU F 56 -18.62 1.31 7.29
N LYS F 57 -19.20 0.43 6.49
CA LYS F 57 -18.47 -0.68 5.93
C LYS F 57 -18.75 -0.86 4.43
N ASN F 59 -17.02 -2.36 2.13
CA ASN F 59 -15.88 -3.27 2.15
C ASN F 59 -15.63 -4.05 0.88
N THR F 60 -14.38 -3.99 0.45
CA THR F 60 -13.87 -4.77 -0.64
C THR F 60 -13.68 -6.24 -0.24
N GLU F 61 -13.93 -7.16 -1.16
CA GLU F 61 -13.69 -8.58 -0.92
C GLU F 61 -12.24 -8.91 -1.25
N PHE F 62 -11.52 -9.51 -0.32
CA PHE F 62 -10.15 -9.90 -0.58
C PHE F 62 -10.02 -11.39 -0.60
N GLU F 63 -9.19 -11.90 -1.48
CA GLU F 63 -8.85 -13.32 -1.50
C GLU F 63 -7.50 -13.51 -0.86
N SER F 64 -7.18 -14.77 -0.60
CA SER F 64 -5.88 -15.13 -0.07
C SER F 64 -4.77 -14.98 -1.11
N ILE F 65 -3.65 -14.37 -0.70
CA ILE F 65 -2.44 -14.38 -1.52
C ILE F 65 -1.28 -15.03 -0.79
N GLU F 66 -1.53 -15.65 0.36
CA GLU F 66 -0.52 -16.54 0.92
C GLU F 66 -1.11 -17.78 1.54
N SER F 67 -0.53 -18.92 1.20
CA SER F 67 -1.00 -20.21 1.67
C SER F 67 -0.64 -20.43 3.13
N GLU F 68 -1.65 -20.74 3.92
CA GLU F 68 -1.47 -21.02 5.33
C GLU F 68 -0.72 -22.32 5.55
N PHE F 69 -0.90 -23.25 4.61
CA PHE F 69 -0.57 -24.66 4.81
C PHE F 69 0.53 -25.20 3.90
N SER F 70 0.99 -24.39 2.96
CA SER F 70 2.12 -24.79 2.14
C SER F 70 3.08 -23.62 1.86
N GLU F 71 4.20 -23.97 1.26
CA GLU F 71 5.30 -23.05 0.96
C GLU F 71 5.01 -22.18 -0.27
N ILE F 72 5.31 -20.89 -0.18
CA ILE F 72 5.20 -20.00 -1.33
C ILE F 72 6.63 -19.75 -1.83
N GLU F 73 6.80 -19.42 -3.11
CA GLU F 73 8.14 -19.13 -3.63
C GLU F 73 8.80 -17.97 -2.88
N HIS F 74 10.11 -18.08 -2.64
CA HIS F 74 10.76 -17.21 -1.67
C HIS F 74 10.72 -15.72 -2.03
N GLN F 75 10.97 -15.38 -3.29
CA GLN F 75 11.04 -13.99 -3.70
C GLN F 75 9.66 -13.32 -3.71
N ILE F 76 8.65 -14.00 -4.26
CA ILE F 76 7.31 -13.42 -4.24
C ILE F 76 6.80 -13.38 -2.80
N GLY F 77 7.17 -14.37 -2.00
CA GLY F 77 6.87 -14.38 -0.59
C GLY F 77 7.35 -13.12 0.11
N ASN F 78 8.58 -12.70 -0.18
CA ASN F 78 9.13 -11.48 0.41
C ASN F 78 8.41 -10.22 -0.03
N VAL F 79 8.06 -10.13 -1.31
CA VAL F 79 7.29 -8.99 -1.78
C VAL F 79 5.95 -8.91 -1.08
N ILE F 80 5.31 -10.06 -0.90
CA ILE F 80 4.03 -10.10 -0.23
C ILE F 80 4.20 -9.68 1.23
N ASN F 81 5.24 -10.15 1.90
CA ASN F 81 5.50 -9.76 3.30
C ASN F 81 5.69 -8.25 3.45
N TRP F 82 6.51 -7.67 2.57
CA TRP F 82 6.79 -6.24 2.56
C TRP F 82 5.52 -5.42 2.34
N THR F 83 4.72 -5.82 1.35
CA THR F 83 3.49 -5.10 1.02
C THR F 83 2.51 -5.13 2.18
N LYS F 84 2.30 -6.31 2.77
CA LYS F 84 1.30 -6.44 3.83
C LYS F 84 1.69 -5.64 5.08
N ASP F 85 2.92 -5.78 5.55
CA ASP F 85 3.40 -4.95 6.65
C ASP F 85 3.30 -3.44 6.33
N SER F 86 3.51 -3.05 5.08
CA SER F 86 3.39 -1.63 4.70
C SER F 86 1.97 -1.16 4.84
N ILE F 87 1.04 -1.95 4.33
CA ILE F 87 -0.38 -1.65 4.44
C ILE F 87 -0.79 -1.56 5.92
N THR F 88 -0.34 -2.53 6.70
CA THR F 88 -0.65 -2.55 8.12
C THR F 88 -0.09 -1.33 8.85
N ASP F 89 1.17 -0.95 8.54
CA ASP F 89 1.72 0.25 9.15
C ASP F 89 0.86 1.48 8.85
N ILE F 90 0.31 1.54 7.63
CA ILE F 90 -0.56 2.63 7.24
C ILE F 90 -1.88 2.60 8.00
N TRP F 91 -2.49 1.41 8.09
CA TRP F 91 -3.78 1.33 8.76
C TRP F 91 -3.63 1.54 10.27
N THR F 92 -2.54 1.06 10.85
CA THR F 92 -2.28 1.29 12.26
C THR F 92 -2.14 2.79 12.54
N TYR F 93 -1.48 3.51 11.64
CA TYR F 93 -1.27 4.93 11.77
C TYR F 93 -2.59 5.69 11.62
N GLN F 94 -3.38 5.29 10.64
CA GLN F 94 -4.66 5.90 10.38
C GLN F 94 -5.63 5.73 11.53
N ALA F 95 -5.61 4.55 12.13
CA ALA F 95 -6.52 4.23 13.22
C ALA F 95 -6.19 5.07 14.46
N GLU F 96 -4.90 5.18 14.76
CA GLU F 96 -4.43 5.98 15.87
C GLU F 96 -4.69 7.46 15.63
N LEU F 97 -4.59 7.91 14.39
CA LEU F 97 -4.80 9.30 14.10
C LEU F 97 -6.28 9.56 14.24
N LEU F 98 -7.08 8.64 13.69
CA LEU F 98 -8.53 8.76 13.70
C LEU F 98 -9.12 8.93 15.09
N VAL F 99 -8.73 8.09 16.04
CA VAL F 99 -9.32 8.21 17.38
C VAL F 99 -8.74 9.42 18.11
N ALA F 100 -7.46 9.70 17.97
CA ALA F 100 -6.87 10.85 18.65
C ALA F 100 -7.56 12.13 18.21
N MET F 101 -7.77 12.26 16.91
CA MET F 101 -8.38 13.45 16.37
C MET F 101 -9.87 13.51 16.60
N GLU F 102 -10.53 12.39 16.46
CA GLU F 102 -11.95 12.35 16.72
C GLU F 102 -12.24 12.67 18.20
N ASN F 103 -11.40 12.14 19.09
CA ASN F 103 -11.60 12.31 20.53
C ASN F 103 -11.39 13.75 20.93
N GLN F 104 -10.37 14.38 20.37
CA GLN F 104 -10.10 15.78 20.65
C GLN F 104 -11.34 16.59 20.33
N HIS F 105 -11.93 16.27 19.19
CA HIS F 105 -13.06 17.03 18.71
C HIS F 105 -14.31 16.76 19.53
N THR F 106 -14.46 15.53 20.03
CA THR F 106 -15.65 15.16 20.83
C THR F 106 -15.68 15.93 22.14
N ILE F 107 -14.51 16.04 22.74
CA ILE F 107 -14.31 16.72 23.99
C ILE F 107 -14.63 18.20 23.84
N ASP F 108 -14.09 18.83 22.79
CA ASP F 108 -14.32 20.27 22.56
C ASP F 108 -15.75 20.54 22.13
N MET F 109 -16.27 19.71 21.25
CA MET F 109 -17.67 19.80 20.88
C MET F 109 -18.57 19.82 22.14
N ALA F 110 -18.32 18.88 23.07
CA ALA F 110 -19.10 18.81 24.30
C ALA F 110 -18.95 20.09 25.17
N ASP F 111 -17.72 20.55 25.27
CA ASP F 111 -17.40 21.80 25.94
C ASP F 111 -18.24 22.90 25.30
N SER F 112 -18.24 22.88 23.98
CA SER F 112 -18.97 23.86 23.21
C SER F 112 -20.48 23.89 23.51
N GLU F 113 -21.08 22.72 23.71
CA GLU F 113 -22.52 22.69 23.95
C GLU F 113 -22.86 23.20 25.34
N MET F 114 -21.93 22.99 26.27
CA MET F 114 -22.10 23.48 27.61
C MET F 114 -22.12 25.00 27.55
N LEU F 115 -21.15 25.57 26.83
CA LEU F 115 -20.96 27.01 26.77
C LEU F 115 -22.12 27.68 26.05
N ASN F 116 -22.67 27.05 25.02
CA ASN F 116 -23.80 27.66 24.33
C ASN F 116 -25.08 27.76 25.19
N LEU F 117 -25.31 26.76 26.05
CA LEU F 117 -26.45 26.79 26.97
C LEU F 117 -26.26 27.94 27.96
N TYR F 118 -25.10 27.96 28.60
CA TYR F 118 -24.70 29.02 29.50
C TYR F 118 -24.91 30.41 28.88
N GLU F 119 -24.45 30.56 27.66
CA GLU F 119 -24.59 31.82 26.92
C GLU F 119 -26.04 32.20 26.71
N ARG F 120 -26.86 31.23 26.31
CA ARG F 120 -28.27 31.50 26.05
C ARG F 120 -28.98 31.99 27.33
N VAL F 121 -28.63 31.40 28.46
CA VAL F 121 -29.18 31.82 29.75
C VAL F 121 -28.70 33.23 30.09
N ARG F 122 -27.41 33.51 29.90
CA ARG F 122 -26.87 34.87 30.06
C ARG F 122 -27.71 35.93 29.34
N LYS F 123 -27.90 35.73 28.04
CA LYS F 123 -28.58 36.72 27.21
C LYS F 123 -30.07 36.86 27.58
N GLN F 124 -30.69 35.73 27.94
CA GLN F 124 -32.04 35.68 28.52
C GLN F 124 -32.22 36.55 29.76
N LEU F 125 -31.27 36.45 30.70
CA LEU F 125 -31.35 37.13 31.99
C LEU F 125 -31.06 38.63 31.82
N ARG F 126 -30.42 38.96 30.71
CA ARG F 126 -30.10 40.34 30.34
C ARG F 126 -29.50 41.11 31.53
N GLN F 127 -30.17 42.17 31.98
CA GLN F 127 -29.63 43.01 33.07
C GLN F 127 -30.14 42.65 34.49
N ASN F 128 -30.81 41.50 34.61
CA ASN F 128 -31.37 41.06 35.90
C ASN F 128 -30.48 40.11 36.70
N ALA F 129 -29.34 39.74 36.15
CA ALA F 129 -28.46 38.80 36.83
C ALA F 129 -27.02 39.17 36.62
N GLU F 130 -26.12 38.56 37.39
CA GLU F 130 -24.69 38.74 37.21
C GLU F 130 -23.98 37.40 37.34
N GLU F 131 -22.88 37.23 36.63
CA GLU F 131 -22.17 35.95 36.63
C GLU F 131 -21.28 35.84 37.85
N ASP F 132 -21.21 34.66 38.44
CA ASP F 132 -20.37 34.53 39.63
C ASP F 132 -19.00 34.01 39.29
N GLY F 133 -18.73 33.86 38.01
CA GLY F 133 -17.54 33.14 37.54
C GLY F 133 -17.36 31.64 37.76
N LYS F 134 -18.32 30.96 38.40
CA LYS F 134 -18.23 29.51 38.61
C LYS F 134 -19.31 28.82 37.79
N GLY F 135 -19.97 29.58 36.93
CA GLY F 135 -21.07 29.05 36.16
C GLY F 135 -22.44 29.40 36.72
N CYS F 136 -22.50 30.18 37.80
CA CYS F 136 -23.81 30.55 38.36
C CYS F 136 -24.25 31.94 37.89
N PHE F 137 -25.56 32.15 37.90
CA PHE F 137 -26.12 33.48 37.71
C PHE F 137 -26.83 33.84 38.98
N GLU F 138 -26.30 34.81 39.70
CA GLU F 138 -26.98 35.39 40.86
C GLU F 138 -28.06 36.36 40.41
N ILE F 139 -29.32 35.97 40.65
CA ILE F 139 -30.47 36.72 40.16
C ILE F 139 -30.94 37.74 41.20
N TYR F 140 -31.14 38.99 40.78
CA TYR F 140 -31.43 40.09 41.72
C TYR F 140 -32.91 40.39 41.93
N HIS F 141 -33.76 39.44 41.61
CA HIS F 141 -35.18 39.55 41.93
C HIS F 141 -35.62 38.18 42.49
N ALA F 142 -36.79 38.13 43.10
CA ALA F 142 -37.26 36.87 43.64
C ALA F 142 -37.68 35.99 42.47
N CYS F 143 -37.14 34.78 42.42
CA CYS F 143 -37.38 33.96 41.26
C CYS F 143 -37.86 32.57 41.70
N ASP F 144 -39.17 32.44 41.86
CA ASP F 144 -39.75 31.20 42.38
C ASP F 144 -39.70 30.08 41.34
N ASP F 145 -40.26 28.94 41.71
CA ASP F 145 -40.17 27.73 40.90
C ASP F 145 -40.72 27.93 39.49
N SER F 146 -41.82 28.68 39.38
CA SER F 146 -42.35 29.01 38.05
C SER F 146 -41.42 29.92 37.25
N CYS F 147 -40.80 30.88 37.93
CA CYS F 147 -39.83 31.74 37.26
C CYS F 147 -38.61 30.96 36.79
N MET F 148 -38.09 30.09 37.65
CA MET F 148 -36.91 29.29 37.36
C MET F 148 -37.18 28.36 36.18
N GLU F 149 -38.39 27.80 36.14
CA GLU F 149 -38.85 27.01 35.01
C GLU F 149 -38.89 27.81 33.71
N SER F 150 -39.27 29.07 33.80
CA SER F 150 -39.31 29.91 32.63
C SER F 150 -37.88 30.18 32.09
N ILE F 151 -36.90 30.18 32.97
CA ILE F 151 -35.52 30.35 32.57
C ILE F 151 -34.99 29.10 31.83
N ARG F 152 -35.29 27.90 32.35
CA ARG F 152 -34.90 26.65 31.69
C ARG F 152 -35.65 26.48 30.37
N ASN F 153 -36.94 26.80 30.40
CA ASN F 153 -37.86 26.64 29.29
C ASN F 153 -37.71 27.72 28.22
N ASN F 154 -36.75 28.63 28.43
CA ASN F 154 -36.41 29.66 27.46
C ASN F 154 -37.58 30.65 27.25
N THR F 155 -38.47 30.75 28.23
CA THR F 155 -39.64 31.65 28.13
C THR F 155 -39.57 32.85 29.08
N TYR F 156 -38.50 32.93 29.85
CA TYR F 156 -38.24 34.02 30.76
C TYR F 156 -38.22 35.38 30.07
N ASP F 157 -38.98 36.32 30.63
CA ASP F 157 -39.14 37.67 30.09
C ASP F 157 -38.44 38.68 31.00
N HIS F 158 -37.28 39.18 30.57
CA HIS F 158 -36.45 40.00 31.45
C HIS F 158 -37.13 41.33 31.85
N SER F 159 -37.87 41.96 30.92
CA SER F 159 -38.40 43.31 31.19
C SER F 159 -39.43 43.34 32.31
N GLN F 160 -40.01 42.17 32.61
CA GLN F 160 -41.00 42.02 33.66
C GLN F 160 -40.38 42.13 35.07
N TYR F 161 -39.10 41.88 35.18
CA TYR F 161 -38.41 41.91 36.46
C TYR F 161 -37.33 43.01 36.56
N ARG F 162 -37.16 43.72 35.46
CA ARG F 162 -35.95 44.51 35.26
C ARG F 162 -35.80 45.68 36.27
N GLU F 163 -36.87 46.43 36.55
CA GLU F 163 -36.75 47.55 37.47
C GLU F 163 -36.45 47.07 38.89
N GLU F 164 -37.15 46.02 39.31
CA GLU F 164 -36.85 45.42 40.60
C GLU F 164 -35.40 44.98 40.63
N ALA F 165 -34.96 44.33 39.56
CA ALA F 165 -33.60 43.81 39.49
C ALA F 165 -32.53 44.91 39.49
N LEU F 166 -32.74 45.94 38.68
CA LEU F 166 -31.76 47.02 38.59
C LEU F 166 -31.55 47.72 39.91
N LEU F 167 -32.62 47.98 40.64
CA LEU F 167 -32.40 48.75 41.86
C LEU F 167 -31.77 47.86 42.94
N ASN F 168 -32.08 46.57 42.95
CA ASN F 168 -31.34 45.65 43.83
C ASN F 168 -29.85 45.54 43.42
N ARG F 169 -29.55 45.56 42.13
CA ARG F 169 -28.16 45.48 41.68
C ARG F 169 -27.38 46.74 42.03
N LEU F 170 -28.05 47.88 41.94
CA LEU F 170 -27.37 49.15 42.15
C LEU F 170 -27.49 49.65 43.60
N ASN F 171 -28.15 48.88 44.46
CA ASN F 171 -28.29 49.29 45.86
C ASN F 171 -28.08 48.09 46.80
C1 NAG G . 34.77 -9.97 -28.92
C2 NAG G . 35.78 -10.64 -28.00
C3 NAG G . 37.17 -10.04 -28.25
C4 NAG G . 37.51 -10.03 -29.75
C5 NAG G . 36.35 -9.55 -30.62
C6 NAG G . 36.71 -9.90 -32.03
C7 NAG G . 35.24 -11.04 -25.70
C8 NAG G . 34.90 -10.44 -24.39
N2 NAG G . 35.42 -10.21 -26.69
O3 NAG G . 38.19 -10.58 -27.44
O4 NAG G . 38.61 -9.16 -29.95
O5 NAG G . 35.13 -10.19 -30.25
O6 NAG G . 37.06 -11.28 -32.10
O7 NAG G . 35.38 -12.20 -25.84
C1 NAG G . 39.41 -10.07 -30.72
C2 NAG G . 40.29 -8.96 -31.26
C3 NAG G . 41.41 -9.55 -32.11
C4 NAG G . 42.19 -10.58 -31.29
C5 NAG G . 41.24 -11.61 -30.67
C6 NAG G . 41.94 -12.53 -29.69
C7 NAG G . 39.32 -6.74 -31.63
C8 NAG G . 38.50 -5.87 -32.54
N2 NAG G . 39.51 -8.00 -32.03
O3 NAG G . 42.24 -8.48 -32.55
O4 NAG G . 43.13 -11.26 -32.11
O5 NAG G . 40.19 -10.96 -29.93
O6 NAG G . 41.80 -12.07 -28.36
O7 NAG G . 39.78 -6.32 -30.57
C1 BMA G . 44.54 -11.21 -32.54
C2 BMA G . 45.13 -12.51 -33.09
C3 BMA G . 46.63 -12.32 -33.38
C4 BMA G . 46.92 -11.12 -34.28
C5 BMA G . 46.27 -9.84 -33.71
C6 BMA G . 46.39 -8.65 -34.67
O2 BMA G . 44.45 -12.88 -34.30
O3 BMA G . 47.13 -13.55 -34.00
O4 BMA G . 48.34 -10.94 -34.32
O5 BMA G . 44.84 -10.11 -33.49
O6 BMA G . 45.77 -7.48 -34.05
C1 MAN G . 45.80 -6.27 -34.89
C2 MAN G . 45.14 -5.13 -34.10
C3 MAN G . 43.60 -5.23 -34.06
C4 MAN G . 43.01 -5.43 -35.47
C5 MAN G . 43.63 -6.71 -36.07
C6 MAN G . 43.12 -7.15 -37.44
O2 MAN G . 45.54 -3.89 -34.73
O3 MAN G . 43.03 -4.02 -33.43
O4 MAN G . 41.59 -5.58 -35.38
O5 MAN G . 45.09 -6.48 -36.17
O6 MAN G . 43.13 -6.00 -38.35
C1 NAG H . -10.07 -29.09 -34.05
C2 NAG H . -9.75 -27.94 -34.97
C3 NAG H . -10.85 -27.80 -36.02
C4 NAG H . -11.16 -29.14 -36.69
C5 NAG H . -11.26 -30.29 -35.69
C6 NAG H . -11.10 -31.58 -36.42
C7 NAG H . -8.36 -26.13 -34.31
C8 NAG H . -8.35 -24.84 -33.62
N2 NAG H . -9.52 -26.74 -34.26
O3 NAG H . -10.57 -26.83 -37.03
O4 NAG H . -12.42 -29.02 -37.36
O5 NAG H . -10.15 -30.27 -34.78
O6 NAG H . -10.02 -32.24 -35.81
O7 NAG H . -7.41 -26.56 -34.87
C1 NAG H . -12.72 -29.36 -38.74
C2 NAG H . -14.12 -29.75 -39.14
C3 NAG H . -14.27 -29.67 -40.65
C4 NAG H . -13.89 -28.28 -41.14
C5 NAG H . -12.50 -27.87 -40.60
C6 NAG H . -12.19 -26.42 -40.94
C7 NAG H . -15.03 -31.36 -37.54
C8 NAG H . -15.63 -32.74 -37.36
N2 NAG H . -14.40 -31.10 -38.69
O3 NAG H . -15.64 -29.88 -41.00
O4 NAG H . -13.79 -28.29 -42.57
O5 NAG H . -12.45 -28.03 -39.18
O6 NAG H . -13.33 -25.62 -40.57
O7 NAG H . -15.11 -30.51 -36.67
C1 NAG I . 11.17 25.72 19.25
C2 NAG I . 11.18 26.06 20.72
C3 NAG I . 12.01 25.04 21.49
C4 NAG I . 11.59 23.60 21.13
C5 NAG I . 11.40 23.41 19.62
C6 NAG I . 10.58 22.16 19.37
C7 NAG I . 11.45 28.47 21.24
C8 NAG I . 11.78 29.63 20.37
N2 NAG I . 11.96 27.28 20.92
O3 NAG I . 11.97 25.34 22.87
O4 NAG I . 12.69 22.83 21.60
O5 NAG I . 10.61 24.46 19.06
O6 NAG I . 9.72 21.80 20.43
O7 NAG I . 10.72 28.63 22.20
C1 NAG J . 16.69 -42.60 3.30
C2 NAG J . 15.31 -43.24 3.25
C3 NAG J . 15.07 -44.04 4.53
C4 NAG J . 16.23 -44.98 4.82
C5 NAG J . 17.60 -44.31 4.65
C6 NAG J . 18.72 -45.33 4.67
C7 NAG J . 13.29 -42.28 2.35
C8 NAG J . 12.21 -41.27 2.59
N2 NAG J . 14.35 -42.17 3.14
O3 NAG J . 13.85 -44.78 4.49
O4 NAG J . 16.12 -45.41 6.18
O5 NAG J . 17.66 -43.59 3.40
O6 NAG J . 18.58 -46.21 3.56
O7 NAG J . 13.21 -43.13 1.50
C1 NAG K . 12.31 0.98 -10.97
C2 NAG K . 13.22 0.87 -12.17
C3 NAG K . 14.61 1.34 -11.81
C4 NAG K . 14.58 2.72 -11.15
C5 NAG K . 13.48 2.82 -10.08
C6 NAG K . 13.20 4.28 -9.77
C7 NAG K . 12.94 -1.22 -13.48
C8 NAG K . 12.18 -2.46 -13.21
N2 NAG K . 13.45 -0.55 -12.45
O3 NAG K . 15.46 1.26 -12.96
O4 NAG K . 15.87 2.82 -10.54
O5 NAG K . 12.24 2.32 -10.57
O6 NAG K . 13.49 5.16 -10.83
O7 NAG K . 13.08 -0.85 -14.63
C1 NAG L . -7.95 -9.86 -11.03
C2 NAG L . -8.38 -11.15 -11.67
C3 NAG L . -9.11 -10.87 -12.98
C4 NAG L . -10.22 -9.84 -12.77
C5 NAG L . -9.76 -8.64 -11.94
C6 NAG L . -10.78 -7.55 -11.63
C7 NAG L . -6.84 -12.90 -11.07
C8 NAG L . -5.43 -13.39 -10.98
N2 NAG L . -7.10 -11.81 -11.78
O3 NAG L . -9.65 -12.16 -13.02
O4 NAG L . -11.03 -9.65 -13.96
O5 NAG L . -9.07 -9.08 -10.75
O6 NAG L . -11.81 -8.05 -10.78
O7 NAG L . -7.74 -13.52 -10.54
C1 NAG M . 7.67 -13.96 5.22
C2 NAG M . 8.70 -15.07 5.25
C3 NAG M . 8.16 -16.28 5.98
C4 NAG M . 7.57 -15.89 7.34
C5 NAG M . 6.69 -14.64 7.26
C6 NAG M . 6.08 -14.12 8.56
C7 NAG M . 10.12 -14.89 3.31
C8 NAG M . 10.25 -14.76 1.82
N2 NAG M . 8.95 -15.21 3.82
O3 NAG M . 9.43 -16.84 6.13
O4 NAG M . 7.16 -17.03 8.12
O5 NAG M . 7.35 -13.60 6.53
O6 NAG M . 7.09 -13.65 9.43
O7 NAG M . 11.09 -14.73 4.02
#